data_5XRS
#
_entry.id   5XRS
#
_cell.length_a   292.980
_cell.length_b   292.980
_cell.length_c   292.980
_cell.angle_alpha   90.00
_cell.angle_beta   90.00
_cell.angle_gamma   90.00
#
_symmetry.space_group_name_H-M   'I 21 3'
#
loop_
_entity.id
_entity.type
_entity.pdbx_description
1 polymer Hemagglutinin
2 polymer Hemagglutinin
3 branched beta-L-fucopyranose-(1-3)-[alpha-L-fucopyranose-(1-6)]2-acetamido-2-deoxy-beta-D-glucopyranose
4 branched alpha-D-mannopyranose-(1-6)-beta-D-mannopyranose-(1-4)-2-acetamido-2-deoxy-beta-D-glucopyranose-(1-4)-2-acetamido-2-deoxy-beta-D-glucopyranose
5 branched alpha-D-mannopyranose-(1-3)-beta-D-mannopyranose-(1-4)-2-acetamido-2-deoxy-beta-D-glucopyranose-(1-4)-2-acetamido-2-deoxy-beta-D-glucopyranose
6 branched alpha-D-mannopyranose-(1-2)-alpha-D-mannopyranose-(1-3)-[alpha-D-mannopyranose-(1-6)]alpha-D-mannopyranose-(1-4)-2-acetamido-2-deoxy-beta-D-glucopyranose-(1-4)-2-acetamido-2-deoxy-beta-D-glucopyranose
7 branched beta-D-mannopyranose-(1-4)-2-acetamido-2-deoxy-beta-D-glucopyranose-(1-4)-2-acetamido-2-deoxy-beta-D-glucopyranose
8 branched 'N-acetyl-alpha-neuraminic acid-(2-6)-beta-D-galactopyranose-(1-4)-2-acetamido-2-deoxy-beta-D-glucopyranose-(1-3)-beta-D-galactopyranose-(1-4)-beta-D-glucopyranose'
9 branched beta-L-fucopyranose-(1-3)-2-acetamido-2-deoxy-beta-D-glucopyranose
10 branched alpha-D-mannopyranose-(1-2)-alpha-D-mannopyranose-(1-3)-[alpha-D-mannopyranose-(1-6)-alpha-D-mannopyranose-(1-6)]alpha-D-mannopyranose-(1-4)-2-acetamido-2-deoxy-beta-D-glucopyranose-(1-4)-2-acetamido-2-deoxy-beta-D-glucopyranose
11 branched alpha-D-mannopyranose-(1-3)-[alpha-D-mannopyranose-(1-6)]beta-D-mannopyranose-(1-4)-2-acetamido-2-deoxy-beta-D-glucopyranose-(1-4)-2-acetamido-2-deoxy-beta-D-glucopyranose
12 branched 2-acetamido-2-deoxy-beta-D-glucopyranose-(1-4)-2-acetamido-2-deoxy-beta-D-glucopyranose
13 branched alpha-D-mannopyranose-(1-2)-alpha-D-mannopyranose-(1-3)-alpha-D-mannopyranose-(1-4)-2-acetamido-2-deoxy-beta-D-glucopyranose-(1-4)-2-acetamido-2-deoxy-beta-D-glucopyranose
14 non-polymer 2-acetamido-2-deoxy-beta-D-glucopyranose
15 non-polymer 'CACODYLATE ION'
#
loop_
_entity_poly.entity_id
_entity_poly.type
_entity_poly.pdbx_seq_one_letter_code
_entity_poly.pdbx_strand_id
1 'polypeptide(L)'
;QKLPGSDNSMATLCLGHHAVPNGTLVKTITDDQIEVTNATELVQSSSTGRICNSPHQILDGKNCTLIDALLGDPHCDDFQ
NKEWDLFVERSTAYSNCYPYYVPDYATLRSLVASSGNLEFTQESFNWTGVAQDGSSYACRRGSVNSFFSRLNWLYNLNYK
YPEQNVTMPNNDKFDKLYIWGVHHPGTDKDQTNLYVQASGRVIVSTKRSQQTVIPNIGSRPWVRGVSSIISIYWTIVKPG
DILLINSTGNLIAPRGYFKIQSGKSSIMRSDAHIDECNSECITPNGSIPNDKPFQNVNKITYGACPRYVKQNTLKLATGM
RNVPEKQTR
;
A,C,E,G
2 'polypeptide(L)'
;GIFGAIAGFIENGWEGMVDGWYGFRHQNSEGTGQAADLKSTQAAINQITGKLNRVIKKTNEKFHQIEKEFSEVEGRIQDL
EKYVEDTKIDLWSYNAELLVALENQHTIDLTDSEMSKLFERTRRQLRENAEDMGNGCFKIYHKCDNACIGSIRNGTYDHD
IYRNEALNNRFQIK
;
B,D,F,H
#
loop_
_chem_comp.id
_chem_comp.type
_chem_comp.name
_chem_comp.formula
BGC D-saccharide, beta linking beta-D-glucopyranose 'C6 H12 O6'
BMA D-saccharide, beta linking beta-D-mannopyranose 'C6 H12 O6'
CAC non-polymer 'CACODYLATE ION' 'C2 H6 As O2 -1'
FUC L-saccharide, alpha linking alpha-L-fucopyranose 'C6 H12 O5'
FUL L-saccharide, beta linking beta-L-fucopyranose 'C6 H12 O5'
GAL D-saccharide, beta linking beta-D-galactopyranose 'C6 H12 O6'
MAN D-saccharide, alpha linking alpha-D-mannopyranose 'C6 H12 O6'
NAG D-saccharide, beta linking 2-acetamido-2-deoxy-beta-D-glucopyranose 'C8 H15 N O6'
SIA D-saccharide, alpha linking 'N-acetyl-alpha-neuraminic acid' 'C11 H19 N O9'
#
# COMPACT_ATOMS: atom_id res chain seq x y z
N ASN A 8 43.63 7.49 -68.65
CA ASN A 8 43.80 6.92 -67.32
C ASN A 8 42.86 5.76 -67.08
N SER A 9 41.67 5.83 -67.69
CA SER A 9 40.63 4.82 -67.57
C SER A 9 40.04 4.79 -66.16
N MET A 10 39.38 5.87 -65.78
CA MET A 10 38.75 6.00 -64.47
C MET A 10 37.27 5.64 -64.54
N ALA A 11 36.63 5.66 -63.38
CA ALA A 11 35.19 5.55 -63.19
C ALA A 11 35.00 5.91 -61.72
N THR A 12 33.82 6.43 -61.39
CA THR A 12 33.49 6.76 -60.01
C THR A 12 32.06 6.26 -59.83
N LEU A 13 31.81 5.62 -58.69
CA LEU A 13 30.49 5.11 -58.33
C LEU A 13 30.16 5.61 -56.93
N CYS A 14 29.14 6.46 -56.83
CA CYS A 14 28.78 7.11 -55.58
C CYS A 14 27.47 6.55 -55.05
N LEU A 15 27.44 6.24 -53.76
CA LEU A 15 26.24 5.75 -53.10
C LEU A 15 25.66 6.86 -52.25
N GLY A 16 24.35 7.02 -52.31
CA GLY A 16 23.73 8.10 -51.57
C GLY A 16 22.29 7.78 -51.25
N HIS A 17 21.66 8.70 -50.53
CA HIS A 17 20.26 8.60 -50.15
C HIS A 17 19.50 9.81 -50.67
N HIS A 18 18.18 9.69 -50.72
CA HIS A 18 17.37 10.80 -51.20
C HIS A 18 17.18 11.84 -50.11
N ALA A 19 16.62 12.98 -50.51
CA ALA A 19 16.27 14.04 -49.60
C ALA A 19 15.06 14.77 -50.17
N VAL A 20 14.46 15.63 -49.35
CA VAL A 20 13.32 16.42 -49.80
C VAL A 20 13.55 17.89 -49.41
N PRO A 21 13.12 18.84 -50.24
CA PRO A 21 13.19 20.25 -49.81
C PRO A 21 12.26 20.55 -48.65
N ASN A 22 11.13 19.83 -48.57
CA ASN A 22 10.21 19.73 -47.43
C ASN A 22 10.26 19.55 -45.92
N GLY A 23 10.93 18.48 -45.50
CA GLY A 23 11.15 18.18 -44.09
C GLY A 23 10.25 18.55 -42.93
N THR A 24 9.96 17.57 -42.07
CA THR A 24 9.28 17.81 -40.80
C THR A 24 10.23 17.54 -39.65
N LEU A 25 10.00 18.24 -38.54
CA LEU A 25 10.76 18.02 -37.33
C LEU A 25 10.06 17.00 -36.45
N VAL A 26 10.84 16.07 -35.89
CA VAL A 26 10.34 15.05 -34.98
C VAL A 26 11.20 15.05 -33.72
N LYS A 27 10.70 14.36 -32.70
CA LYS A 27 11.35 14.25 -31.41
C LYS A 27 12.03 12.89 -31.33
N THR A 28 13.21 12.85 -30.69
CA THR A 28 13.94 11.60 -30.49
C THR A 28 14.43 11.51 -29.06
N ILE A 29 15.16 10.44 -28.79
CA ILE A 29 15.78 10.25 -27.47
C ILE A 29 16.87 11.28 -27.24
N THR A 30 17.56 11.67 -28.30
CA THR A 30 18.76 12.50 -28.22
C THR A 30 18.51 13.96 -28.56
N ASP A 31 17.67 14.25 -29.55
CA ASP A 31 17.43 15.62 -30.00
C ASP A 31 15.95 15.95 -29.79
N ASP A 32 15.68 17.23 -29.48
CA ASP A 32 14.31 17.66 -29.27
C ASP A 32 13.60 17.97 -30.58
N GLN A 33 14.32 18.50 -31.56
CA GLN A 33 13.80 18.72 -32.91
C GLN A 33 14.87 18.31 -33.90
N ILE A 34 14.56 17.33 -34.74
CA ILE A 34 15.47 16.89 -35.79
C ILE A 34 14.65 16.56 -37.02
N GLU A 35 15.18 16.93 -38.19
CA GLU A 35 14.39 16.94 -39.43
C GLU A 35 14.50 15.60 -40.16
N VAL A 36 13.35 14.97 -40.38
CA VAL A 36 13.27 13.76 -41.19
C VAL A 36 12.55 14.09 -42.49
N THR A 37 12.59 13.15 -43.44
CA THR A 37 11.98 13.38 -44.74
C THR A 37 10.47 13.39 -44.68
N ASN A 38 9.87 12.77 -43.66
CA ASN A 38 8.42 12.59 -43.58
C ASN A 38 7.95 12.05 -42.22
N ALA A 39 6.76 12.42 -41.79
CA ALA A 39 6.24 11.96 -40.51
C ALA A 39 4.72 11.95 -40.55
N THR A 40 4.13 11.17 -39.65
CA THR A 40 2.68 11.09 -39.53
C THR A 40 2.25 11.54 -38.14
N GLU A 41 1.08 12.15 -38.05
CA GLU A 41 0.58 12.63 -36.77
C GLU A 41 -0.12 11.51 -36.02
N LEU A 42 0.17 11.40 -34.71
CA LEU A 42 -0.41 10.35 -33.88
C LEU A 42 -1.48 10.86 -32.92
N VAL A 43 -1.82 12.15 -32.95
CA VAL A 43 -2.76 12.73 -31.99
C VAL A 43 -3.87 13.42 -32.77
N GLN A 44 -5.08 12.86 -32.66
CA GLN A 44 -6.27 13.53 -33.18
C GLN A 44 -6.62 14.69 -32.26
N SER A 45 -6.63 15.91 -32.81
CA SER A 45 -6.85 17.10 -32.01
C SER A 45 -8.07 17.91 -32.42
N SER A 46 -8.71 17.57 -33.54
CA SER A 46 -9.86 18.32 -34.03
C SER A 46 -11.09 17.43 -34.11
N SER A 47 -12.23 18.00 -33.77
CA SER A 47 -13.53 17.37 -33.98
C SER A 47 -14.33 18.20 -34.96
N THR A 48 -15.35 17.57 -35.56
CA THR A 48 -16.25 18.31 -36.43
C THR A 48 -17.30 19.09 -35.65
N GLY A 49 -17.50 18.78 -34.37
CA GLY A 49 -18.49 19.43 -33.56
C GLY A 49 -19.85 18.75 -33.54
N ARG A 50 -19.99 17.61 -34.19
CA ARG A 50 -21.28 16.97 -34.34
C ARG A 50 -21.15 15.47 -34.06
N ILE A 51 -22.16 14.92 -33.40
CA ILE A 51 -22.23 13.50 -33.12
C ILE A 51 -22.86 12.78 -34.30
N CYS A 52 -22.19 11.76 -34.82
CA CYS A 52 -22.73 10.99 -35.94
C CYS A 52 -23.71 9.93 -35.45
N ASN A 53 -24.84 9.79 -36.16
CA ASN A 53 -25.93 8.95 -35.71
C ASN A 53 -25.69 7.47 -35.92
N SER A 54 -24.55 7.08 -36.50
CA SER A 54 -24.20 5.67 -36.63
C SER A 54 -22.70 5.53 -36.40
N PRO A 55 -22.23 4.32 -35.99
CA PRO A 55 -22.91 3.04 -35.82
C PRO A 55 -23.68 2.89 -34.51
N HIS A 56 -23.45 3.79 -33.56
CA HIS A 56 -24.05 3.63 -32.23
C HIS A 56 -25.46 4.19 -32.22
N GLN A 57 -26.39 3.45 -31.63
CA GLN A 57 -27.77 3.88 -31.52
C GLN A 57 -27.89 5.01 -30.50
N ILE A 58 -27.82 6.25 -30.97
CA ILE A 58 -27.96 7.41 -30.09
C ILE A 58 -29.43 7.60 -29.76
N LEU A 59 -29.72 7.97 -28.52
CA LEU A 59 -31.04 8.40 -28.10
C LEU A 59 -30.92 9.78 -27.49
N ASP A 60 -31.42 10.79 -28.20
CA ASP A 60 -31.35 12.17 -27.74
C ASP A 60 -32.44 12.40 -26.70
N GLY A 61 -32.02 12.74 -25.47
CA GLY A 61 -33.00 13.02 -24.42
C GLY A 61 -33.71 14.34 -24.59
N LYS A 62 -33.12 15.27 -25.36
CA LYS A 62 -33.70 16.59 -25.59
C LYS A 62 -34.01 17.26 -24.26
N ASN A 63 -35.28 17.61 -24.01
CA ASN A 63 -35.62 18.30 -22.76
C ASN A 63 -35.86 17.35 -21.59
N CYS A 64 -35.40 16.09 -21.68
CA CYS A 64 -35.64 15.12 -20.64
C CYS A 64 -34.33 14.52 -20.15
N THR A 65 -34.30 14.20 -18.86
CA THR A 65 -33.21 13.45 -18.27
C THR A 65 -33.61 11.98 -18.16
N LEU A 66 -32.60 11.13 -18.02
CA LEU A 66 -32.86 9.69 -17.97
C LEU A 66 -33.75 9.34 -16.78
N ILE A 67 -33.55 10.00 -15.65
CA ILE A 67 -34.37 9.72 -14.48
C ILE A 67 -35.80 10.18 -14.71
N ASP A 68 -35.98 11.37 -15.31
CA ASP A 68 -37.32 11.84 -15.65
C ASP A 68 -38.03 10.86 -16.58
N ALA A 69 -37.33 10.39 -17.62
CA ALA A 69 -37.91 9.40 -18.52
C ALA A 69 -38.18 8.09 -17.79
N LEU A 70 -37.30 7.72 -16.86
CA LEU A 70 -37.49 6.50 -16.08
C LEU A 70 -38.79 6.58 -15.28
N LEU A 71 -38.95 7.64 -14.50
CA LEU A 71 -40.12 7.76 -13.64
C LEU A 71 -41.40 7.95 -14.45
N GLY A 72 -41.32 8.70 -15.54
CA GLY A 72 -42.50 8.90 -16.36
C GLY A 72 -43.05 10.32 -16.26
N ASP A 73 -42.15 11.30 -16.25
CA ASP A 73 -42.55 12.70 -16.35
C ASP A 73 -43.41 12.88 -17.60
N PRO A 74 -44.59 13.50 -17.50
CA PRO A 74 -45.50 13.54 -18.65
C PRO A 74 -44.89 14.07 -19.94
N HIS A 75 -44.09 15.13 -19.87
CA HIS A 75 -43.42 15.64 -21.07
C HIS A 75 -42.25 14.76 -21.51
N CYS A 76 -42.09 13.58 -20.91
CA CYS A 76 -41.10 12.59 -21.33
C CYS A 76 -41.75 11.28 -21.77
N ASP A 77 -43.05 11.31 -22.09
CA ASP A 77 -43.78 10.07 -22.33
C ASP A 77 -43.27 9.34 -23.57
N ASP A 78 -42.66 10.08 -24.49
CA ASP A 78 -42.23 9.46 -25.73
C ASP A 78 -41.00 8.58 -25.56
N PHE A 79 -40.43 8.49 -24.36
CA PHE A 79 -39.28 7.65 -24.10
C PHE A 79 -39.66 6.27 -23.55
N GLN A 80 -40.96 5.98 -23.45
CA GLN A 80 -41.40 4.71 -22.89
C GLN A 80 -40.90 3.55 -23.75
N ASN A 81 -40.25 2.59 -23.10
CA ASN A 81 -39.78 1.37 -23.76
C ASN A 81 -38.81 1.67 -24.90
N LYS A 82 -37.99 2.71 -24.72
CA LYS A 82 -36.95 3.05 -25.67
C LYS A 82 -35.67 2.34 -25.29
N GLU A 83 -34.85 2.06 -26.29
CA GLU A 83 -33.58 1.38 -26.09
C GLU A 83 -32.47 2.23 -26.70
N TRP A 84 -31.27 2.14 -26.13
CA TRP A 84 -30.20 3.01 -26.59
C TRP A 84 -28.85 2.33 -26.38
N ASP A 85 -27.90 2.70 -27.24
CA ASP A 85 -26.49 2.44 -26.98
C ASP A 85 -25.85 3.59 -26.20
N LEU A 86 -26.16 4.84 -26.56
CA LEU A 86 -25.65 6.01 -25.85
C LEU A 86 -26.79 7.00 -25.68
N PHE A 87 -27.20 7.22 -24.44
CA PHE A 87 -28.17 8.26 -24.12
C PHE A 87 -27.44 9.59 -23.98
N VAL A 88 -27.98 10.62 -24.60
CA VAL A 88 -27.38 11.96 -24.58
C VAL A 88 -28.26 12.87 -23.77
N GLU A 89 -27.76 13.36 -22.64
CA GLU A 89 -28.47 14.33 -21.82
C GLU A 89 -28.08 15.75 -22.21
N ARG A 90 -29.05 16.64 -22.21
CA ARG A 90 -28.86 18.02 -22.64
C ARG A 90 -28.95 18.97 -21.44
N SER A 91 -28.22 20.07 -21.52
CA SER A 91 -28.20 21.04 -20.44
C SER A 91 -29.53 21.78 -20.30
N THR A 92 -30.34 21.81 -21.36
CA THR A 92 -31.61 22.51 -21.33
C THR A 92 -32.76 21.68 -20.76
N ALA A 93 -32.48 20.45 -20.32
CA ALA A 93 -33.53 19.60 -19.79
C ALA A 93 -34.12 20.21 -18.51
N TYR A 94 -35.39 19.89 -18.26
CA TYR A 94 -36.07 20.36 -17.07
C TYR A 94 -37.02 19.29 -16.56
N SER A 95 -37.44 19.43 -15.31
CA SER A 95 -38.46 18.59 -14.72
C SER A 95 -39.79 19.34 -14.66
N ASN A 96 -40.89 18.61 -14.79
CA ASN A 96 -42.20 19.25 -14.83
C ASN A 96 -43.29 18.36 -14.24
N CYS A 97 -42.96 17.55 -13.25
CA CYS A 97 -43.94 16.73 -12.54
C CYS A 97 -43.78 17.03 -11.05
N TYR A 98 -44.27 16.11 -10.21
CA TYR A 98 -44.22 16.32 -8.78
C TYR A 98 -42.76 16.44 -8.32
N PRO A 99 -42.49 17.31 -7.33
CA PRO A 99 -41.10 17.48 -6.88
C PRO A 99 -40.58 16.22 -6.22
N TYR A 100 -39.28 15.95 -6.44
CA TYR A 100 -38.68 14.72 -5.93
C TYR A 100 -37.18 14.91 -5.81
N TYR A 101 -36.57 14.06 -5.00
CA TYR A 101 -35.12 13.95 -4.95
C TYR A 101 -34.75 12.48 -4.84
N VAL A 102 -33.59 12.15 -5.37
CA VAL A 102 -33.09 10.77 -5.33
C VAL A 102 -31.80 10.77 -4.53
N PRO A 103 -31.77 10.19 -3.33
CA PRO A 103 -30.48 9.81 -2.75
C PRO A 103 -29.76 8.89 -3.73
N ASP A 104 -28.41 8.86 -3.63
CA ASP A 104 -27.51 8.36 -4.67
C ASP A 104 -28.09 8.46 -6.07
N TYR A 105 -28.46 9.69 -6.46
CA TYR A 105 -28.97 9.94 -7.80
C TYR A 105 -27.99 9.45 -8.86
N ALA A 106 -26.71 9.77 -8.69
CA ALA A 106 -25.70 9.37 -9.66
C ALA A 106 -25.68 7.86 -9.85
N THR A 107 -26.02 7.10 -8.81
CA THR A 107 -25.97 5.65 -8.92
C THR A 107 -27.13 5.12 -9.72
N LEU A 108 -28.36 5.56 -9.40
CA LEU A 108 -29.53 5.14 -10.15
C LEU A 108 -29.38 5.52 -11.62
N ARG A 109 -28.87 6.72 -11.89
CA ARG A 109 -28.61 7.15 -13.26
C ARG A 109 -27.62 6.22 -13.95
N SER A 110 -26.54 5.85 -13.25
CA SER A 110 -25.51 5.01 -13.84
C SER A 110 -26.04 3.62 -14.19
N LEU A 111 -26.74 2.99 -13.25
CA LEU A 111 -27.16 1.61 -13.46
C LEU A 111 -28.27 1.51 -14.49
N VAL A 112 -29.10 2.56 -14.62
CA VAL A 112 -30.10 2.58 -15.68
C VAL A 112 -29.44 2.84 -17.03
N ALA A 113 -28.45 3.75 -17.06
CA ALA A 113 -27.78 4.07 -18.31
C ALA A 113 -27.02 2.87 -18.88
N SER A 114 -26.33 2.12 -18.02
CA SER A 114 -25.62 0.94 -18.51
C SER A 114 -26.57 -0.20 -18.85
N SER A 115 -27.81 -0.17 -18.36
CA SER A 115 -28.80 -1.17 -18.72
C SER A 115 -29.29 -0.99 -20.15
N GLY A 116 -29.50 0.25 -20.57
CA GLY A 116 -29.70 0.54 -21.97
C GLY A 116 -31.12 0.51 -22.49
N ASN A 117 -32.12 0.38 -21.61
CA ASN A 117 -33.49 0.37 -22.09
C ASN A 117 -34.43 0.78 -20.96
N LEU A 118 -35.65 1.15 -21.35
CA LEU A 118 -36.71 1.48 -20.40
C LEU A 118 -37.95 0.61 -20.63
N GLU A 119 -37.73 -0.62 -21.13
CA GLU A 119 -38.82 -1.56 -21.35
C GLU A 119 -39.52 -1.87 -20.03
N PHE A 120 -40.75 -1.43 -19.90
CA PHE A 120 -41.51 -1.56 -18.66
C PHE A 120 -42.53 -2.68 -18.79
N THR A 121 -42.80 -3.34 -17.67
CA THR A 121 -43.71 -4.47 -17.65
C THR A 121 -44.67 -4.31 -16.47
N GLN A 122 -45.97 -4.20 -16.77
CA GLN A 122 -46.96 -4.00 -15.71
C GLN A 122 -47.02 -5.22 -14.80
N GLU A 123 -47.38 -4.97 -13.54
CA GLU A 123 -47.63 -6.03 -12.57
C GLU A 123 -48.78 -5.60 -11.66
N SER A 124 -49.64 -6.55 -11.32
CA SER A 124 -50.83 -6.27 -10.51
C SER A 124 -50.51 -6.52 -9.05
N PHE A 125 -50.37 -5.44 -8.29
CA PHE A 125 -50.18 -5.54 -6.85
C PHE A 125 -51.52 -5.53 -6.15
N ASN A 126 -51.74 -6.49 -5.25
CA ASN A 126 -53.00 -6.64 -4.55
C ASN A 126 -52.87 -5.54 -3.48
N TRP A 127 -53.42 -4.36 -3.81
CA TRP A 127 -53.58 -3.29 -2.83
C TRP A 127 -55.07 -3.34 -2.53
N THR A 128 -55.42 -3.48 -1.25
CA THR A 128 -56.83 -3.54 -0.85
C THR A 128 -57.13 -2.40 0.12
N GLY A 129 -58.34 -1.87 0.01
CA GLY A 129 -58.80 -0.84 0.93
C GLY A 129 -58.25 0.55 0.69
N VAL A 130 -57.48 0.74 -0.38
CA VAL A 130 -56.78 2.00 -0.60
C VAL A 130 -57.08 2.49 -2.01
N ALA A 131 -57.31 3.79 -2.13
CA ALA A 131 -57.46 4.41 -3.44
C ALA A 131 -56.12 4.49 -4.16
N GLN A 132 -56.16 4.34 -5.47
CA GLN A 132 -54.96 4.35 -6.30
C GLN A 132 -54.99 5.55 -7.25
N ASP A 133 -53.95 5.65 -8.07
CA ASP A 133 -53.88 6.61 -9.17
C ASP A 133 -53.97 8.06 -8.66
N GLY A 134 -53.32 8.33 -7.53
CA GLY A 134 -53.29 9.68 -7.00
C GLY A 134 -52.71 10.65 -8.01
N SER A 135 -53.36 11.79 -8.20
CA SER A 135 -53.00 12.77 -9.20
C SER A 135 -52.54 14.07 -8.52
N SER A 136 -52.28 15.07 -9.35
CA SER A 136 -51.81 16.37 -8.90
C SER A 136 -51.71 17.32 -10.08
N TYR A 137 -51.79 18.64 -9.81
CA TYR A 137 -51.26 19.57 -10.78
C TYR A 137 -49.81 19.77 -10.35
N ALA A 138 -49.08 20.61 -11.09
CA ALA A 138 -47.61 20.64 -11.06
C ALA A 138 -47.06 19.39 -11.73
N CYS A 139 -47.94 18.43 -12.01
CA CYS A 139 -47.68 17.31 -12.91
C CYS A 139 -48.71 17.17 -14.02
N ARG A 140 -49.27 18.30 -14.43
CA ARG A 140 -50.27 18.30 -15.48
C ARG A 140 -49.91 17.48 -16.71
N ARG A 141 -50.77 16.53 -17.07
CA ARG A 141 -50.61 15.77 -18.31
C ARG A 141 -51.69 16.43 -19.16
N GLY A 142 -51.26 17.41 -19.95
CA GLY A 142 -52.17 18.22 -20.72
C GLY A 142 -53.42 18.70 -20.00
N SER A 143 -53.33 19.91 -19.42
CA SER A 143 -54.45 20.58 -18.74
C SER A 143 -54.81 19.88 -17.43
N VAL A 144 -55.10 18.58 -17.48
CA VAL A 144 -55.66 17.87 -16.33
C VAL A 144 -54.55 17.40 -15.38
N ASN A 145 -54.94 16.64 -14.36
CA ASN A 145 -54.04 16.22 -13.29
C ASN A 145 -53.71 14.75 -13.49
N SER A 146 -52.43 14.40 -13.39
CA SER A 146 -52.02 13.01 -13.33
C SER A 146 -50.62 13.01 -12.70
N PHE A 147 -49.92 11.87 -12.81
CA PHE A 147 -48.74 11.58 -12.01
C PHE A 147 -47.68 10.94 -12.89
N PHE A 148 -46.54 10.58 -12.28
CA PHE A 148 -45.53 9.77 -12.95
C PHE A 148 -46.17 8.51 -13.53
N SER A 149 -45.92 8.24 -14.81
CA SER A 149 -46.60 7.13 -15.48
C SER A 149 -46.22 5.79 -14.87
N ARG A 150 -45.01 5.67 -14.34
CA ARG A 150 -44.53 4.40 -13.79
C ARG A 150 -44.74 4.27 -12.30
N LEU A 151 -45.34 5.27 -11.66
CA LEU A 151 -45.57 5.27 -10.22
C LEU A 151 -47.05 5.38 -9.93
N ASN A 152 -47.47 4.76 -8.82
CA ASN A 152 -48.87 4.68 -8.43
C ASN A 152 -49.03 5.28 -7.05
N TRP A 153 -49.68 6.44 -6.96
CA TRP A 153 -49.86 7.14 -5.70
C TRP A 153 -51.07 6.57 -4.97
N LEU A 154 -50.84 6.00 -3.78
CA LEU A 154 -51.91 5.41 -2.98
C LEU A 154 -52.34 6.39 -1.89
N TYR A 155 -53.64 6.57 -1.73
CA TYR A 155 -54.18 7.48 -0.74
C TYR A 155 -55.49 6.92 -0.19
N ASN A 156 -56.06 7.65 0.77
CA ASN A 156 -57.19 7.13 1.55
C ASN A 156 -58.36 6.74 0.66
N LEU A 157 -59.11 5.73 1.10
CA LEU A 157 -60.34 5.31 0.45
C LEU A 157 -61.47 5.54 1.45
N ASN A 158 -62.30 6.54 1.17
CA ASN A 158 -63.35 6.99 2.10
C ASN A 158 -62.75 7.34 3.45
N TYR A 159 -61.60 8.02 3.44
CA TYR A 159 -60.97 8.59 4.63
C TYR A 159 -60.54 7.50 5.59
N LYS A 160 -60.10 6.37 5.05
CA LYS A 160 -59.51 5.27 5.80
C LYS A 160 -58.38 4.68 4.98
N TYR A 161 -57.30 4.28 5.65
CA TYR A 161 -56.12 3.74 4.98
C TYR A 161 -55.68 2.47 5.70
N PRO A 162 -56.13 1.31 5.25
CA PRO A 162 -55.63 0.06 5.83
C PRO A 162 -54.16 -0.13 5.51
N GLU A 163 -53.45 -0.76 6.45
CA GLU A 163 -52.02 -1.01 6.26
C GLU A 163 -51.81 -2.06 5.18
N GLN A 164 -50.92 -1.77 4.24
CA GLN A 164 -50.76 -2.56 3.01
C GLN A 164 -49.60 -3.54 3.15
N ASN A 165 -49.83 -4.77 2.72
CA ASN A 165 -48.81 -5.82 2.82
C ASN A 165 -48.99 -6.77 1.64
N VAL A 166 -48.19 -6.57 0.60
CA VAL A 166 -48.31 -7.31 -0.65
C VAL A 166 -46.96 -7.92 -1.00
N THR A 167 -46.99 -9.03 -1.73
CA THR A 167 -45.80 -9.72 -2.21
C THR A 167 -45.82 -9.83 -3.73
N MET A 168 -44.64 -9.92 -4.32
CA MET A 168 -44.49 -10.01 -5.78
C MET A 168 -43.21 -10.77 -6.08
N PRO A 169 -43.31 -12.05 -6.39
CA PRO A 169 -42.11 -12.88 -6.62
C PRO A 169 -41.55 -12.69 -8.01
N ASN A 170 -40.34 -13.21 -8.20
CA ASN A 170 -39.65 -13.22 -9.49
C ASN A 170 -39.54 -14.66 -9.94
N ASN A 171 -40.36 -15.05 -10.92
CA ASN A 171 -40.33 -16.39 -11.48
C ASN A 171 -39.73 -16.42 -12.88
N ASP A 172 -38.98 -15.39 -13.25
CA ASP A 172 -38.36 -15.27 -14.56
C ASP A 172 -36.85 -15.52 -14.45
N LYS A 173 -36.17 -15.50 -15.60
CA LYS A 173 -34.75 -15.82 -15.68
C LYS A 173 -33.86 -14.58 -15.69
N PHE A 174 -34.40 -13.43 -15.31
CA PHE A 174 -33.65 -12.19 -15.33
C PHE A 174 -33.92 -11.38 -14.08
N ASP A 175 -33.03 -10.44 -13.80
CA ASP A 175 -33.22 -9.51 -12.70
C ASP A 175 -34.34 -8.53 -13.05
N LYS A 176 -35.06 -8.08 -12.02
CA LYS A 176 -36.09 -7.08 -12.16
C LYS A 176 -35.70 -5.82 -11.38
N LEU A 177 -35.97 -4.66 -11.97
CA LEU A 177 -35.73 -3.37 -11.33
C LEU A 177 -37.06 -2.74 -10.96
N TYR A 178 -37.23 -2.47 -9.67
CA TYR A 178 -38.42 -1.81 -9.17
C TYR A 178 -38.05 -0.40 -8.71
N ILE A 179 -38.81 0.58 -9.17
CA ILE A 179 -38.66 1.97 -8.75
C ILE A 179 -39.88 2.34 -7.94
N TRP A 180 -39.67 2.79 -6.70
CA TRP A 180 -40.76 3.22 -5.84
C TRP A 180 -40.37 4.53 -5.16
N GLY A 181 -41.30 5.04 -4.34
CA GLY A 181 -41.08 6.31 -3.69
C GLY A 181 -41.80 6.40 -2.36
N VAL A 182 -41.46 7.45 -1.61
CA VAL A 182 -42.05 7.73 -0.30
C VAL A 182 -42.43 9.20 -0.26
N HIS A 183 -43.68 9.48 0.11
CA HIS A 183 -44.18 10.84 0.13
C HIS A 183 -43.89 11.50 1.47
N HIS A 184 -43.44 12.75 1.41
CA HIS A 184 -43.15 13.55 2.59
C HIS A 184 -44.03 14.80 2.56
N PRO A 185 -45.18 14.77 3.22
CA PRO A 185 -46.02 15.98 3.26
C PRO A 185 -45.41 17.06 4.14
N GLY A 186 -45.72 18.31 3.81
CA GLY A 186 -45.15 19.48 4.45
C GLY A 186 -45.81 19.96 5.72
N THR A 187 -46.97 19.42 6.08
CA THR A 187 -47.65 19.77 7.31
C THR A 187 -48.22 18.50 7.94
N ASP A 188 -48.48 18.57 9.25
CA ASP A 188 -49.09 17.44 9.92
C ASP A 188 -50.49 17.17 9.39
N LYS A 189 -51.20 18.21 8.97
CA LYS A 189 -52.55 18.02 8.45
C LYS A 189 -52.53 17.29 7.11
N ASP A 190 -51.59 17.65 6.23
CA ASP A 190 -51.48 16.97 4.94
C ASP A 190 -51.25 15.48 5.13
N GLN A 191 -50.47 15.11 6.14
CA GLN A 191 -50.20 13.70 6.39
C GLN A 191 -51.48 12.95 6.74
N THR A 192 -52.35 13.56 7.53
CA THR A 192 -53.59 12.90 7.91
C THR A 192 -54.65 12.98 6.83
N ASN A 193 -54.68 14.07 6.06
CA ASN A 193 -55.69 14.20 5.01
C ASN A 193 -55.49 13.18 3.89
N LEU A 194 -54.29 12.64 3.74
CA LEU A 194 -53.97 11.69 2.69
C LEU A 194 -54.01 10.24 3.19
N TYR A 195 -53.36 9.95 4.31
CA TYR A 195 -53.20 8.59 4.79
C TYR A 195 -53.85 8.35 6.15
N VAL A 196 -54.58 9.33 6.67
CA VAL A 196 -55.37 9.23 7.90
C VAL A 196 -54.47 9.20 9.13
N GLN A 197 -53.58 8.22 9.22
CA GLN A 197 -52.71 8.12 10.39
C GLN A 197 -51.60 9.16 10.32
N ALA A 198 -50.93 9.36 11.46
CA ALA A 198 -49.78 10.24 11.54
C ALA A 198 -48.57 9.53 10.93
N SER A 199 -47.39 10.12 11.11
CA SER A 199 -46.13 9.66 10.54
C SER A 199 -46.03 8.14 10.54
N GLY A 200 -45.67 7.55 9.41
CA GLY A 200 -45.72 6.10 9.28
C GLY A 200 -44.40 5.41 9.02
N ARG A 201 -44.46 4.27 8.32
CA ARG A 201 -43.27 3.49 8.00
C ARG A 201 -43.47 2.78 6.67
N VAL A 202 -42.39 2.65 5.90
CA VAL A 202 -42.38 1.94 4.63
C VAL A 202 -41.21 0.96 4.66
N ILE A 203 -41.48 -0.31 4.39
CA ILE A 203 -40.49 -1.38 4.51
C ILE A 203 -40.55 -2.23 3.25
N VAL A 204 -39.47 -2.20 2.47
CA VAL A 204 -39.37 -2.94 1.22
C VAL A 204 -38.18 -3.90 1.35
N SER A 205 -38.43 -5.19 1.10
CA SER A 205 -37.43 -6.21 1.39
C SER A 205 -37.38 -7.25 0.28
N THR A 206 -36.18 -7.79 0.09
CA THR A 206 -35.96 -9.05 -0.60
C THR A 206 -35.22 -9.98 0.35
N LYS A 207 -35.02 -11.23 -0.07
CA LYS A 207 -34.19 -12.13 0.72
C LYS A 207 -32.76 -11.63 0.84
N ARG A 208 -32.35 -10.74 -0.06
CA ARG A 208 -30.97 -10.26 -0.12
C ARG A 208 -30.80 -8.81 0.29
N SER A 209 -31.84 -7.98 0.19
CA SER A 209 -31.76 -6.56 0.51
C SER A 209 -32.78 -6.20 1.58
N GLN A 210 -32.65 -4.98 2.09
CA GLN A 210 -33.51 -4.49 3.17
C GLN A 210 -33.54 -2.97 3.11
N GLN A 211 -34.74 -2.41 2.95
CA GLN A 211 -34.90 -0.97 2.76
C GLN A 211 -36.01 -0.46 3.64
N THR A 212 -35.71 0.52 4.49
CA THR A 212 -36.68 1.08 5.44
C THR A 212 -36.62 2.58 5.37
N VAL A 213 -37.77 3.21 5.13
CA VAL A 213 -37.90 4.66 5.09
C VAL A 213 -38.99 5.08 6.07
N ILE A 214 -38.66 6.02 6.93
CA ILE A 214 -39.64 6.67 7.81
C ILE A 214 -39.98 8.02 7.20
N PRO A 215 -41.24 8.27 6.82
CA PRO A 215 -41.58 9.57 6.23
C PRO A 215 -41.26 10.72 7.18
N ASN A 216 -41.17 11.92 6.61
CA ASN A 216 -40.58 13.07 7.31
C ASN A 216 -41.49 14.29 7.10
N ILE A 217 -42.43 14.49 8.03
CA ILE A 217 -43.49 15.49 7.87
C ILE A 217 -42.97 16.85 8.34
N GLY A 218 -43.17 17.85 7.51
CA GLY A 218 -42.60 19.16 7.75
C GLY A 218 -42.28 19.85 6.44
N SER A 219 -42.13 21.15 6.53
CA SER A 219 -42.25 22.01 5.37
C SER A 219 -40.99 21.98 4.52
N ARG A 220 -41.12 22.55 3.33
CA ARG A 220 -40.11 22.51 2.29
C ARG A 220 -40.24 23.74 1.43
N PRO A 221 -39.26 24.01 0.55
CA PRO A 221 -39.44 25.02 -0.50
C PRO A 221 -40.56 24.42 -1.33
N TRP A 222 -41.74 25.06 -1.37
CA TRP A 222 -42.89 24.61 -2.14
C TRP A 222 -42.52 24.79 -3.61
N VAL A 223 -42.53 23.70 -4.38
CA VAL A 223 -42.11 23.73 -5.78
C VAL A 223 -43.33 23.53 -6.67
N ARG A 224 -43.42 24.34 -7.71
CA ARG A 224 -44.46 24.24 -8.75
C ARG A 224 -45.88 24.19 -8.19
N GLY A 225 -46.06 24.49 -6.91
CA GLY A 225 -47.37 24.64 -6.31
C GLY A 225 -47.66 23.77 -5.10
N VAL A 226 -46.81 22.82 -4.74
CA VAL A 226 -47.18 21.84 -3.71
C VAL A 226 -46.24 21.98 -2.51
N SER A 227 -46.72 21.46 -1.38
CA SER A 227 -46.04 21.56 -0.10
C SER A 227 -44.99 20.49 0.10
N SER A 228 -44.87 19.53 -0.81
CA SER A 228 -44.22 18.28 -0.45
C SER A 228 -43.11 17.88 -1.42
N ILE A 229 -42.68 16.63 -1.33
CA ILE A 229 -41.60 16.11 -2.16
C ILE A 229 -41.60 14.60 -2.00
N ILE A 230 -41.01 13.90 -2.98
CA ILE A 230 -40.95 12.45 -2.98
C ILE A 230 -39.50 12.00 -2.98
N SER A 231 -39.19 10.99 -2.19
CA SER A 231 -37.90 10.32 -2.27
C SER A 231 -38.02 9.12 -3.20
N ILE A 232 -36.99 8.90 -4.01
CA ILE A 232 -36.99 7.82 -4.99
C ILE A 232 -36.01 6.75 -4.55
N TYR A 233 -36.42 5.49 -4.67
CA TYR A 233 -35.58 4.35 -4.34
C TYR A 233 -35.76 3.28 -5.40
N TRP A 234 -34.78 2.37 -5.49
CA TRP A 234 -34.89 1.23 -6.37
C TRP A 234 -34.56 -0.05 -5.59
N THR A 235 -35.00 -1.17 -6.15
CA THR A 235 -34.77 -2.48 -5.55
C THR A 235 -34.66 -3.49 -6.67
N ILE A 236 -33.53 -4.19 -6.73
CA ILE A 236 -33.32 -5.25 -7.71
C ILE A 236 -33.75 -6.57 -7.08
N VAL A 237 -34.56 -7.33 -7.82
CA VAL A 237 -35.03 -8.63 -7.37
C VAL A 237 -34.48 -9.68 -8.33
N LYS A 238 -33.61 -10.55 -7.83
CA LYS A 238 -33.01 -11.59 -8.64
C LYS A 238 -33.98 -12.75 -8.83
N PRO A 239 -33.74 -13.61 -9.81
CA PRO A 239 -34.61 -14.78 -10.00
C PRO A 239 -34.65 -15.65 -8.75
N GLY A 240 -35.84 -16.16 -8.45
CA GLY A 240 -36.07 -16.92 -7.24
C GLY A 240 -36.30 -16.09 -6.00
N ASP A 241 -35.89 -14.83 -6.00
CA ASP A 241 -36.08 -13.96 -4.85
C ASP A 241 -37.52 -13.41 -4.86
N ILE A 242 -37.81 -12.52 -3.92
CA ILE A 242 -39.16 -12.03 -3.70
C ILE A 242 -39.09 -10.56 -3.33
N LEU A 243 -40.04 -9.77 -3.85
CA LEU A 243 -40.26 -8.40 -3.38
C LEU A 243 -41.36 -8.41 -2.34
N LEU A 244 -41.13 -7.70 -1.23
CA LEU A 244 -42.06 -7.64 -0.11
C LEU A 244 -42.18 -6.20 0.34
N ILE A 245 -43.35 -5.61 0.12
CA ILE A 245 -43.65 -4.24 0.50
C ILE A 245 -44.65 -4.24 1.65
N ASN A 246 -44.29 -3.56 2.74
CA ASN A 246 -45.22 -3.30 3.82
C ASN A 246 -45.11 -1.84 4.23
N SER A 247 -46.24 -1.13 4.19
CA SER A 247 -46.26 0.31 4.45
C SER A 247 -47.53 0.66 5.22
N THR A 248 -47.38 1.58 6.18
CA THR A 248 -48.52 2.21 6.84
C THR A 248 -49.16 3.29 5.99
N GLY A 249 -48.47 3.75 4.95
CA GLY A 249 -48.89 4.90 4.17
C GLY A 249 -47.67 5.60 3.60
N ASN A 250 -47.94 6.71 2.90
CA ASN A 250 -46.90 7.54 2.28
C ASN A 250 -46.13 6.78 1.20
N LEU A 251 -46.65 5.65 0.74
CA LEU A 251 -45.94 4.83 -0.22
C LEU A 251 -46.34 5.25 -1.64
N ILE A 252 -45.33 5.59 -2.45
CA ILE A 252 -45.52 5.74 -3.88
C ILE A 252 -45.20 4.39 -4.51
N ALA A 253 -46.24 3.60 -4.76
CA ALA A 253 -46.05 2.21 -5.15
C ALA A 253 -45.55 2.12 -6.60
N PRO A 254 -44.82 1.06 -6.93
CA PRO A 254 -44.50 0.80 -8.33
C PRO A 254 -45.67 0.16 -9.05
N ARG A 255 -45.60 0.21 -10.37
CA ARG A 255 -46.59 -0.44 -11.23
C ARG A 255 -46.03 -1.67 -11.93
N GLY A 256 -44.75 -1.95 -11.79
CA GLY A 256 -44.14 -3.07 -12.48
C GLY A 256 -42.63 -2.97 -12.40
N TYR A 257 -41.95 -3.70 -13.28
CA TYR A 257 -40.51 -3.76 -13.24
C TYR A 257 -39.90 -3.31 -14.56
N PHE A 258 -38.64 -2.90 -14.49
CA PHE A 258 -37.79 -2.71 -15.65
C PHE A 258 -36.85 -3.91 -15.77
N LYS A 259 -36.62 -4.36 -16.99
CA LYS A 259 -35.68 -5.45 -17.22
C LYS A 259 -34.26 -4.91 -17.23
N ILE A 260 -33.45 -5.32 -16.25
CA ILE A 260 -32.06 -4.88 -16.18
C ILE A 260 -31.21 -5.76 -17.09
N GLN A 261 -30.47 -5.13 -17.99
CA GLN A 261 -29.56 -5.84 -18.87
C GLN A 261 -28.13 -5.36 -18.61
N SER A 262 -27.18 -6.12 -19.15
CA SER A 262 -25.77 -5.78 -19.09
C SER A 262 -25.24 -5.73 -20.51
N GLY A 263 -24.60 -4.63 -20.86
CA GLY A 263 -24.09 -4.46 -22.21
C GLY A 263 -23.26 -3.21 -22.33
N LYS A 264 -23.08 -2.77 -23.58
CA LYS A 264 -22.21 -1.66 -23.91
C LYS A 264 -22.91 -0.30 -23.84
N SER A 265 -24.07 -0.23 -23.19
CA SER A 265 -24.82 1.01 -23.12
C SER A 265 -24.23 1.95 -22.07
N SER A 266 -24.43 3.25 -22.29
CA SER A 266 -23.90 4.27 -21.38
C SER A 266 -24.66 5.57 -21.62
N ILE A 267 -24.15 6.66 -21.04
CA ILE A 267 -24.80 7.96 -21.08
C ILE A 267 -23.73 9.03 -21.19
N MET A 268 -24.10 10.18 -21.74
CA MET A 268 -23.13 11.25 -21.95
C MET A 268 -23.83 12.61 -21.90
N ARG A 269 -23.14 13.61 -21.37
CA ARG A 269 -23.63 14.98 -21.37
C ARG A 269 -22.98 15.75 -22.50
N SER A 270 -23.80 16.27 -23.41
CA SER A 270 -23.28 17.05 -24.52
C SER A 270 -24.42 17.83 -25.15
N ASP A 271 -24.09 19.00 -25.69
CA ASP A 271 -25.04 19.81 -26.45
C ASP A 271 -24.72 19.79 -27.95
N ALA A 272 -23.92 18.84 -28.39
CA ALA A 272 -23.58 18.74 -29.80
C ALA A 272 -24.77 18.27 -30.60
N HIS A 273 -24.95 18.85 -31.78
CA HIS A 273 -26.02 18.42 -32.66
C HIS A 273 -25.74 17.04 -33.22
N ILE A 274 -26.81 16.30 -33.55
CA ILE A 274 -26.70 14.95 -34.10
C ILE A 274 -26.86 15.01 -35.60
N ASP A 275 -26.00 14.28 -36.31
CA ASP A 275 -25.82 14.44 -37.75
C ASP A 275 -25.95 13.10 -38.44
N GLU A 276 -26.13 13.14 -39.77
CA GLU A 276 -26.21 11.94 -40.59
C GLU A 276 -24.81 11.60 -41.10
N CYS A 277 -24.12 10.75 -40.36
CA CYS A 277 -22.77 10.33 -40.73
C CYS A 277 -22.43 9.10 -39.90
N ASN A 278 -21.22 8.57 -40.09
CA ASN A 278 -20.76 7.38 -39.40
C ASN A 278 -19.40 7.65 -38.77
N SER A 279 -19.24 7.27 -37.50
CA SER A 279 -17.99 7.47 -36.79
C SER A 279 -17.98 6.61 -35.53
N GLU A 280 -16.90 5.87 -35.32
CA GLU A 280 -16.85 4.90 -34.24
C GLU A 280 -16.75 5.56 -32.87
N CYS A 281 -16.07 6.70 -32.77
CA CYS A 281 -15.73 7.31 -31.50
C CYS A 281 -16.59 8.54 -31.27
N ILE A 282 -17.18 8.64 -30.08
CA ILE A 282 -18.05 9.75 -29.71
C ILE A 282 -17.46 10.42 -28.48
N THR A 283 -17.25 11.73 -28.57
CA THR A 283 -16.89 12.57 -27.44
C THR A 283 -17.96 13.63 -27.25
N PRO A 284 -18.03 14.28 -26.08
CA PRO A 284 -19.01 15.36 -25.91
C PRO A 284 -18.81 16.51 -26.87
N ASN A 285 -17.60 16.67 -27.44
CA ASN A 285 -17.38 17.65 -28.48
C ASN A 285 -17.96 17.25 -29.82
N GLY A 286 -18.46 16.03 -29.93
CA GLY A 286 -18.81 15.43 -31.21
C GLY A 286 -17.91 14.26 -31.53
N SER A 287 -18.21 13.61 -32.65
CA SER A 287 -17.45 12.43 -33.04
C SER A 287 -16.07 12.82 -33.54
N ILE A 288 -15.11 11.91 -33.36
CA ILE A 288 -13.76 12.11 -33.86
C ILE A 288 -13.30 10.84 -34.59
N PRO A 289 -12.42 10.96 -35.59
CA PRO A 289 -11.87 9.76 -36.23
C PRO A 289 -10.98 8.99 -35.27
N ASN A 290 -10.88 7.69 -35.50
CA ASN A 290 -10.05 6.85 -34.64
C ASN A 290 -9.03 6.07 -35.48
N ASP A 291 -8.45 6.73 -36.48
CA ASP A 291 -7.33 6.14 -37.20
C ASP A 291 -6.01 6.32 -36.48
N LYS A 292 -5.91 7.33 -35.56
CA LYS A 292 -4.71 7.61 -34.79
C LYS A 292 -4.79 6.97 -33.42
N PRO A 293 -3.64 6.59 -32.84
CA PRO A 293 -3.67 5.90 -31.54
C PRO A 293 -4.07 6.80 -30.38
N PHE A 294 -3.82 8.11 -30.45
CA PHE A 294 -4.10 9.01 -29.35
C PHE A 294 -4.97 10.18 -29.82
N GLN A 295 -5.65 10.80 -28.87
CA GLN A 295 -6.51 11.94 -29.17
C GLN A 295 -6.40 12.97 -28.04
N ASN A 296 -6.69 14.22 -28.39
CA ASN A 296 -6.49 15.37 -27.53
C ASN A 296 -7.79 16.16 -27.37
N VAL A 297 -8.91 15.58 -27.77
CA VAL A 297 -10.18 16.31 -27.81
C VAL A 297 -10.87 16.31 -26.45
N ASN A 298 -11.06 15.14 -25.85
CA ASN A 298 -11.77 15.08 -24.58
C ASN A 298 -11.52 13.74 -23.91
N LYS A 299 -11.34 13.77 -22.59
CA LYS A 299 -11.13 12.52 -21.87
C LYS A 299 -12.41 11.70 -21.77
N ILE A 300 -13.56 12.32 -21.92
CA ILE A 300 -14.82 11.60 -21.97
C ILE A 300 -15.03 11.07 -23.39
N THR A 301 -15.09 9.74 -23.53
CA THR A 301 -15.26 9.13 -24.84
C THR A 301 -16.23 7.97 -24.72
N TYR A 302 -16.70 7.50 -25.89
CA TYR A 302 -17.54 6.32 -25.96
C TYR A 302 -17.27 5.58 -27.26
N GLY A 303 -16.94 4.31 -27.17
CA GLY A 303 -16.74 3.49 -28.35
C GLY A 303 -15.27 3.14 -28.58
N ALA A 304 -14.98 2.75 -29.82
CA ALA A 304 -13.61 2.47 -30.24
C ALA A 304 -12.90 3.80 -30.45
N CYS A 305 -12.17 4.25 -29.43
CA CYS A 305 -11.61 5.59 -29.41
C CYS A 305 -10.11 5.57 -29.23
N PRO A 306 -9.41 6.59 -29.71
CA PRO A 306 -8.01 6.76 -29.31
C PRO A 306 -7.93 7.13 -27.85
N ARG A 307 -6.76 6.90 -27.27
CA ARG A 307 -6.55 7.15 -25.86
C ARG A 307 -6.23 8.62 -25.62
N TYR A 308 -6.89 9.22 -24.64
CA TYR A 308 -6.68 10.63 -24.37
C TYR A 308 -5.29 10.87 -23.78
N VAL A 309 -4.62 11.90 -24.30
CA VAL A 309 -3.29 12.30 -23.83
C VAL A 309 -3.23 13.81 -23.74
N LYS A 310 -2.22 14.30 -23.00
CA LYS A 310 -2.10 15.74 -22.77
C LYS A 310 -1.50 16.48 -23.95
N GLN A 311 -0.66 15.83 -24.75
CA GLN A 311 -0.08 16.48 -25.90
C GLN A 311 -1.12 16.71 -27.00
N ASN A 312 -0.95 17.80 -27.74
CA ASN A 312 -1.82 18.06 -28.89
C ASN A 312 -1.17 17.63 -30.20
N THR A 313 0.10 17.25 -30.19
CA THR A 313 0.73 16.70 -31.39
C THR A 313 1.89 15.79 -31.01
N LEU A 314 2.01 14.67 -31.74
CA LEU A 314 3.16 13.77 -31.63
C LEU A 314 3.42 13.22 -33.03
N LYS A 315 4.50 13.66 -33.65
CA LYS A 315 4.82 13.23 -35.01
C LYS A 315 5.74 12.02 -34.97
N LEU A 316 5.35 10.96 -35.67
CA LEU A 316 6.14 9.74 -35.77
C LEU A 316 6.86 9.76 -37.11
N ALA A 317 8.19 9.66 -37.06
CA ALA A 317 8.97 9.70 -38.29
C ALA A 317 8.67 8.47 -39.15
N THR A 318 8.46 8.71 -40.44
CA THR A 318 8.27 7.64 -41.41
C THR A 318 9.28 7.71 -42.54
N GLY A 319 10.42 8.38 -42.32
CA GLY A 319 11.48 8.46 -43.31
C GLY A 319 12.80 8.69 -42.62
N MET A 320 13.86 8.71 -43.43
CA MET A 320 15.21 8.90 -42.91
C MET A 320 15.44 10.37 -42.55
N ARG A 321 16.61 10.65 -41.96
CA ARG A 321 17.02 12.03 -41.76
C ARG A 321 17.08 12.76 -43.10
N ASN A 322 16.56 13.98 -43.11
CA ASN A 322 16.53 14.80 -44.32
C ASN A 322 17.74 15.72 -44.32
N VAL A 323 18.62 15.54 -45.30
CA VAL A 323 19.83 16.36 -45.41
C VAL A 323 19.93 16.92 -46.83
N PRO A 324 19.43 18.15 -47.08
CA PRO A 324 19.59 18.85 -48.37
C PRO A 324 21.07 19.22 -48.54
N GLU A 325 21.66 19.57 -49.70
CA GLU A 325 21.09 20.14 -50.94
C GLU A 325 20.69 21.59 -50.70
N LYS A 326 21.52 22.27 -49.90
CA LYS A 326 21.37 23.70 -49.55
C LYS A 326 19.92 24.18 -49.48
N GLY B 1 23.07 9.77 -36.31
CA GLY B 1 23.22 8.48 -36.97
C GLY B 1 24.19 7.56 -36.26
N ILE B 2 23.69 6.49 -35.69
CA ILE B 2 24.53 5.57 -34.98
C ILE B 2 25.57 4.94 -35.90
N PHE B 3 25.25 4.80 -37.17
CA PHE B 3 26.15 4.16 -38.11
C PHE B 3 26.98 5.14 -38.94
N GLY B 4 26.71 6.44 -38.82
CA GLY B 4 27.59 7.45 -39.38
C GLY B 4 27.60 7.53 -40.89
N ALA B 5 26.57 7.03 -41.56
CA ALA B 5 26.50 7.18 -43.01
C ALA B 5 25.59 8.28 -43.54
N ILE B 6 24.39 8.39 -42.97
CA ILE B 6 23.48 9.46 -43.34
C ILE B 6 23.79 10.55 -42.31
N ALA B 7 23.97 11.78 -42.80
CA ALA B 7 24.49 12.89 -42.01
C ALA B 7 25.85 12.58 -41.41
N GLY B 8 26.59 11.66 -42.03
CA GLY B 8 27.91 11.28 -41.58
C GLY B 8 28.95 11.38 -42.68
N PHE B 9 29.42 10.25 -43.20
CA PHE B 9 30.40 10.30 -44.28
C PHE B 9 29.76 10.51 -45.65
N ILE B 10 28.43 10.54 -45.73
CA ILE B 10 27.72 11.02 -46.91
C ILE B 10 27.32 12.46 -46.60
N GLU B 11 27.89 13.42 -47.32
CA GLU B 11 27.75 14.82 -46.93
C GLU B 11 26.30 15.27 -46.97
N ASN B 12 25.54 14.84 -47.98
CA ASN B 12 24.15 15.23 -48.09
C ASN B 12 23.41 14.22 -48.97
N GLY B 13 22.07 14.31 -48.92
CA GLY B 13 21.22 13.45 -49.73
C GLY B 13 20.88 14.08 -51.07
N TRP B 14 20.23 13.29 -51.91
CA TRP B 14 19.92 13.67 -53.29
C TRP B 14 18.43 14.00 -53.41
N GLU B 15 18.11 15.29 -53.54
CA GLU B 15 16.73 15.67 -53.83
C GLU B 15 16.29 15.23 -55.21
N GLY B 16 17.23 14.92 -56.10
CA GLY B 16 16.91 14.50 -57.44
C GLY B 16 16.60 13.03 -57.62
N MET B 17 16.68 12.23 -56.56
CA MET B 17 16.39 10.80 -56.64
C MET B 17 14.99 10.57 -56.08
N VAL B 18 14.00 10.51 -56.97
CA VAL B 18 12.60 10.39 -56.57
C VAL B 18 12.05 9.00 -56.80
N ASP B 19 12.86 8.06 -57.26
CA ASP B 19 12.40 6.70 -57.54
C ASP B 19 12.92 5.69 -56.52
N GLY B 20 13.48 6.15 -55.40
CA GLY B 20 13.97 5.24 -54.39
C GLY B 20 14.53 6.00 -53.22
N TRP B 21 14.90 5.25 -52.18
CA TRP B 21 15.47 5.86 -50.99
C TRP B 21 16.98 5.84 -51.00
N TYR B 22 17.58 4.81 -51.59
CA TYR B 22 19.02 4.71 -51.73
C TYR B 22 19.34 4.40 -53.19
N GLY B 23 20.54 4.77 -53.62
CA GLY B 23 20.83 4.55 -55.03
C GLY B 23 22.28 4.84 -55.37
N PHE B 24 22.57 4.68 -56.66
CA PHE B 24 23.91 4.84 -57.20
C PHE B 24 23.98 6.03 -58.15
N ARG B 25 25.05 6.81 -58.05
CA ARG B 25 25.45 7.75 -59.09
C ARG B 25 26.81 7.33 -59.63
N HIS B 26 27.01 7.52 -60.93
CA HIS B 26 28.18 7.00 -61.58
C HIS B 26 28.73 7.98 -62.60
N GLN B 27 30.01 7.83 -62.90
CA GLN B 27 30.71 8.63 -63.90
C GLN B 27 31.67 7.69 -64.62
N ASN B 28 31.59 7.65 -65.95
CA ASN B 28 32.44 6.74 -66.73
C ASN B 28 32.70 7.36 -68.09
N SER B 29 33.17 6.54 -69.04
CA SER B 29 33.43 7.03 -70.39
C SER B 29 32.13 7.39 -71.09
N GLU B 30 31.10 6.56 -70.95
CA GLU B 30 29.83 6.81 -71.65
C GLU B 30 29.04 7.96 -71.05
N GLY B 31 29.44 8.47 -69.89
CA GLY B 31 28.74 9.60 -69.29
C GLY B 31 28.44 9.42 -67.82
N THR B 32 27.37 10.07 -67.35
CA THR B 32 26.95 9.99 -65.96
C THR B 32 25.48 9.58 -65.89
N GLY B 33 25.07 9.11 -64.72
CA GLY B 33 23.70 8.70 -64.54
C GLY B 33 23.40 8.40 -63.08
N GLN B 34 22.20 7.89 -62.83
CA GLN B 34 21.72 7.66 -61.48
C GLN B 34 20.60 6.63 -61.50
N ALA B 35 20.67 5.67 -60.58
CA ALA B 35 19.64 4.64 -60.47
C ALA B 35 19.40 4.33 -59.01
N ALA B 36 18.12 4.23 -58.64
CA ALA B 36 17.77 3.84 -57.28
C ALA B 36 18.07 2.35 -57.07
N ASP B 37 18.33 1.98 -55.81
CA ASP B 37 18.52 0.59 -55.43
C ASP B 37 17.23 0.09 -54.78
N LEU B 38 16.63 -0.94 -55.38
CA LEU B 38 15.31 -1.37 -54.93
C LEU B 38 15.40 -2.15 -53.62
N LYS B 39 16.41 -3.01 -53.50
CA LYS B 39 16.49 -3.90 -52.34
C LYS B 39 16.58 -3.13 -51.03
N SER B 40 17.52 -2.19 -50.94
CA SER B 40 17.68 -1.45 -49.69
C SER B 40 16.54 -0.46 -49.48
N THR B 41 15.95 0.07 -50.56
CA THR B 41 14.77 0.90 -50.42
C THR B 41 13.61 0.09 -49.86
N GLN B 42 13.42 -1.13 -50.37
CA GLN B 42 12.33 -1.96 -49.88
C GLN B 42 12.56 -2.39 -48.44
N ALA B 43 13.81 -2.68 -48.07
CA ALA B 43 14.10 -3.06 -46.70
C ALA B 43 13.68 -1.99 -45.71
N ALA B 44 14.12 -0.75 -45.95
CA ALA B 44 13.80 0.34 -45.03
C ALA B 44 12.30 0.60 -45.00
N ILE B 45 11.67 0.66 -46.17
CA ILE B 45 10.23 0.94 -46.24
C ILE B 45 9.45 -0.12 -45.51
N ASN B 46 9.86 -1.39 -45.63
CA ASN B 46 9.12 -2.48 -45.00
C ASN B 46 9.24 -2.43 -43.49
N GLN B 47 10.42 -2.08 -42.97
CA GLN B 47 10.58 -1.95 -41.53
C GLN B 47 9.76 -0.78 -40.99
N ILE B 48 9.74 0.33 -41.72
CA ILE B 48 9.02 1.52 -41.25
C ILE B 48 7.52 1.29 -41.31
N THR B 49 7.04 0.59 -42.34
CA THR B 49 5.63 0.24 -42.40
C THR B 49 5.26 -0.74 -41.29
N GLY B 50 6.14 -1.71 -41.03
CA GLY B 50 5.85 -2.70 -40.00
C GLY B 50 5.70 -2.09 -38.62
N LYS B 51 6.62 -1.19 -38.25
CA LYS B 51 6.51 -0.53 -36.95
C LYS B 51 5.34 0.43 -36.91
N LEU B 52 4.98 1.01 -38.05
CA LEU B 52 3.85 1.93 -38.10
C LEU B 52 2.54 1.21 -37.85
N ASN B 53 2.41 -0.02 -38.34
CA ASN B 53 1.17 -0.78 -38.14
C ASN B 53 1.03 -1.26 -36.71
N ARG B 54 2.15 -1.53 -36.02
CA ARG B 54 2.07 -1.91 -34.62
C ARG B 54 1.65 -0.74 -33.74
N VAL B 55 2.10 0.48 -34.08
CA VAL B 55 1.73 1.67 -33.33
C VAL B 55 0.26 2.02 -33.53
N ILE B 56 -0.27 1.78 -34.73
CA ILE B 56 -1.64 2.18 -35.08
C ILE B 56 -2.67 1.08 -34.79
N LYS B 57 -2.26 -0.04 -34.18
CA LYS B 57 -3.07 -1.27 -34.18
C LYS B 57 -4.47 -1.03 -33.64
N LYS B 58 -4.58 -0.47 -32.42
CA LYS B 58 -5.69 0.34 -31.93
C LYS B 58 -6.66 -0.30 -30.93
N THR B 59 -6.28 -1.36 -30.22
CA THR B 59 -7.24 -2.09 -29.40
C THR B 59 -7.44 -1.13 -28.21
N ASN B 60 -8.60 -0.47 -28.16
CA ASN B 60 -9.00 0.34 -27.00
C ASN B 60 -10.46 0.68 -27.25
N GLU B 61 -11.36 0.00 -26.54
CA GLU B 61 -12.79 0.17 -26.76
C GLU B 61 -13.49 0.13 -25.41
N LYS B 62 -13.92 1.29 -24.93
CA LYS B 62 -14.59 1.41 -23.64
C LYS B 62 -16.01 1.92 -23.84
N PHE B 63 -16.89 1.57 -22.90
CA PHE B 63 -18.29 1.96 -23.03
C PHE B 63 -18.86 2.69 -21.82
N HIS B 64 -19.32 1.97 -20.80
CA HIS B 64 -19.78 2.67 -19.61
C HIS B 64 -18.55 2.76 -18.73
N GLN B 65 -18.17 3.99 -18.40
CA GLN B 65 -17.04 4.23 -17.51
C GLN B 65 -17.47 5.10 -16.34
N ILE B 66 -16.51 5.64 -15.60
CA ILE B 66 -16.84 6.55 -14.51
C ILE B 66 -17.13 7.94 -15.07
N GLU B 67 -17.80 8.75 -14.26
CA GLU B 67 -17.98 10.15 -14.62
C GLU B 67 -16.67 10.91 -14.43
N LYS B 68 -16.45 11.90 -15.30
CA LYS B 68 -15.20 12.64 -15.31
C LYS B 68 -15.37 14.15 -15.21
N GLU B 69 -16.59 14.67 -15.27
CA GLU B 69 -16.86 16.07 -14.99
C GLU B 69 -17.99 16.15 -13.97
N PHE B 70 -17.95 17.19 -13.14
CA PHE B 70 -18.88 17.28 -12.02
C PHE B 70 -19.37 18.72 -11.87
N SER B 71 -20.67 18.88 -11.68
CA SER B 71 -21.25 20.20 -11.46
C SER B 71 -21.39 20.56 -10.00
N GLU B 72 -21.28 19.58 -9.10
CA GLU B 72 -21.48 19.78 -7.68
C GLU B 72 -20.24 19.36 -6.90
N VAL B 73 -19.98 20.06 -5.81
CA VAL B 73 -18.92 19.68 -4.89
C VAL B 73 -19.43 18.55 -3.99
N GLU B 74 -18.74 17.42 -4.04
CA GLU B 74 -19.10 16.24 -3.24
C GLU B 74 -18.03 15.81 -2.26
N GLY B 75 -16.76 16.00 -2.58
CA GLY B 75 -15.71 15.69 -1.64
C GLY B 75 -14.96 14.41 -1.92
N ARG B 76 -15.08 13.45 -0.99
CA ARG B 76 -14.13 12.34 -0.93
C ARG B 76 -14.24 11.44 -2.16
N ILE B 77 -15.44 10.95 -2.46
CA ILE B 77 -15.59 10.04 -3.59
C ILE B 77 -15.20 10.73 -4.89
N GLN B 78 -15.48 12.04 -4.99
CA GLN B 78 -15.17 12.77 -6.22
C GLN B 78 -13.69 13.07 -6.32
N ASP B 79 -13.03 13.33 -5.18
CA ASP B 79 -11.58 13.45 -5.19
C ASP B 79 -10.94 12.20 -5.77
N LEU B 80 -11.44 11.03 -5.37
CA LEU B 80 -10.88 9.77 -5.86
C LEU B 80 -11.13 9.59 -7.34
N GLU B 81 -12.34 9.90 -7.81
CA GLU B 81 -12.67 9.72 -9.22
C GLU B 81 -11.82 10.62 -10.11
N LYS B 82 -11.54 11.85 -9.66
CA LYS B 82 -10.67 12.72 -10.43
C LYS B 82 -9.22 12.26 -10.37
N TYR B 83 -8.78 11.79 -9.19
CA TYR B 83 -7.40 11.35 -9.05
C TYR B 83 -7.12 10.12 -9.91
N VAL B 84 -8.10 9.25 -10.05
CA VAL B 84 -7.94 8.05 -10.89
C VAL B 84 -7.73 8.45 -12.34
N GLU B 85 -8.63 9.29 -12.88
CA GLU B 85 -8.54 9.66 -14.28
C GLU B 85 -7.30 10.50 -14.55
N ASP B 86 -6.90 11.34 -13.61
CA ASP B 86 -5.68 12.12 -13.79
C ASP B 86 -4.46 11.21 -13.82
N THR B 87 -4.41 10.25 -12.91
CA THR B 87 -3.31 9.30 -12.91
C THR B 87 -3.24 8.54 -14.23
N LYS B 88 -4.40 8.14 -14.76
CA LYS B 88 -4.44 7.40 -16.01
C LYS B 88 -3.95 8.25 -17.17
N ILE B 89 -4.31 9.53 -17.18
CA ILE B 89 -3.93 10.39 -18.29
C ILE B 89 -2.43 10.66 -18.26
N ASP B 90 -1.87 10.93 -17.08
CA ASP B 90 -0.43 11.18 -17.00
C ASP B 90 0.36 9.95 -17.42
N LEU B 91 -0.13 8.75 -17.08
CA LEU B 91 0.60 7.53 -17.39
C LEU B 91 0.57 7.25 -18.89
N TRP B 92 -0.56 7.50 -19.55
CA TRP B 92 -0.63 7.31 -20.99
C TRP B 92 0.11 8.42 -21.73
N SER B 93 0.10 9.64 -21.18
CA SER B 93 0.84 10.72 -21.81
C SER B 93 2.33 10.44 -21.80
N TYR B 94 2.81 9.79 -20.74
CA TYR B 94 4.22 9.38 -20.69
C TYR B 94 4.50 8.31 -21.72
N ASN B 95 3.61 7.32 -21.84
CA ASN B 95 3.80 6.23 -22.78
C ASN B 95 3.88 6.76 -24.21
N ALA B 96 3.00 7.69 -24.56
CA ALA B 96 2.96 8.22 -25.92
C ALA B 96 4.22 9.02 -26.24
N GLU B 97 4.69 9.81 -25.26
CA GLU B 97 5.91 10.59 -25.47
C GLU B 97 7.11 9.67 -25.64
N LEU B 98 7.24 8.66 -24.78
CA LEU B 98 8.41 7.78 -24.84
C LEU B 98 8.37 6.90 -26.09
N LEU B 99 7.18 6.47 -26.50
CA LEU B 99 7.06 5.62 -27.68
C LEU B 99 7.55 6.35 -28.92
N VAL B 100 7.05 7.57 -29.13
CA VAL B 100 7.47 8.35 -30.29
C VAL B 100 8.96 8.60 -30.28
N ALA B 101 9.52 8.89 -29.11
CA ALA B 101 10.94 9.19 -29.01
C ALA B 101 11.79 7.96 -29.32
N LEU B 102 11.40 6.80 -28.79
CA LEU B 102 12.16 5.58 -29.07
C LEU B 102 12.02 5.20 -30.53
N GLU B 103 10.80 5.16 -31.04
CA GLU B 103 10.55 4.75 -32.42
C GLU B 103 11.29 5.66 -33.40
N ASN B 104 11.22 6.97 -33.19
CA ASN B 104 11.91 7.89 -34.08
C ASN B 104 13.42 7.69 -34.02
N GLN B 105 13.96 7.50 -32.81
CA GLN B 105 15.38 7.22 -32.68
C GLN B 105 15.76 5.94 -33.42
N HIS B 106 14.88 4.94 -33.40
CA HIS B 106 15.13 3.70 -34.12
C HIS B 106 14.93 3.86 -35.62
N THR B 107 14.00 4.73 -36.03
CA THR B 107 13.78 4.95 -37.46
C THR B 107 14.96 5.67 -38.08
N ILE B 108 15.54 6.65 -37.38
CA ILE B 108 16.75 7.31 -37.87
C ILE B 108 17.90 6.30 -37.98
N ASP B 109 18.06 5.44 -36.98
CA ASP B 109 19.22 4.56 -36.92
C ASP B 109 19.12 3.42 -37.94
N LEU B 110 17.91 2.92 -38.21
CA LEU B 110 17.79 1.81 -39.15
C LEU B 110 17.95 2.28 -40.59
N THR B 111 17.39 3.45 -40.93
CA THR B 111 17.62 4.01 -42.25
C THR B 111 19.09 4.33 -42.46
N ASP B 112 19.79 4.69 -41.38
CA ASP B 112 21.24 4.85 -41.44
C ASP B 112 21.92 3.51 -41.71
N SER B 113 21.41 2.44 -41.11
CA SER B 113 22.01 1.13 -41.30
C SER B 113 21.91 0.69 -42.75
N GLU B 114 20.73 0.83 -43.36
CA GLU B 114 20.54 0.39 -44.75
C GLU B 114 21.54 1.04 -45.68
N MET B 115 21.76 2.35 -45.51
CA MET B 115 22.75 3.06 -46.31
C MET B 115 24.12 2.43 -46.15
N SER B 116 24.50 2.13 -44.90
CA SER B 116 25.79 1.51 -44.66
C SER B 116 25.86 0.09 -45.22
N LYS B 117 24.75 -0.66 -45.09
CA LYS B 117 24.74 -2.02 -45.62
C LYS B 117 24.90 -2.04 -47.13
N LEU B 118 24.30 -1.07 -47.82
CA LEU B 118 24.46 -0.99 -49.26
C LEU B 118 25.87 -0.62 -49.67
N PHE B 119 26.55 0.17 -48.84
CA PHE B 119 27.92 0.56 -49.15
C PHE B 119 28.87 -0.61 -48.97
N GLU B 120 28.60 -1.47 -47.99
CA GLU B 120 29.46 -2.62 -47.75
C GLU B 120 29.24 -3.69 -48.82
N ARG B 121 27.99 -3.92 -49.21
CA ARG B 121 27.70 -4.80 -50.34
C ARG B 121 28.52 -4.40 -51.55
N THR B 122 28.54 -3.10 -51.87
CA THR B 122 29.25 -2.65 -53.05
C THR B 122 30.76 -2.81 -52.90
N ARG B 123 31.28 -2.55 -51.70
CA ARG B 123 32.72 -2.71 -51.48
C ARG B 123 33.14 -4.17 -51.62
N ARG B 124 32.40 -5.08 -50.98
CA ARG B 124 32.73 -6.50 -51.09
C ARG B 124 32.69 -6.96 -52.54
N GLN B 125 31.78 -6.39 -53.33
CA GLN B 125 31.63 -6.79 -54.72
C GLN B 125 32.82 -6.34 -55.55
N LEU B 126 33.38 -5.17 -55.25
CA LEU B 126 34.45 -4.61 -56.06
C LEU B 126 35.81 -5.19 -55.73
N ARG B 127 35.95 -5.86 -54.58
CA ARG B 127 37.19 -6.52 -54.20
C ARG B 127 38.39 -5.58 -54.25
N GLU B 128 39.32 -5.86 -55.16
CA GLU B 128 40.58 -5.14 -55.26
C GLU B 128 40.63 -4.22 -56.46
N ASN B 129 39.49 -3.99 -57.11
CA ASN B 129 39.43 -3.16 -58.30
C ASN B 129 39.00 -1.73 -58.00
N ALA B 130 38.84 -1.38 -56.73
CA ALA B 130 38.33 -0.07 -56.36
C ALA B 130 38.88 0.34 -55.01
N GLU B 131 38.83 1.65 -54.74
CA GLU B 131 39.29 2.20 -53.48
C GLU B 131 38.24 3.15 -52.91
N ASP B 132 38.13 3.14 -51.58
CA ASP B 132 37.17 3.98 -50.87
C ASP B 132 37.67 5.42 -50.80
N MET B 133 36.94 6.34 -51.43
CA MET B 133 37.35 7.74 -51.43
C MET B 133 37.01 8.45 -50.13
N GLY B 134 36.15 7.88 -49.29
CA GLY B 134 35.83 8.44 -47.99
C GLY B 134 34.59 9.29 -47.96
N ASN B 135 33.89 9.44 -49.09
CA ASN B 135 32.73 10.31 -49.18
C ASN B 135 31.47 9.58 -49.64
N GLY B 136 31.53 8.27 -49.82
CA GLY B 136 30.44 7.50 -50.39
C GLY B 136 30.71 7.00 -51.79
N CYS B 137 31.82 7.40 -52.41
CA CYS B 137 32.14 7.03 -53.77
C CYS B 137 33.32 6.06 -53.79
N PHE B 138 33.45 5.36 -54.91
CA PHE B 138 34.56 4.44 -55.15
C PHE B 138 35.33 4.87 -56.38
N LYS B 139 36.65 4.95 -56.27
CA LYS B 139 37.49 5.04 -57.45
C LYS B 139 37.58 3.65 -58.09
N ILE B 140 37.03 3.50 -59.28
CA ILE B 140 37.12 2.24 -60.01
C ILE B 140 38.28 2.35 -60.99
N TYR B 141 39.34 1.58 -60.74
CA TYR B 141 40.60 1.68 -61.48
C TYR B 141 40.66 1.10 -62.90
N HIS B 142 39.53 0.65 -63.43
CA HIS B 142 39.47 0.21 -64.82
C HIS B 142 38.29 0.77 -65.60
N LYS B 143 38.34 0.58 -66.92
CA LYS B 143 37.24 1.00 -67.77
C LYS B 143 35.98 0.23 -67.41
N CYS B 144 34.89 0.96 -67.18
CA CYS B 144 33.64 0.37 -66.72
C CYS B 144 32.50 1.04 -67.48
N ASP B 145 32.17 0.49 -68.65
CA ASP B 145 31.07 1.00 -69.44
C ASP B 145 29.73 0.69 -68.76
N ASN B 146 28.65 1.27 -69.30
CA ASN B 146 27.30 1.15 -68.73
C ASN B 146 26.94 -0.26 -68.29
N ALA B 147 27.28 -1.26 -69.11
CA ALA B 147 26.98 -2.64 -68.73
C ALA B 147 27.79 -3.07 -67.52
N CYS B 148 29.02 -2.57 -67.38
CA CYS B 148 29.81 -2.87 -66.19
C CYS B 148 29.21 -2.21 -64.95
N ILE B 149 28.72 -0.97 -65.08
CA ILE B 149 28.08 -0.27 -63.97
C ILE B 149 26.77 -0.97 -63.59
N GLY B 150 25.93 -1.22 -64.59
CA GLY B 150 24.67 -1.92 -64.44
C GLY B 150 24.86 -3.27 -63.78
N SER B 151 26.06 -3.83 -63.96
CA SER B 151 26.43 -5.08 -63.32
C SER B 151 26.89 -4.90 -61.87
N ILE B 152 27.32 -3.70 -61.48
CA ILE B 152 27.62 -3.43 -60.06
C ILE B 152 26.34 -3.11 -59.31
N ARG B 153 25.45 -2.32 -59.91
CA ARG B 153 24.19 -1.93 -59.30
C ARG B 153 23.36 -3.14 -58.88
N ASN B 154 23.86 -4.33 -59.22
CA ASN B 154 23.12 -5.56 -59.27
C ASN B 154 24.18 -6.63 -58.99
N GLY B 155 23.77 -7.78 -58.45
CA GLY B 155 24.74 -8.61 -57.75
C GLY B 155 25.73 -9.39 -58.58
N THR B 156 26.00 -8.96 -59.82
CA THR B 156 26.60 -9.82 -60.84
C THR B 156 27.90 -9.25 -61.41
N TYR B 157 28.72 -8.59 -60.60
CA TYR B 157 29.97 -8.00 -61.07
C TYR B 157 31.11 -8.99 -60.83
N ASP B 158 31.67 -9.52 -61.91
CA ASP B 158 32.80 -10.45 -61.84
C ASP B 158 34.08 -9.64 -61.82
N HIS B 159 34.66 -9.48 -60.63
CA HIS B 159 35.88 -8.69 -60.47
C HIS B 159 37.09 -9.33 -61.13
N ASP B 160 37.05 -10.64 -61.40
CA ASP B 160 38.25 -11.35 -61.83
C ASP B 160 38.66 -10.96 -63.25
N ILE B 161 37.70 -10.56 -64.09
CA ILE B 161 38.05 -10.19 -65.46
C ILE B 161 38.58 -8.77 -65.57
N TYR B 162 38.42 -7.96 -64.52
CA TYR B 162 38.97 -6.61 -64.46
C TYR B 162 40.14 -6.49 -63.51
N ARG B 163 40.48 -7.55 -62.77
CA ARG B 163 41.46 -7.45 -61.70
C ARG B 163 42.83 -7.02 -62.23
N ASN B 164 43.28 -7.65 -63.33
CA ASN B 164 44.60 -7.32 -63.86
C ASN B 164 44.67 -5.90 -64.40
N GLU B 165 43.64 -5.44 -65.10
CA GLU B 165 43.59 -4.06 -65.53
C GLU B 165 43.57 -3.11 -64.34
N ALA B 166 42.84 -3.47 -63.29
CA ALA B 166 42.69 -2.58 -62.15
C ALA B 166 43.94 -2.55 -61.28
N LEU B 167 44.54 -3.71 -61.02
CA LEU B 167 45.69 -3.78 -60.12
C LEU B 167 46.90 -3.04 -60.69
N ASN B 168 47.03 -2.98 -62.01
CA ASN B 168 48.14 -2.22 -62.59
C ASN B 168 47.88 -0.72 -62.50
N ASN B 169 46.64 -0.30 -62.74
CA ASN B 169 46.30 1.11 -62.61
C ASN B 169 46.41 1.60 -61.17
N ARG B 170 46.35 0.68 -60.19
CA ARG B 170 46.46 1.08 -58.79
C ARG B 170 47.91 1.24 -58.33
N PHE B 171 48.85 0.50 -58.95
CA PHE B 171 50.22 0.41 -58.47
C PHE B 171 51.17 0.86 -59.56
N GLN B 172 51.72 2.07 -59.40
CA GLN B 172 52.69 2.62 -60.34
C GLN B 172 53.36 3.86 -59.75
N ASN C 8 46.90 -26.13 -54.58
CA ASN C 8 46.33 -24.80 -54.45
C ASN C 8 47.39 -23.76 -54.10
N SER C 9 48.10 -24.04 -53.00
CA SER C 9 48.81 -23.00 -52.23
C SER C 9 47.84 -21.92 -51.78
N MET C 10 46.57 -22.31 -51.58
CA MET C 10 45.50 -21.42 -51.18
C MET C 10 44.56 -22.16 -50.26
N ALA C 11 44.08 -21.47 -49.23
CA ALA C 11 43.08 -22.01 -48.32
C ALA C 11 41.87 -21.08 -48.31
N THR C 12 40.78 -21.59 -47.73
CA THR C 12 39.51 -20.85 -47.68
C THR C 12 38.88 -21.03 -46.32
N LEU C 13 38.58 -19.93 -45.64
CA LEU C 13 38.05 -19.94 -44.28
C LEU C 13 36.72 -19.22 -44.26
N CYS C 14 35.67 -19.94 -43.87
CA CYS C 14 34.30 -19.42 -43.86
C CYS C 14 33.82 -19.23 -42.42
N LEU C 15 33.22 -18.08 -42.16
CA LEU C 15 32.61 -17.79 -40.88
C LEU C 15 31.09 -17.89 -40.99
N GLY C 16 30.46 -18.32 -39.90
CA GLY C 16 29.02 -18.51 -39.93
C GLY C 16 28.44 -18.58 -38.54
N HIS C 17 27.13 -18.81 -38.49
CA HIS C 17 26.38 -18.93 -37.26
C HIS C 17 25.52 -20.18 -37.31
N HIS C 18 25.12 -20.66 -36.14
CA HIS C 18 24.36 -21.90 -36.09
C HIS C 18 22.89 -21.65 -36.41
N ALA C 19 22.20 -22.73 -36.76
CA ALA C 19 20.77 -22.70 -37.05
C ALA C 19 20.14 -23.95 -36.46
N VAL C 20 18.81 -23.94 -36.38
CA VAL C 20 18.08 -25.07 -35.81
C VAL C 20 16.96 -25.46 -36.77
N PRO C 21 16.46 -26.70 -36.65
CA PRO C 21 15.32 -27.10 -37.49
C PRO C 21 13.96 -26.59 -37.03
N ASN C 22 13.68 -26.51 -35.72
CA ASN C 22 12.32 -26.19 -35.27
C ASN C 22 12.05 -24.67 -35.25
N GLY C 23 12.74 -23.93 -34.39
CA GLY C 23 12.59 -22.47 -34.35
C GLY C 23 11.25 -22.00 -33.82
N THR C 24 11.13 -20.71 -33.52
CA THR C 24 9.87 -20.12 -33.06
C THR C 24 9.71 -18.73 -33.64
N LEU C 25 8.46 -18.26 -33.64
CA LEU C 25 8.11 -16.91 -34.04
C LEU C 25 7.99 -16.02 -32.81
N VAL C 26 8.63 -14.86 -32.87
CA VAL C 26 8.46 -13.81 -31.87
C VAL C 26 8.06 -12.53 -32.60
N LYS C 27 7.61 -11.55 -31.83
CA LYS C 27 7.32 -10.23 -32.38
C LYS C 27 8.40 -9.24 -31.94
N THR C 28 8.69 -8.29 -32.83
CA THR C 28 9.64 -7.23 -32.54
C THR C 28 9.01 -5.87 -32.79
N ILE C 29 9.83 -4.82 -32.83
CA ILE C 29 9.30 -3.49 -33.09
C ILE C 29 8.88 -3.37 -34.55
N THR C 30 9.65 -3.98 -35.46
CA THR C 30 9.40 -3.85 -36.89
C THR C 30 8.49 -4.97 -37.42
N ASP C 31 8.94 -6.22 -37.36
CA ASP C 31 8.10 -7.35 -37.70
C ASP C 31 7.34 -7.82 -36.47
N ASP C 32 6.17 -8.42 -36.68
CA ASP C 32 5.41 -9.01 -35.60
C ASP C 32 5.41 -10.53 -35.64
N GLN C 33 5.96 -11.13 -36.69
CA GLN C 33 6.27 -12.56 -36.72
C GLN C 33 7.62 -12.71 -37.42
N ILE C 34 8.66 -13.00 -36.65
CA ILE C 34 9.99 -13.28 -37.19
C ILE C 34 10.56 -14.44 -36.38
N GLU C 35 11.34 -15.29 -37.05
CA GLU C 35 11.75 -16.57 -36.49
C GLU C 35 13.14 -16.48 -35.85
N VAL C 36 13.23 -16.85 -34.57
CA VAL C 36 14.51 -16.94 -33.87
C VAL C 36 14.78 -18.42 -33.58
N THR C 37 15.96 -18.73 -33.03
CA THR C 37 16.30 -20.11 -32.73
C THR C 37 15.60 -20.65 -31.49
N ASN C 38 15.30 -19.78 -30.52
CA ASN C 38 14.79 -20.23 -29.23
C ASN C 38 14.11 -19.07 -28.53
N ALA C 39 13.02 -19.35 -27.84
CA ALA C 39 12.30 -18.34 -27.08
C ALA C 39 11.74 -18.95 -25.82
N THR C 40 11.37 -18.10 -24.87
CA THR C 40 10.79 -18.53 -23.61
C THR C 40 9.49 -17.78 -23.36
N GLU C 41 8.53 -18.47 -22.75
CA GLU C 41 7.23 -17.90 -22.47
C GLU C 41 7.29 -16.95 -21.28
N LEU C 42 6.64 -15.79 -21.42
CA LEU C 42 6.61 -14.79 -20.36
C LEU C 42 5.24 -14.66 -19.71
N VAL C 43 4.22 -15.36 -20.19
CA VAL C 43 2.87 -15.27 -19.65
C VAL C 43 2.47 -16.64 -19.12
N GLN C 44 2.28 -16.75 -17.81
CA GLN C 44 1.72 -17.95 -17.21
C GLN C 44 0.23 -18.03 -17.54
N SER C 45 -0.16 -19.10 -18.23
CA SER C 45 -1.54 -19.23 -18.71
C SER C 45 -2.25 -20.46 -18.18
N SER C 46 -1.61 -21.27 -17.34
CA SER C 46 -2.22 -22.50 -16.85
C SER C 46 -2.00 -22.62 -15.35
N SER C 47 -2.96 -23.27 -14.70
CA SER C 47 -2.86 -23.65 -13.31
C SER C 47 -3.15 -25.14 -13.19
N THR C 48 -2.69 -25.73 -12.09
CA THR C 48 -3.06 -27.11 -11.80
C THR C 48 -4.54 -27.23 -11.48
N GLY C 49 -5.12 -26.20 -10.88
CA GLY C 49 -6.47 -26.27 -10.36
C GLY C 49 -6.56 -26.43 -8.86
N ARG C 50 -5.44 -26.35 -8.15
CA ARG C 50 -5.38 -26.65 -6.74
C ARG C 50 -4.58 -25.56 -6.01
N ILE C 51 -5.07 -25.18 -4.84
CA ILE C 51 -4.42 -24.20 -3.97
C ILE C 51 -3.40 -24.92 -3.10
N CYS C 52 -2.21 -24.35 -2.98
CA CYS C 52 -1.15 -24.92 -2.16
C CYS C 52 -1.19 -24.31 -0.76
N ASN C 53 -1.17 -25.16 0.27
CA ASN C 53 -1.28 -24.70 1.65
C ASN C 53 0.08 -24.35 2.26
N SER C 54 1.09 -24.13 1.43
CA SER C 54 2.37 -23.59 1.87
C SER C 54 2.85 -22.56 0.83
N PRO C 55 3.42 -21.44 1.30
CA PRO C 55 3.76 -21.13 2.69
C PRO C 55 2.77 -20.21 3.40
N HIS C 56 1.52 -20.13 2.92
CA HIS C 56 0.52 -19.25 3.51
C HIS C 56 -0.47 -20.06 4.33
N GLN C 57 -0.80 -19.56 5.53
CA GLN C 57 -1.81 -20.20 6.36
C GLN C 57 -3.06 -20.02 5.51
N ILE C 58 -3.65 -21.13 5.08
CA ILE C 58 -4.87 -21.12 4.29
C ILE C 58 -5.91 -21.62 5.28
N LEU C 59 -7.09 -21.02 5.26
CA LEU C 59 -8.21 -21.41 6.12
C LEU C 59 -9.44 -21.63 5.25
N ASP C 60 -9.75 -22.90 4.97
CA ASP C 60 -10.93 -23.23 4.19
C ASP C 60 -12.18 -22.98 5.04
N GLY C 61 -13.02 -22.06 4.58
CA GLY C 61 -14.27 -21.78 5.26
C GLY C 61 -15.36 -22.81 5.09
N LYS C 62 -15.18 -23.73 4.13
CA LYS C 62 -16.17 -24.78 3.85
C LYS C 62 -17.56 -24.19 3.61
N ASN C 63 -18.50 -24.49 4.50
CA ASN C 63 -19.86 -24.01 4.39
C ASN C 63 -20.10 -22.70 5.12
N CYS C 64 -19.04 -22.04 5.57
CA CYS C 64 -19.17 -20.86 6.41
C CYS C 64 -18.59 -19.64 5.72
N THR C 65 -19.37 -18.56 5.71
CA THR C 65 -18.84 -17.27 5.30
C THR C 65 -18.06 -16.66 6.46
N LEU C 66 -17.15 -15.73 6.13
CA LEU C 66 -16.38 -15.06 7.16
C LEU C 66 -17.28 -14.29 8.12
N ILE C 67 -18.39 -13.76 7.61
CA ILE C 67 -19.31 -13.04 8.48
C ILE C 67 -20.04 -13.99 9.41
N ASP C 68 -20.46 -15.14 8.88
CA ASP C 68 -21.12 -16.14 9.72
C ASP C 68 -20.18 -16.62 10.82
N ALA C 69 -18.92 -16.91 10.47
CA ALA C 69 -17.96 -17.34 11.48
C ALA C 69 -17.70 -16.24 12.50
N LEU C 70 -17.67 -14.99 12.05
CA LEU C 70 -17.48 -13.87 12.97
C LEU C 70 -18.60 -13.82 14.00
N LEU C 71 -19.85 -13.84 13.54
CA LEU C 71 -20.98 -13.76 14.45
C LEU C 71 -21.08 -14.99 15.34
N GLY C 72 -20.77 -16.16 14.79
CA GLY C 72 -20.82 -17.37 15.57
C GLY C 72 -21.97 -18.29 15.21
N ASP C 73 -22.26 -18.40 13.92
CA ASP C 73 -23.24 -19.37 13.44
C ASP C 73 -22.87 -20.76 13.97
N PRO C 74 -23.83 -21.52 14.49
CA PRO C 74 -23.47 -22.81 15.13
C PRO C 74 -22.68 -23.74 14.23
N HIS C 75 -23.03 -23.87 12.96
CA HIS C 75 -22.24 -24.76 12.11
C HIS C 75 -20.88 -24.17 11.77
N CYS C 76 -20.60 -22.95 12.21
CA CYS C 76 -19.29 -22.32 12.10
C CYS C 76 -18.53 -22.35 13.42
N ASP C 77 -18.88 -23.28 14.30
CA ASP C 77 -18.27 -23.33 15.62
C ASP C 77 -16.78 -23.63 15.54
N ASP C 78 -16.36 -24.37 14.51
CA ASP C 78 -14.96 -24.78 14.40
C ASP C 78 -14.02 -23.64 14.04
N PHE C 79 -14.54 -22.44 13.79
CA PHE C 79 -13.71 -21.31 13.38
C PHE C 79 -13.47 -20.32 14.51
N GLN C 80 -13.82 -20.68 15.75
CA GLN C 80 -13.62 -19.78 16.88
C GLN C 80 -12.15 -19.44 17.07
N ASN C 81 -11.87 -18.15 17.26
CA ASN C 81 -10.54 -17.65 17.61
C ASN C 81 -9.48 -18.08 16.59
N LYS C 82 -9.92 -18.36 15.36
CA LYS C 82 -9.02 -18.80 14.30
C LYS C 82 -8.37 -17.61 13.62
N GLU C 83 -7.19 -17.85 13.05
CA GLU C 83 -6.45 -16.84 12.30
C GLU C 83 -6.09 -17.42 10.95
N TRP C 84 -5.71 -16.53 10.03
CA TRP C 84 -5.42 -16.93 8.66
C TRP C 84 -4.55 -15.89 7.99
N ASP C 85 -3.87 -16.33 6.92
CA ASP C 85 -3.34 -15.42 5.92
C ASP C 85 -4.31 -15.22 4.77
N LEU C 86 -4.95 -16.29 4.30
CA LEU C 86 -5.96 -16.22 3.25
C LEU C 86 -7.17 -17.03 3.68
N PHE C 87 -8.31 -16.36 3.82
CA PHE C 87 -9.58 -17.03 4.06
C PHE C 87 -10.24 -17.30 2.72
N VAL C 88 -10.73 -18.53 2.53
CA VAL C 88 -11.28 -18.96 1.25
C VAL C 88 -12.77 -19.24 1.44
N GLU C 89 -13.61 -18.38 0.85
CA GLU C 89 -15.06 -18.57 0.89
C GLU C 89 -15.50 -19.42 -0.29
N ARG C 90 -16.36 -20.41 -0.01
CA ARG C 90 -16.88 -21.31 -1.02
C ARG C 90 -18.28 -20.88 -1.43
N SER C 91 -18.64 -21.20 -2.67
CA SER C 91 -19.96 -20.87 -3.19
C SER C 91 -21.05 -21.74 -2.60
N THR C 92 -20.70 -22.82 -1.91
CA THR C 92 -21.67 -23.70 -1.26
C THR C 92 -22.02 -23.23 0.15
N ALA C 93 -21.39 -22.16 0.63
CA ALA C 93 -21.64 -21.70 1.99
C ALA C 93 -23.08 -21.25 2.15
N TYR C 94 -23.64 -21.54 3.33
CA TYR C 94 -24.99 -21.13 3.69
C TYR C 94 -24.99 -20.56 5.09
N SER C 95 -26.09 -19.89 5.42
CA SER C 95 -26.37 -19.41 6.77
C SER C 95 -27.48 -20.26 7.38
N ASN C 96 -27.28 -20.66 8.64
CA ASN C 96 -28.22 -21.54 9.33
C ASN C 96 -28.44 -21.03 10.75
N CYS C 97 -28.67 -19.73 10.88
CA CYS C 97 -28.97 -19.11 12.15
C CYS C 97 -30.03 -18.04 11.92
N TYR C 98 -30.19 -17.14 12.90
CA TYR C 98 -31.24 -16.13 12.83
C TYR C 98 -31.01 -15.23 11.62
N PRO C 99 -32.08 -14.83 10.92
CA PRO C 99 -31.92 -13.95 9.76
C PRO C 99 -31.27 -12.63 10.16
N TYR C 100 -30.23 -12.24 9.42
CA TYR C 100 -29.50 -11.02 9.71
C TYR C 100 -29.23 -10.26 8.42
N TYR C 101 -28.84 -9.00 8.58
CA TYR C 101 -28.54 -8.11 7.46
C TYR C 101 -27.47 -7.13 7.90
N VAL C 102 -26.52 -6.86 7.01
CA VAL C 102 -25.40 -5.96 7.31
C VAL C 102 -25.41 -4.81 6.33
N PRO C 103 -25.66 -3.57 6.78
CA PRO C 103 -25.71 -2.43 5.84
C PRO C 103 -24.44 -2.25 5.01
N ASP C 104 -23.27 -2.47 5.60
CA ASP C 104 -22.02 -2.34 4.87
C ASP C 104 -21.48 -3.73 5.12
N TYR C 105 -21.80 -4.66 4.21
CA TYR C 105 -21.48 -6.08 4.40
C TYR C 105 -20.08 -6.17 3.82
N ALA C 106 -19.85 -5.54 2.66
CA ALA C 106 -18.55 -5.62 2.01
C ALA C 106 -17.45 -4.96 2.84
N THR C 107 -17.78 -3.86 3.53
CA THR C 107 -16.79 -3.19 4.36
C THR C 107 -16.41 -4.05 5.55
N LEU C 108 -17.41 -4.63 6.23
CA LEU C 108 -17.13 -5.49 7.38
C LEU C 108 -16.31 -6.69 6.97
N ARG C 109 -16.75 -7.38 5.90
CA ARG C 109 -16.01 -8.52 5.37
C ARG C 109 -14.56 -8.14 5.06
N SER C 110 -14.37 -6.95 4.47
CA SER C 110 -13.03 -6.48 4.13
C SER C 110 -12.18 -6.29 5.37
N LEU C 111 -12.67 -5.50 6.34
CA LEU C 111 -11.86 -5.15 7.49
C LEU C 111 -11.58 -6.35 8.37
N VAL C 112 -12.52 -7.28 8.48
CA VAL C 112 -12.26 -8.50 9.23
C VAL C 112 -11.20 -9.34 8.52
N ALA C 113 -11.36 -9.52 7.20
CA ALA C 113 -10.42 -10.31 6.43
C ALA C 113 -9.02 -9.72 6.53
N SER C 114 -8.91 -8.40 6.43
CA SER C 114 -7.62 -7.76 6.53
C SER C 114 -7.02 -7.91 7.92
N SER C 115 -7.88 -7.91 8.95
CA SER C 115 -7.38 -8.12 10.31
C SER C 115 -6.81 -9.52 10.47
N GLY C 116 -7.50 -10.53 9.96
CA GLY C 116 -6.92 -11.85 9.84
C GLY C 116 -7.00 -12.73 11.06
N ASN C 117 -7.99 -12.52 11.93
CA ASN C 117 -8.22 -13.45 13.03
C ASN C 117 -9.57 -13.16 13.65
N LEU C 118 -10.12 -14.17 14.34
CA LEU C 118 -11.35 -14.05 15.09
C LEU C 118 -11.13 -14.21 16.59
N GLU C 119 -9.90 -14.06 17.05
CA GLU C 119 -9.55 -14.23 18.46
C GLU C 119 -10.42 -13.33 19.34
N PHE C 120 -11.31 -13.93 20.10
CA PHE C 120 -12.36 -13.22 20.82
C PHE C 120 -12.03 -13.17 22.31
N THR C 121 -12.29 -12.03 22.93
CA THR C 121 -12.08 -11.84 24.36
C THR C 121 -13.40 -11.55 25.04
N GLN C 122 -13.76 -12.40 26.01
CA GLN C 122 -15.01 -12.23 26.74
C GLN C 122 -14.99 -10.94 27.55
N GLU C 123 -16.17 -10.35 27.70
CA GLU C 123 -16.37 -9.20 28.59
C GLU C 123 -17.78 -9.27 29.17
N SER C 124 -17.89 -8.94 30.45
CA SER C 124 -19.18 -8.91 31.13
C SER C 124 -19.63 -7.46 31.24
N PHE C 125 -20.82 -7.16 30.71
CA PHE C 125 -21.23 -5.79 30.48
C PHE C 125 -22.09 -5.20 31.58
N ASN C 126 -22.74 -6.03 32.40
CA ASN C 126 -23.56 -5.61 33.53
C ASN C 126 -25.00 -5.19 33.25
N TRP C 127 -25.57 -5.71 32.16
CA TRP C 127 -27.01 -5.60 31.96
C TRP C 127 -27.82 -5.92 33.21
N THR C 128 -28.72 -5.02 33.58
CA THR C 128 -29.51 -5.19 34.79
C THR C 128 -30.99 -5.01 34.47
N GLY C 129 -31.82 -5.91 35.00
CA GLY C 129 -33.25 -5.84 34.81
C GLY C 129 -33.78 -6.58 33.60
N VAL C 130 -32.91 -7.23 32.82
CA VAL C 130 -33.30 -7.88 31.59
C VAL C 130 -32.82 -9.33 31.61
N ALA C 131 -33.49 -10.16 30.84
CA ALA C 131 -33.04 -11.53 30.62
C ALA C 131 -31.97 -11.55 29.54
N GLN C 132 -30.98 -12.41 29.72
CA GLN C 132 -29.92 -12.60 28.75
C GLN C 132 -30.09 -13.94 28.05
N ASP C 133 -29.23 -14.17 27.06
CA ASP C 133 -29.08 -15.49 26.43
C ASP C 133 -30.37 -15.92 25.73
N GLY C 134 -31.03 -14.99 25.07
CA GLY C 134 -32.20 -15.35 24.28
C GLY C 134 -31.82 -16.23 23.11
N SER C 135 -32.73 -17.15 22.77
CA SER C 135 -32.48 -18.16 21.75
C SER C 135 -33.63 -18.16 20.73
N SER C 136 -33.54 -19.06 19.76
CA SER C 136 -34.55 -19.09 18.70
C SER C 136 -34.59 -20.45 18.03
N TYR C 137 -35.77 -20.76 17.47
CA TYR C 137 -36.00 -21.99 16.71
C TYR C 137 -35.23 -22.01 15.40
N ALA C 138 -34.72 -20.86 14.96
CA ALA C 138 -34.04 -20.74 13.67
C ALA C 138 -32.53 -20.89 13.77
N CYS C 139 -31.99 -21.08 14.99
CA CYS C 139 -30.55 -21.13 15.20
C CYS C 139 -30.24 -22.25 16.20
N ARG C 140 -30.49 -23.49 15.79
CA ARG C 140 -30.38 -24.64 16.70
C ARG C 140 -28.94 -25.15 16.77
N ARG C 141 -28.46 -25.37 18.00
CA ARG C 141 -27.14 -25.96 18.23
C ARG C 141 -27.69 -27.25 18.82
N GLY C 142 -27.80 -28.29 17.99
CA GLY C 142 -28.29 -29.57 18.45
C GLY C 142 -29.76 -29.92 18.60
N SER C 143 -30.61 -29.26 17.82
CA SER C 143 -32.08 -29.34 17.85
C SER C 143 -32.52 -28.52 19.05
N VAL C 144 -31.59 -28.18 19.94
CA VAL C 144 -31.86 -27.19 20.99
C VAL C 144 -31.71 -25.76 20.52
N ASN C 145 -32.56 -24.87 21.01
CA ASN C 145 -32.56 -23.50 20.53
C ASN C 145 -31.28 -22.88 21.10
N SER C 146 -30.71 -21.98 20.33
CA SER C 146 -29.56 -21.19 20.74
C SER C 146 -29.44 -20.01 19.78
N PHE C 147 -28.29 -19.34 19.81
CA PHE C 147 -28.14 -18.06 19.12
C PHE C 147 -26.70 -17.95 18.62
N PHE C 148 -26.39 -16.81 18.01
CA PHE C 148 -25.02 -16.52 17.62
C PHE C 148 -24.12 -16.55 18.86
N SER C 149 -23.03 -17.31 18.77
CA SER C 149 -22.17 -17.53 19.93
C SER C 149 -21.53 -16.23 20.42
N ARG C 150 -21.43 -15.21 19.58
CA ARG C 150 -20.75 -13.97 19.93
C ARG C 150 -21.71 -12.81 20.13
N LEU C 151 -23.02 -13.06 20.18
CA LEU C 151 -24.01 -12.03 20.42
C LEU C 151 -24.89 -12.43 21.60
N ASN C 152 -25.48 -11.43 22.25
CA ASN C 152 -26.28 -11.64 23.44
C ASN C 152 -27.64 -10.98 23.25
N TRP C 153 -28.69 -11.80 23.12
CA TRP C 153 -30.05 -11.31 22.91
C TRP C 153 -30.64 -10.91 24.25
N LEU C 154 -30.90 -9.62 24.44
CA LEU C 154 -31.50 -9.12 25.66
C LEU C 154 -33.00 -8.99 25.45
N TYR C 155 -33.78 -9.47 26.42
CA TYR C 155 -35.23 -9.41 26.34
C TYR C 155 -35.80 -9.25 27.74
N ASN C 156 -37.13 -9.21 27.83
CA ASN C 156 -37.79 -8.86 29.08
C ASN C 156 -37.46 -9.84 30.20
N LEU C 157 -37.60 -9.37 31.43
CA LEU C 157 -37.39 -10.16 32.64
C LEU C 157 -38.57 -9.92 33.57
N ASN C 158 -39.42 -10.95 33.73
CA ASN C 158 -40.68 -10.82 34.45
C ASN C 158 -41.52 -9.69 33.89
N TYR C 159 -41.47 -9.54 32.56
CA TYR C 159 -42.29 -8.59 31.81
C TYR C 159 -41.92 -7.15 32.16
N LYS C 160 -40.64 -6.92 32.42
CA LYS C 160 -40.05 -5.60 32.53
C LYS C 160 -38.81 -5.54 31.64
N TYR C 161 -38.55 -4.38 31.06
CA TYR C 161 -37.33 -4.12 30.30
C TYR C 161 -36.89 -2.69 30.57
N PRO C 162 -36.09 -2.48 31.61
CA PRO C 162 -35.60 -1.13 31.90
C PRO C 162 -34.58 -0.69 30.85
N GLU C 163 -34.56 0.63 30.60
CA GLU C 163 -33.61 1.19 29.65
C GLU C 163 -32.19 0.96 30.15
N GLN C 164 -31.32 0.53 29.24
CA GLN C 164 -29.97 0.12 29.61
C GLN C 164 -28.98 1.23 29.33
N ASN C 165 -28.00 1.39 30.22
CA ASN C 165 -26.90 2.33 30.05
C ASN C 165 -25.63 1.64 30.52
N VAL C 166 -24.64 1.54 29.64
CA VAL C 166 -23.49 0.68 29.89
C VAL C 166 -22.24 1.33 29.30
N THR C 167 -21.12 1.20 30.02
CA THR C 167 -19.82 1.62 29.54
C THR C 167 -18.87 0.41 29.49
N MET C 168 -17.79 0.56 28.75
CA MET C 168 -16.75 -0.47 28.67
C MET C 168 -15.45 0.15 28.17
N PRO C 169 -14.58 0.59 29.06
CA PRO C 169 -13.40 1.35 28.65
C PRO C 169 -12.32 0.46 28.06
N ASN C 170 -11.57 1.04 27.10
CA ASN C 170 -10.46 0.35 26.45
C ASN C 170 -9.18 0.81 27.15
N ASN C 171 -8.79 0.07 28.19
CA ASN C 171 -7.55 0.34 28.89
C ASN C 171 -6.37 -0.47 28.37
N ASP C 172 -6.63 -1.42 27.46
CA ASP C 172 -5.55 -2.12 26.80
C ASP C 172 -4.86 -1.21 25.80
N LYS C 173 -3.88 -1.75 25.08
CA LYS C 173 -2.98 -0.96 24.27
C LYS C 173 -3.30 -1.01 22.78
N PHE C 174 -4.33 -1.73 22.37
CA PHE C 174 -4.66 -1.94 20.96
C PHE C 174 -6.09 -1.51 20.68
N ASP C 175 -6.54 -1.75 19.45
CA ASP C 175 -7.87 -1.37 19.03
C ASP C 175 -8.84 -2.53 19.19
N LYS C 176 -9.97 -2.27 19.83
CA LYS C 176 -11.01 -3.27 20.03
C LYS C 176 -12.09 -3.12 18.97
N LEU C 177 -12.55 -4.25 18.43
CA LEU C 177 -13.65 -4.28 17.47
C LEU C 177 -14.85 -4.97 18.11
N TYR C 178 -15.93 -4.22 18.29
CA TYR C 178 -17.16 -4.76 18.83
C TYR C 178 -18.18 -4.97 17.72
N ILE C 179 -18.85 -6.12 17.74
CA ILE C 179 -19.90 -6.45 16.80
C ILE C 179 -21.21 -6.54 17.59
N TRP C 180 -22.20 -5.74 17.20
CA TRP C 180 -23.48 -5.70 17.89
C TRP C 180 -24.59 -5.66 16.85
N GLY C 181 -25.83 -5.58 17.34
CA GLY C 181 -26.96 -5.62 16.44
C GLY C 181 -28.22 -5.01 17.04
N VAL C 182 -29.24 -4.89 16.19
CA VAL C 182 -30.53 -4.35 16.57
C VAL C 182 -31.61 -5.29 16.03
N HIS C 183 -32.64 -5.52 16.83
CA HIS C 183 -33.70 -6.46 16.47
C HIS C 183 -34.91 -5.69 15.93
N HIS C 184 -35.37 -6.10 14.75
CA HIS C 184 -36.55 -5.53 14.11
C HIS C 184 -37.63 -6.60 14.10
N PRO C 185 -38.52 -6.63 15.10
CA PRO C 185 -39.54 -7.68 15.14
C PRO C 185 -40.54 -7.53 14.00
N GLY C 186 -41.23 -8.64 13.73
CA GLY C 186 -42.15 -8.67 12.60
C GLY C 186 -43.49 -8.03 12.85
N THR C 187 -43.97 -8.06 14.11
CA THR C 187 -45.28 -7.53 14.49
C THR C 187 -45.15 -6.63 15.72
N ASP C 188 -46.11 -5.71 15.85
CA ASP C 188 -46.16 -4.85 17.03
C ASP C 188 -46.30 -5.68 18.30
N LYS C 189 -47.03 -6.79 18.24
CA LYS C 189 -47.22 -7.61 19.43
C LYS C 189 -45.96 -8.39 19.79
N ASP C 190 -45.17 -8.80 18.79
CA ASP C 190 -43.88 -9.41 19.08
C ASP C 190 -42.94 -8.41 19.73
N GLN C 191 -43.05 -7.13 19.37
CA GLN C 191 -42.24 -6.08 19.98
C GLN C 191 -42.52 -5.98 21.49
N THR C 192 -43.79 -6.01 21.88
CA THR C 192 -44.13 -5.82 23.29
C THR C 192 -43.88 -7.08 24.11
N ASN C 193 -44.14 -8.26 23.53
CA ASN C 193 -43.84 -9.51 24.24
C ASN C 193 -42.35 -9.65 24.55
N LEU C 194 -41.48 -8.98 23.78
CA LEU C 194 -40.03 -9.03 23.96
C LEU C 194 -39.48 -7.88 24.80
N TYR C 195 -39.88 -6.64 24.51
CA TYR C 195 -39.28 -5.46 25.13
C TYR C 195 -40.31 -4.57 25.82
N VAL C 196 -41.56 -5.02 25.93
CA VAL C 196 -42.67 -4.35 26.60
C VAL C 196 -42.94 -2.94 26.05
N GLN C 197 -41.89 -2.13 25.86
CA GLN C 197 -42.11 -0.78 25.37
C GLN C 197 -42.27 -0.79 23.85
N ALA C 198 -42.89 0.27 23.34
CA ALA C 198 -42.89 0.51 21.91
C ALA C 198 -41.46 0.77 21.44
N SER C 199 -41.28 0.78 20.12
CA SER C 199 -39.95 0.88 19.55
C SER C 199 -39.24 2.15 20.03
N GLY C 200 -37.93 2.03 20.24
CA GLY C 200 -37.16 3.12 20.79
C GLY C 200 -35.77 3.03 20.20
N ARG C 201 -34.85 3.87 20.68
CA ARG C 201 -33.50 3.94 20.12
C ARG C 201 -32.34 3.17 20.72
N VAL C 202 -31.30 2.96 19.91
CA VAL C 202 -30.03 2.41 20.36
C VAL C 202 -28.94 3.40 19.95
N ILE C 203 -28.17 3.87 20.93
CA ILE C 203 -27.15 4.89 20.72
C ILE C 203 -25.82 4.32 21.20
N VAL C 204 -24.98 3.92 20.26
CA VAL C 204 -23.65 3.38 20.55
C VAL C 204 -22.62 4.40 20.08
N SER C 205 -21.83 4.91 21.02
CA SER C 205 -20.94 6.02 20.73
C SER C 205 -19.57 5.80 21.35
N THR C 206 -18.57 6.49 20.79
CA THR C 206 -17.26 6.65 21.41
C THR C 206 -16.88 8.12 21.31
N LYS C 207 -15.65 8.46 21.69
CA LYS C 207 -15.18 9.84 21.54
C LYS C 207 -14.99 10.26 20.09
N ARG C 208 -14.96 9.31 19.15
CA ARG C 208 -14.89 9.60 17.72
C ARG C 208 -15.94 8.99 16.82
N SER C 209 -16.68 8.00 17.29
CA SER C 209 -17.68 7.34 16.48
C SER C 209 -19.01 7.79 17.08
N GLN C 210 -20.07 7.64 16.29
CA GLN C 210 -21.41 8.04 16.71
C GLN C 210 -22.39 7.27 15.86
N GLN C 211 -23.18 6.39 16.50
CA GLN C 211 -24.11 5.53 15.78
C GLN C 211 -25.45 5.51 16.48
N THR C 212 -26.53 5.65 15.71
CA THR C 212 -27.88 5.57 16.23
C THR C 212 -28.72 4.72 15.28
N VAL C 213 -29.41 3.74 15.84
CA VAL C 213 -30.31 2.87 15.10
C VAL C 213 -31.69 2.98 15.72
N ILE C 214 -32.69 3.19 14.86
CA ILE C 214 -34.09 3.20 15.29
C ILE C 214 -34.73 1.90 14.80
N PRO C 215 -35.16 1.03 15.70
CA PRO C 215 -35.82 -0.22 15.26
C PRO C 215 -37.07 0.09 14.47
N ASN C 216 -37.33 -0.72 13.45
CA ASN C 216 -38.47 -0.52 12.57
C ASN C 216 -39.26 -1.83 12.49
N ILE C 217 -40.39 -1.87 13.18
CA ILE C 217 -41.23 -3.06 13.19
C ILE C 217 -41.90 -3.21 11.83
N GLY C 218 -41.89 -4.43 11.31
CA GLY C 218 -42.50 -4.67 10.01
C GLY C 218 -42.27 -6.09 9.56
N SER C 219 -43.15 -6.54 8.67
CA SER C 219 -43.11 -7.91 8.18
C SER C 219 -41.93 -8.05 7.22
N ARG C 220 -40.94 -8.85 7.60
CA ARG C 220 -39.82 -9.21 6.74
C ARG C 220 -40.05 -10.58 6.13
N PRO C 221 -39.29 -10.96 5.09
CA PRO C 221 -39.49 -12.28 4.48
C PRO C 221 -39.24 -13.41 5.48
N TRP C 222 -40.19 -14.33 5.55
CA TRP C 222 -40.08 -15.48 6.43
C TRP C 222 -38.81 -16.27 6.11
N VAL C 223 -37.97 -16.47 7.12
CA VAL C 223 -36.74 -17.24 6.98
C VAL C 223 -36.60 -18.13 8.21
N ARG C 224 -36.51 -19.44 7.99
CA ARG C 224 -36.17 -20.42 9.02
C ARG C 224 -37.13 -20.38 10.21
N GLY C 225 -38.34 -19.88 10.02
CA GLY C 225 -39.35 -19.89 11.07
C GLY C 225 -39.79 -18.52 11.55
N VAL C 226 -39.16 -17.44 11.14
CA VAL C 226 -39.46 -16.12 11.66
C VAL C 226 -39.56 -15.12 10.51
N SER C 227 -40.32 -14.05 10.74
CA SER C 227 -40.42 -12.94 9.80
C SER C 227 -39.74 -11.68 10.33
N SER C 228 -38.73 -11.84 11.17
CA SER C 228 -37.93 -10.76 11.71
C SER C 228 -36.54 -10.78 11.09
N ILE C 229 -35.75 -9.75 11.38
CA ILE C 229 -34.40 -9.61 10.84
C ILE C 229 -33.58 -8.81 11.84
N ILE C 230 -32.31 -9.16 11.96
CA ILE C 230 -31.36 -8.46 12.81
C ILE C 230 -30.42 -7.66 11.92
N SER C 231 -30.24 -6.38 12.25
CA SER C 231 -29.22 -5.56 11.61
C SER C 231 -27.92 -5.69 12.38
N ILE C 232 -26.80 -5.68 11.67
CA ILE C 232 -25.49 -5.89 12.26
C ILE C 232 -24.63 -4.65 12.04
N TYR C 233 -24.01 -4.16 13.11
CA TYR C 233 -23.15 -2.99 13.07
C TYR C 233 -21.84 -3.30 13.78
N TRP C 234 -20.82 -2.51 13.47
CA TRP C 234 -19.49 -2.69 14.05
C TRP C 234 -18.96 -1.36 14.58
N THR C 235 -18.10 -1.45 15.59
CA THR C 235 -17.51 -0.28 16.23
C THR C 235 -16.09 -0.62 16.63
N ILE C 236 -15.17 0.29 16.33
CA ILE C 236 -13.79 0.19 16.77
C ILE C 236 -13.57 1.18 17.91
N VAL C 237 -12.88 0.74 18.96
CA VAL C 237 -12.62 1.56 20.13
C VAL C 237 -11.10 1.70 20.27
N LYS C 238 -10.61 2.92 20.06
CA LYS C 238 -9.19 3.19 20.17
C LYS C 238 -8.73 3.03 21.62
N PRO C 239 -7.41 2.90 21.84
CA PRO C 239 -6.91 2.90 23.21
C PRO C 239 -7.09 4.26 23.86
N GLY C 240 -7.39 4.25 25.15
CA GLY C 240 -7.75 5.46 25.85
C GLY C 240 -9.13 5.98 25.53
N ASP C 241 -9.89 5.27 24.70
CA ASP C 241 -11.25 5.64 24.34
C ASP C 241 -12.22 4.73 25.09
N ILE C 242 -13.52 4.94 24.86
CA ILE C 242 -14.55 4.28 25.64
C ILE C 242 -15.73 3.95 24.74
N LEU C 243 -16.17 2.70 24.76
CA LEU C 243 -17.44 2.31 24.15
C LEU C 243 -18.58 2.58 25.13
N LEU C 244 -19.70 3.03 24.60
CA LEU C 244 -20.81 3.49 25.43
C LEU C 244 -22.13 3.19 24.73
N ILE C 245 -22.94 2.33 25.34
CA ILE C 245 -24.21 1.89 24.78
C ILE C 245 -25.35 2.45 25.62
N ASN C 246 -26.33 3.08 24.96
CA ASN C 246 -27.58 3.45 25.58
C ASN C 246 -28.71 3.00 24.67
N SER C 247 -29.55 2.09 25.15
CA SER C 247 -30.59 1.48 24.33
C SER C 247 -31.87 1.30 25.13
N THR C 248 -32.99 1.69 24.54
CA THR C 248 -34.31 1.47 25.14
C THR C 248 -34.78 0.04 24.99
N GLY C 249 -34.13 -0.75 24.15
CA GLY C 249 -34.57 -2.08 23.84
C GLY C 249 -34.09 -2.48 22.46
N ASN C 250 -34.56 -3.64 22.01
CA ASN C 250 -34.27 -4.18 20.68
C ASN C 250 -32.78 -4.35 20.43
N LEU C 251 -31.97 -4.48 21.49
CA LEU C 251 -30.53 -4.52 21.35
C LEU C 251 -30.03 -5.96 21.38
N ILE C 252 -29.31 -6.34 20.34
CA ILE C 252 -28.57 -7.61 20.30
C ILE C 252 -27.15 -7.27 20.74
N ALA C 253 -26.88 -7.46 22.02
CA ALA C 253 -25.70 -6.94 22.68
C ALA C 253 -24.45 -7.76 22.35
N PRO C 254 -23.28 -7.13 22.34
CA PRO C 254 -22.03 -7.87 22.16
C PRO C 254 -21.62 -8.59 23.45
N ARG C 255 -20.95 -9.73 23.27
CA ARG C 255 -20.41 -10.47 24.40
C ARG C 255 -18.95 -10.14 24.68
N GLY C 256 -18.30 -9.40 23.80
CA GLY C 256 -16.89 -9.08 23.96
C GLY C 256 -16.37 -8.39 22.73
N TYR C 257 -15.05 -8.48 22.53
CA TYR C 257 -14.40 -7.77 21.44
C TYR C 257 -13.46 -8.69 20.67
N PHE C 258 -13.24 -8.34 19.41
CA PHE C 258 -12.22 -8.95 18.57
C PHE C 258 -10.99 -8.04 18.55
N LYS C 259 -9.82 -8.66 18.35
CA LYS C 259 -8.59 -7.89 18.21
C LYS C 259 -8.44 -7.44 16.77
N ILE C 260 -8.13 -6.15 16.58
CA ILE C 260 -7.87 -5.60 15.25
C ILE C 260 -6.36 -5.65 15.05
N GLN C 261 -5.90 -6.73 14.43
CA GLN C 261 -4.55 -6.77 13.90
C GLN C 261 -4.52 -6.06 12.54
N SER C 262 -3.33 -5.78 12.06
CA SER C 262 -3.15 -5.17 10.74
C SER C 262 -1.95 -5.86 10.10
N GLY C 263 -2.23 -6.80 9.19
CA GLY C 263 -1.17 -7.55 8.55
C GLY C 263 -1.39 -7.76 7.06
N LYS C 264 -0.89 -8.88 6.54
CA LYS C 264 -0.92 -9.17 5.12
C LYS C 264 -1.99 -10.21 4.79
N SER C 265 -3.07 -10.25 5.54
CA SER C 265 -4.11 -11.25 5.38
C SER C 265 -5.27 -10.68 4.57
N SER C 266 -5.99 -11.56 3.89
CA SER C 266 -7.08 -11.16 3.00
C SER C 266 -8.05 -12.34 2.85
N ILE C 267 -8.98 -12.20 1.90
CA ILE C 267 -10.00 -13.21 1.67
C ILE C 267 -10.14 -13.40 0.16
N MET C 268 -10.59 -14.59 -0.25
CA MET C 268 -10.71 -14.91 -1.67
C MET C 268 -11.89 -15.85 -1.87
N ARG C 269 -12.57 -15.69 -3.00
CA ARG C 269 -13.70 -16.56 -3.36
C ARG C 269 -13.20 -17.59 -4.37
N SER C 270 -13.23 -18.86 -3.97
CA SER C 270 -12.76 -19.94 -4.84
C SER C 270 -13.41 -21.25 -4.42
N ASP C 271 -13.46 -22.19 -5.36
CA ASP C 271 -13.89 -23.55 -5.08
C ASP C 271 -12.79 -24.56 -5.36
N ALA C 272 -11.55 -24.10 -5.45
CA ALA C 272 -10.44 -25.00 -5.73
C ALA C 272 -10.09 -25.83 -4.51
N HIS C 273 -9.76 -27.10 -4.72
CA HIS C 273 -9.32 -27.96 -3.65
C HIS C 273 -7.94 -27.53 -3.16
N ILE C 274 -7.60 -27.96 -1.95
CA ILE C 274 -6.34 -27.60 -1.31
C ILE C 274 -5.45 -28.83 -1.24
N ASP C 275 -4.32 -28.77 -1.93
CA ASP C 275 -3.30 -29.81 -1.87
C ASP C 275 -2.23 -29.45 -0.85
N GLU C 276 -1.31 -30.39 -0.65
CA GLU C 276 -0.05 -30.11 0.04
C GLU C 276 1.02 -29.92 -1.05
N CYS C 277 1.27 -28.67 -1.39
CA CYS C 277 2.33 -28.30 -2.33
C CYS C 277 2.93 -26.99 -1.84
N ASN C 278 3.75 -26.37 -2.68
CA ASN C 278 4.40 -25.13 -2.29
C ASN C 278 4.45 -24.18 -3.48
N SER C 279 3.78 -23.04 -3.36
CA SER C 279 3.88 -21.96 -4.33
C SER C 279 3.37 -20.69 -3.69
N GLU C 280 4.05 -19.58 -3.97
CA GLU C 280 3.81 -18.31 -3.29
C GLU C 280 2.58 -17.58 -3.82
N CYS C 281 2.04 -17.96 -4.97
CA CYS C 281 0.97 -17.22 -5.62
C CYS C 281 -0.32 -18.03 -5.61
N ILE C 282 -1.42 -17.38 -5.25
CA ILE C 282 -2.73 -18.01 -5.18
C ILE C 282 -3.71 -17.22 -6.03
N THR C 283 -4.50 -17.93 -6.84
CA THR C 283 -5.60 -17.36 -7.61
C THR C 283 -6.84 -18.20 -7.36
N PRO C 284 -8.05 -17.63 -7.59
CA PRO C 284 -9.27 -18.42 -7.39
C PRO C 284 -9.29 -19.71 -8.20
N ASN C 285 -8.49 -19.76 -9.26
CA ASN C 285 -8.35 -20.93 -10.09
C ASN C 285 -7.28 -21.89 -9.59
N GLY C 286 -6.67 -21.61 -8.44
CA GLY C 286 -5.61 -22.42 -7.89
C GLY C 286 -4.29 -21.67 -7.89
N SER C 287 -3.26 -22.37 -7.44
CA SER C 287 -1.91 -21.79 -7.39
C SER C 287 -1.27 -21.84 -8.77
N ILE C 288 -0.47 -20.81 -9.05
CA ILE C 288 0.29 -20.75 -10.30
C ILE C 288 1.75 -20.49 -9.97
N PRO C 289 2.68 -20.94 -10.80
CA PRO C 289 4.09 -20.63 -10.54
C PRO C 289 4.39 -19.16 -10.86
N ASN C 290 5.29 -18.58 -10.08
CA ASN C 290 5.67 -17.18 -10.25
C ASN C 290 7.06 -17.03 -10.88
N ASP C 291 7.50 -18.03 -11.66
CA ASP C 291 8.79 -17.93 -12.34
C ASP C 291 8.72 -16.98 -13.53
N LYS C 292 7.50 -16.65 -14.01
CA LYS C 292 7.28 -15.73 -15.12
C LYS C 292 6.80 -14.37 -14.60
N PRO C 293 7.06 -13.29 -15.33
CA PRO C 293 6.68 -11.96 -14.83
C PRO C 293 5.21 -11.62 -15.03
N PHE C 294 4.52 -12.28 -15.96
CA PHE C 294 3.13 -11.97 -16.24
C PHE C 294 2.31 -13.26 -16.17
N GLN C 295 1.00 -13.08 -16.05
CA GLN C 295 0.09 -14.23 -15.98
C GLN C 295 -1.24 -13.86 -16.63
N ASN C 296 -1.93 -14.89 -17.12
CA ASN C 296 -3.20 -14.74 -17.81
C ASN C 296 -4.30 -15.55 -17.12
N VAL C 297 -4.07 -15.95 -15.88
CA VAL C 297 -5.00 -16.84 -15.19
C VAL C 297 -6.17 -16.07 -14.60
N ASN C 298 -5.88 -15.06 -13.78
CA ASN C 298 -6.94 -14.30 -13.12
C ASN C 298 -6.36 -13.01 -12.57
N LYS C 299 -7.15 -11.93 -12.63
CA LYS C 299 -6.73 -10.66 -12.06
C LYS C 299 -6.82 -10.67 -10.54
N ILE C 300 -7.50 -11.64 -9.95
CA ILE C 300 -7.54 -11.80 -8.50
C ILE C 300 -6.37 -12.68 -8.08
N THR C 301 -5.46 -12.12 -7.27
CA THR C 301 -4.27 -12.85 -6.83
C THR C 301 -3.96 -12.51 -5.38
N TYR C 302 -3.19 -13.40 -4.75
CA TYR C 302 -2.67 -13.17 -3.41
C TYR C 302 -1.28 -13.78 -3.33
N GLY C 303 -0.32 -12.99 -2.86
CA GLY C 303 1.05 -13.47 -2.71
C GLY C 303 1.96 -12.83 -3.75
N ALA C 304 3.17 -13.38 -3.83
CA ALA C 304 4.16 -12.95 -4.83
C ALA C 304 3.73 -13.52 -6.18
N CYS C 305 3.05 -12.70 -6.97
CA CYS C 305 2.41 -13.19 -8.18
C CYS C 305 2.92 -12.46 -9.42
N PRO C 306 2.91 -13.14 -10.56
CA PRO C 306 3.07 -12.43 -11.83
C PRO C 306 1.95 -11.42 -12.01
N ARG C 307 2.23 -10.39 -12.79
CA ARG C 307 1.25 -9.33 -13.01
C ARG C 307 0.28 -9.73 -14.11
N TYR C 308 -1.00 -9.46 -13.89
CA TYR C 308 -2.03 -9.90 -14.82
C TYR C 308 -2.01 -9.07 -16.10
N VAL C 309 -2.13 -9.74 -17.24
CA VAL C 309 -2.14 -9.10 -18.55
C VAL C 309 -3.20 -9.76 -19.42
N LYS C 310 -3.54 -9.10 -20.53
CA LYS C 310 -4.59 -9.60 -21.41
C LYS C 310 -4.08 -10.61 -22.43
N GLN C 311 -2.83 -10.49 -22.85
CA GLN C 311 -2.25 -11.46 -23.76
C GLN C 311 -2.17 -12.82 -23.09
N ASN C 312 -2.29 -13.88 -23.88
CA ASN C 312 -2.11 -15.23 -23.38
C ASN C 312 -0.75 -15.80 -23.74
N THR C 313 0.04 -15.09 -24.53
CA THR C 313 1.40 -15.52 -24.83
C THR C 313 2.23 -14.30 -25.20
N LEU C 314 3.47 -14.27 -24.70
CA LEU C 314 4.46 -13.25 -25.07
C LEU C 314 5.82 -13.94 -25.08
N LYS C 315 6.31 -14.27 -26.28
CA LYS C 315 7.55 -15.00 -26.45
C LYS C 315 8.73 -14.04 -26.41
N LEU C 316 9.65 -14.26 -25.48
CA LEU C 316 10.88 -13.48 -25.38
C LEU C 316 11.98 -14.24 -26.10
N ALA C 317 12.58 -13.60 -27.10
CA ALA C 317 13.63 -14.24 -27.86
C ALA C 317 14.85 -14.49 -26.99
N THR C 318 15.35 -15.72 -27.02
CA THR C 318 16.55 -16.09 -26.28
C THR C 318 17.64 -16.64 -27.20
N GLY C 319 17.56 -16.31 -28.49
CA GLY C 319 18.56 -16.75 -29.44
C GLY C 319 18.55 -15.83 -30.65
N MET C 320 19.45 -16.10 -31.59
CA MET C 320 19.57 -15.26 -32.77
C MET C 320 18.49 -15.59 -33.79
N ARG C 321 18.43 -14.78 -34.83
CA ARG C 321 17.53 -15.05 -35.96
C ARG C 321 17.85 -16.42 -36.55
N ASN C 322 16.82 -17.18 -36.89
CA ASN C 322 16.97 -18.51 -37.43
C ASN C 322 16.87 -18.45 -38.95
N VAL C 323 17.99 -18.68 -39.63
CA VAL C 323 18.04 -18.66 -41.09
C VAL C 323 18.46 -20.05 -41.55
N PRO C 324 17.51 -20.91 -41.91
CA PRO C 324 17.84 -22.29 -42.28
C PRO C 324 18.38 -22.38 -43.70
N GLU C 325 18.79 -23.59 -44.06
CA GLU C 325 19.52 -23.82 -45.29
C GLU C 325 18.57 -24.23 -46.42
N LYS C 326 19.11 -24.20 -47.63
CA LYS C 326 18.40 -24.68 -48.82
C LYS C 326 19.21 -25.77 -49.52
N GLY D 1 18.83 -7.38 -39.88
CA GLY D 1 19.49 -6.84 -38.70
C GLY D 1 20.20 -5.57 -39.12
N ILE D 2 20.58 -4.75 -38.17
CA ILE D 2 21.20 -3.48 -38.47
C ILE D 2 22.64 -3.57 -38.87
N PHE D 3 23.23 -4.73 -38.70
CA PHE D 3 24.66 -4.94 -38.94
C PHE D 3 24.83 -5.76 -40.21
N GLY D 4 23.76 -6.32 -40.75
CA GLY D 4 23.79 -6.89 -42.09
C GLY D 4 24.55 -8.19 -42.24
N ALA D 5 24.78 -8.92 -41.15
CA ALA D 5 25.50 -10.19 -41.24
C ALA D 5 24.67 -11.47 -41.12
N ILE D 6 23.76 -11.51 -40.14
CA ILE D 6 22.90 -12.67 -39.98
C ILE D 6 21.67 -12.32 -40.81
N ALA D 7 21.24 -13.28 -41.66
CA ALA D 7 20.26 -13.01 -42.71
C ALA D 7 20.72 -11.86 -43.60
N GLY D 8 22.02 -11.57 -43.58
CA GLY D 8 22.62 -10.53 -44.38
C GLY D 8 23.63 -11.11 -45.36
N PHE D 9 24.91 -10.74 -45.22
CA PHE D 9 25.91 -11.28 -46.13
C PHE D 9 26.29 -12.72 -45.81
N ILE D 10 25.84 -13.26 -44.68
CA ILE D 10 25.78 -14.70 -44.47
C ILE D 10 24.43 -15.17 -44.97
N GLU D 11 24.42 -16.02 -46.00
CA GLU D 11 23.16 -16.34 -46.67
C GLU D 11 22.28 -17.25 -45.82
N ASN D 12 22.87 -18.05 -44.94
CA ASN D 12 22.10 -18.88 -44.02
C ASN D 12 23.03 -19.42 -42.94
N GLY D 13 22.41 -20.03 -41.92
CA GLY D 13 23.14 -20.61 -40.81
C GLY D 13 23.49 -22.07 -41.04
N TRP D 14 24.15 -22.64 -40.05
CA TRP D 14 24.63 -24.02 -40.12
C TRP D 14 23.90 -24.86 -39.08
N GLU D 15 22.93 -25.66 -39.52
CA GLU D 15 22.30 -26.62 -38.62
C GLU D 15 23.30 -27.64 -38.10
N GLY D 16 24.43 -27.81 -38.80
CA GLY D 16 25.40 -28.79 -38.41
C GLY D 16 26.31 -28.38 -37.27
N MET D 17 26.24 -27.11 -36.85
CA MET D 17 27.05 -26.62 -35.74
C MET D 17 26.23 -26.69 -34.47
N VAL D 18 26.72 -27.47 -33.49
CA VAL D 18 25.95 -27.77 -32.28
C VAL D 18 26.75 -27.48 -31.02
N ASP D 19 28.06 -27.28 -31.17
CA ASP D 19 28.91 -26.99 -30.03
C ASP D 19 29.09 -25.49 -29.77
N GLY D 20 28.39 -24.64 -30.52
CA GLY D 20 28.50 -23.21 -30.33
C GLY D 20 27.51 -22.47 -31.20
N TRP D 21 27.50 -21.15 -31.05
CA TRP D 21 26.61 -20.29 -31.82
C TRP D 21 27.28 -19.71 -33.07
N TYR D 22 28.51 -19.23 -32.93
CA TYR D 22 29.30 -18.75 -34.05
C TYR D 22 30.55 -19.62 -34.18
N GLY D 23 31.03 -19.79 -35.40
CA GLY D 23 32.13 -20.69 -35.60
C GLY D 23 32.77 -20.55 -36.97
N PHE D 24 33.63 -21.51 -37.29
CA PHE D 24 34.46 -21.51 -38.49
C PHE D 24 34.18 -22.73 -39.34
N ARG D 25 34.53 -22.60 -40.63
CA ARG D 25 34.53 -23.71 -41.57
C ARG D 25 35.60 -23.41 -42.61
N HIS D 26 36.43 -24.40 -42.91
CA HIS D 26 37.61 -24.17 -43.73
C HIS D 26 37.78 -25.31 -44.73
N GLN D 27 38.76 -25.10 -45.63
CA GLN D 27 39.13 -26.11 -46.62
C GLN D 27 40.59 -25.90 -46.99
N ASN D 28 41.41 -26.91 -46.73
CA ASN D 28 42.78 -26.96 -47.22
C ASN D 28 42.87 -27.98 -48.35
N SER D 29 44.10 -28.29 -48.76
CA SER D 29 44.34 -29.59 -49.38
C SER D 29 44.25 -30.71 -48.36
N GLU D 30 44.43 -30.39 -47.07
CA GLU D 30 44.27 -31.34 -45.96
C GLU D 30 42.83 -31.80 -45.76
N GLY D 31 41.86 -31.13 -46.38
CA GLY D 31 40.47 -31.43 -46.17
C GLY D 31 39.77 -30.32 -45.42
N THR D 32 38.49 -30.58 -45.10
CA THR D 32 37.63 -29.58 -44.50
C THR D 32 37.36 -29.89 -43.04
N GLY D 33 37.11 -28.84 -42.27
CA GLY D 33 36.84 -28.97 -40.85
C GLY D 33 35.88 -27.89 -40.37
N GLN D 34 35.51 -27.99 -39.10
CA GLN D 34 34.55 -27.06 -38.50
C GLN D 34 34.86 -26.94 -37.01
N ALA D 35 34.73 -25.73 -36.49
CA ALA D 35 35.00 -25.47 -35.08
C ALA D 35 34.26 -24.22 -34.65
N ALA D 36 33.65 -24.29 -33.46
CA ALA D 36 32.94 -23.14 -32.92
C ALA D 36 33.92 -22.16 -32.27
N ASP D 37 33.48 -20.90 -32.17
CA ASP D 37 34.26 -19.86 -31.50
C ASP D 37 33.64 -19.63 -30.13
N LEU D 38 34.38 -19.97 -29.08
CA LEU D 38 33.86 -19.89 -27.72
C LEU D 38 33.64 -18.45 -27.29
N LYS D 39 34.52 -17.54 -27.72
CA LYS D 39 34.49 -16.18 -27.18
C LYS D 39 33.23 -15.44 -27.62
N SER D 40 32.90 -15.50 -28.91
CA SER D 40 31.73 -14.78 -29.40
C SER D 40 30.44 -15.46 -28.96
N THR D 41 30.42 -16.79 -28.95
CA THR D 41 29.27 -17.53 -28.42
C THR D 41 29.00 -17.14 -26.96
N GLN D 42 30.06 -17.05 -26.15
CA GLN D 42 29.88 -16.69 -24.75
C GLN D 42 29.37 -15.27 -24.60
N ALA D 43 29.91 -14.33 -25.40
CA ALA D 43 29.50 -12.94 -25.30
C ALA D 43 28.00 -12.78 -25.54
N ALA D 44 27.47 -13.46 -26.55
CA ALA D 44 26.04 -13.32 -26.86
C ALA D 44 25.18 -13.98 -25.80
N ILE D 45 25.58 -15.16 -25.32
CA ILE D 45 24.79 -15.87 -24.31
C ILE D 45 24.71 -15.05 -23.02
N ASN D 46 25.85 -14.48 -22.59
CA ASN D 46 25.87 -13.75 -21.33
C ASN D 46 25.00 -12.50 -21.37
N GLN D 47 24.87 -11.88 -22.54
CA GLN D 47 23.99 -10.72 -22.67
C GLN D 47 22.52 -11.15 -22.60
N ILE D 48 22.17 -12.25 -23.28
CA ILE D 48 20.79 -12.69 -23.31
C ILE D 48 20.37 -13.26 -21.95
N THR D 49 21.24 -14.06 -21.34
CA THR D 49 20.98 -14.49 -19.97
C THR D 49 20.83 -13.30 -19.04
N GLY D 50 21.65 -12.25 -19.26
CA GLY D 50 21.57 -11.07 -18.41
C GLY D 50 20.24 -10.35 -18.54
N LYS D 51 19.78 -10.17 -19.78
CA LYS D 51 18.48 -9.51 -19.96
C LYS D 51 17.34 -10.41 -19.52
N LEU D 52 17.49 -11.72 -19.70
CA LEU D 52 16.47 -12.65 -19.22
C LEU D 52 16.36 -12.59 -17.70
N ASN D 53 17.48 -12.35 -17.01
CA ASN D 53 17.42 -12.28 -15.55
C ASN D 53 16.79 -10.98 -15.09
N ARG D 54 17.02 -9.89 -15.82
CA ARG D 54 16.37 -8.63 -15.51
C ARG D 54 14.86 -8.75 -15.62
N VAL D 55 14.39 -9.54 -16.58
CA VAL D 55 12.95 -9.57 -16.89
C VAL D 55 12.18 -10.44 -15.91
N ILE D 56 12.70 -11.61 -15.56
CA ILE D 56 11.96 -12.59 -14.76
C ILE D 56 12.41 -12.45 -13.31
N LYS D 57 11.68 -11.65 -12.52
CA LYS D 57 12.01 -11.53 -11.11
C LYS D 57 10.94 -10.73 -10.38
N LYS D 58 10.93 -10.90 -9.07
CA LYS D 58 10.20 -10.08 -8.12
C LYS D 58 10.62 -8.59 -8.27
N THR D 59 9.87 -7.63 -7.71
CA THR D 59 8.76 -7.87 -6.80
C THR D 59 7.43 -7.36 -7.30
N ASN D 60 6.42 -8.24 -7.19
CA ASN D 60 5.01 -7.86 -7.18
C ASN D 60 4.35 -8.78 -6.14
N GLU D 61 4.47 -8.40 -4.88
CA GLU D 61 3.88 -9.16 -3.78
C GLU D 61 2.76 -8.30 -3.20
N LYS D 62 1.52 -8.69 -3.48
CA LYS D 62 0.35 -7.98 -2.99
C LYS D 62 -0.47 -8.94 -2.12
N PHE D 63 -1.21 -8.36 -1.17
CA PHE D 63 -1.95 -9.16 -0.21
C PHE D 63 -3.44 -8.89 -0.12
N HIS D 64 -3.88 -7.84 0.57
CA HIS D 64 -5.30 -7.53 0.64
C HIS D 64 -5.43 -6.43 -0.41
N GLN D 65 -6.36 -6.63 -1.35
CA GLN D 65 -6.62 -5.63 -2.39
C GLN D 65 -8.12 -5.33 -2.49
N ILE D 66 -8.52 -4.65 -3.57
CA ILE D 66 -9.95 -4.38 -3.77
C ILE D 66 -10.64 -5.61 -4.35
N GLU D 67 -11.97 -5.63 -4.23
CA GLU D 67 -12.75 -6.69 -4.85
C GLU D 67 -12.88 -6.41 -6.34
N LYS D 68 -12.79 -7.48 -7.14
CA LYS D 68 -12.72 -7.35 -8.59
C LYS D 68 -13.84 -8.07 -9.32
N GLU D 69 -14.64 -8.89 -8.64
CA GLU D 69 -15.85 -9.45 -9.18
C GLU D 69 -17.01 -9.10 -8.27
N PHE D 70 -18.20 -8.98 -8.85
CA PHE D 70 -19.36 -8.49 -8.12
C PHE D 70 -20.60 -9.28 -8.52
N SER D 71 -21.31 -9.79 -7.53
CA SER D 71 -22.57 -10.49 -7.77
C SER D 71 -23.77 -9.56 -7.80
N GLU D 72 -23.58 -8.27 -7.52
CA GLU D 72 -24.68 -7.34 -7.35
C GLU D 72 -24.40 -6.05 -8.10
N VAL D 73 -25.47 -5.48 -8.67
CA VAL D 73 -25.41 -4.11 -9.15
C VAL D 73 -25.35 -3.17 -7.95
N GLU D 74 -24.38 -2.26 -7.96
CA GLU D 74 -24.21 -1.34 -6.84
C GLU D 74 -24.13 0.10 -7.32
N GLY D 75 -23.59 0.30 -8.51
CA GLY D 75 -23.54 1.62 -9.09
C GLY D 75 -22.21 2.33 -8.98
N ARG D 76 -22.19 3.45 -8.25
CA ARG D 76 -21.12 4.43 -8.38
C ARG D 76 -19.78 3.87 -7.89
N ILE D 77 -19.73 3.35 -6.66
CA ILE D 77 -18.46 2.88 -6.12
C ILE D 77 -17.96 1.65 -6.89
N GLN D 78 -18.88 0.80 -7.37
CA GLN D 78 -18.47 -0.39 -8.10
C GLN D 78 -17.97 -0.04 -9.50
N ASP D 79 -18.59 0.95 -10.14
CA ASP D 79 -18.06 1.47 -11.40
C ASP D 79 -16.62 1.90 -11.24
N LEU D 80 -16.32 2.58 -10.15
CA LEU D 80 -14.97 3.09 -9.92
C LEU D 80 -13.99 1.95 -9.65
N GLU D 81 -14.40 0.96 -8.86
CA GLU D 81 -13.55 -0.19 -8.61
C GLU D 81 -13.24 -0.93 -9.91
N LYS D 82 -14.25 -1.12 -10.77
CA LYS D 82 -14.02 -1.76 -12.06
C LYS D 82 -13.11 -0.91 -12.94
N TYR D 83 -13.32 0.41 -12.94
CA TYR D 83 -12.56 1.29 -13.81
C TYR D 83 -11.09 1.32 -13.40
N VAL D 84 -10.83 1.29 -12.10
CA VAL D 84 -9.45 1.30 -11.61
C VAL D 84 -8.72 0.05 -12.07
N GLU D 85 -9.37 -1.11 -11.92
CA GLU D 85 -8.71 -2.36 -12.29
C GLU D 85 -8.58 -2.49 -13.80
N ASP D 86 -9.56 -1.99 -14.55
CA ASP D 86 -9.46 -2.02 -16.00
C ASP D 86 -8.33 -1.10 -16.46
N THR D 87 -8.18 0.05 -15.81
CA THR D 87 -7.09 0.96 -16.16
C THR D 87 -5.73 0.31 -15.89
N LYS D 88 -5.60 -0.32 -14.73
CA LYS D 88 -4.33 -0.95 -14.36
C LYS D 88 -3.96 -2.07 -15.33
N ILE D 89 -4.95 -2.87 -15.75
CA ILE D 89 -4.67 -4.00 -16.61
C ILE D 89 -4.23 -3.54 -18.00
N ASP D 90 -4.89 -2.51 -18.54
CA ASP D 90 -4.48 -1.98 -19.83
C ASP D 90 -3.04 -1.50 -19.79
N LEU D 91 -2.67 -0.77 -18.73
CA LEU D 91 -1.34 -0.19 -18.65
C LEU D 91 -0.25 -1.26 -18.59
N TRP D 92 -0.48 -2.31 -17.80
CA TRP D 92 0.51 -3.37 -17.73
C TRP D 92 0.54 -4.20 -19.01
N SER D 93 -0.62 -4.47 -19.59
CA SER D 93 -0.64 -5.17 -20.88
C SER D 93 0.16 -4.40 -21.92
N TYR D 94 0.07 -3.07 -21.89
CA TYR D 94 0.89 -2.27 -22.79
C TYR D 94 2.37 -2.41 -22.44
N ASN D 95 2.71 -2.27 -21.16
CA ASN D 95 4.09 -2.40 -20.73
C ASN D 95 4.67 -3.75 -21.16
N ALA D 96 3.88 -4.82 -21.04
CA ALA D 96 4.36 -6.14 -21.40
C ALA D 96 4.57 -6.25 -22.90
N GLU D 97 3.61 -5.79 -23.69
CA GLU D 97 3.72 -5.87 -25.14
C GLU D 97 4.94 -5.10 -25.63
N LEU D 98 5.17 -3.90 -25.07
CA LEU D 98 6.27 -3.07 -25.53
C LEU D 98 7.61 -3.65 -25.09
N LEU D 99 7.67 -4.21 -23.88
CA LEU D 99 8.93 -4.75 -23.38
C LEU D 99 9.44 -5.86 -24.28
N VAL D 100 8.56 -6.80 -24.64
CA VAL D 100 8.97 -7.93 -25.47
C VAL D 100 9.44 -7.46 -26.84
N ALA D 101 8.74 -6.48 -27.42
CA ALA D 101 9.12 -5.97 -28.74
C ALA D 101 10.49 -5.32 -28.70
N LEU D 102 10.78 -4.53 -27.68
CA LEU D 102 12.09 -3.91 -27.57
C LEU D 102 13.18 -4.96 -27.32
N GLU D 103 12.95 -5.85 -26.34
CA GLU D 103 13.95 -6.85 -26.02
C GLU D 103 14.26 -7.74 -27.21
N ASN D 104 13.23 -8.22 -27.90
CA ASN D 104 13.45 -9.11 -29.04
C ASN D 104 14.15 -8.37 -30.18
N GLN D 105 13.78 -7.10 -30.41
CA GLN D 105 14.48 -6.32 -31.41
C GLN D 105 15.95 -6.16 -31.04
N HIS D 106 16.24 -5.96 -29.76
CA HIS D 106 17.63 -5.80 -29.33
C HIS D 106 18.36 -7.14 -29.27
N THR D 107 17.66 -8.20 -28.85
CA THR D 107 18.27 -9.53 -28.86
C THR D 107 18.72 -9.90 -30.26
N ILE D 108 17.84 -9.71 -31.25
CA ILE D 108 18.20 -9.99 -32.63
C ILE D 108 19.37 -9.12 -33.08
N ASP D 109 19.38 -7.85 -32.67
CA ASP D 109 20.39 -6.92 -33.16
C ASP D 109 21.76 -7.16 -32.51
N LEU D 110 21.78 -7.60 -31.24
CA LEU D 110 23.07 -7.85 -30.60
C LEU D 110 23.70 -9.15 -31.06
N THR D 111 22.88 -10.13 -31.46
CA THR D 111 23.44 -11.36 -32.02
C THR D 111 24.04 -11.12 -33.39
N ASP D 112 23.38 -10.29 -34.21
CA ASP D 112 23.96 -9.85 -35.47
C ASP D 112 25.29 -9.15 -35.21
N SER D 113 25.37 -8.37 -34.13
CA SER D 113 26.60 -7.68 -33.79
C SER D 113 27.75 -8.66 -33.58
N GLU D 114 27.56 -9.65 -32.70
CA GLU D 114 28.65 -10.57 -32.38
C GLU D 114 29.12 -11.36 -33.59
N MET D 115 28.22 -11.67 -34.51
CA MET D 115 28.64 -12.30 -35.77
C MET D 115 29.53 -11.36 -36.57
N SER D 116 29.11 -10.10 -36.70
CA SER D 116 29.92 -9.12 -37.42
C SER D 116 31.23 -8.85 -36.68
N LYS D 117 31.23 -8.90 -35.35
CA LYS D 117 32.45 -8.62 -34.61
C LYS D 117 33.49 -9.72 -34.81
N LEU D 118 33.05 -10.99 -34.83
CA LEU D 118 33.97 -12.08 -35.09
C LEU D 118 34.58 -11.97 -36.48
N PHE D 119 33.80 -11.49 -37.45
CA PHE D 119 34.31 -11.36 -38.81
C PHE D 119 35.39 -10.28 -38.90
N GLU D 120 35.16 -9.14 -38.27
CA GLU D 120 36.14 -8.06 -38.31
C GLU D 120 37.38 -8.40 -37.50
N ARG D 121 37.20 -9.06 -36.36
CA ARG D 121 38.35 -9.55 -35.58
C ARG D 121 39.23 -10.44 -36.42
N THR D 122 38.62 -11.30 -37.25
CA THR D 122 39.38 -12.17 -38.13
C THR D 122 40.05 -11.39 -39.25
N ARG D 123 39.33 -10.41 -39.83
CA ARG D 123 39.89 -9.63 -40.92
C ARG D 123 41.13 -8.86 -40.47
N ARG D 124 41.15 -8.39 -39.22
CA ARG D 124 42.31 -7.67 -38.72
C ARG D 124 43.48 -8.61 -38.48
N GLN D 125 43.21 -9.86 -38.10
CA GLN D 125 44.28 -10.84 -37.91
C GLN D 125 45.02 -11.10 -39.22
N LEU D 126 44.29 -11.26 -40.31
CA LEU D 126 44.86 -11.72 -41.57
C LEU D 126 45.59 -10.63 -42.35
N ARG D 127 45.43 -9.37 -41.96
CA ARG D 127 46.16 -8.25 -42.57
C ARG D 127 46.01 -8.24 -44.09
N GLU D 128 47.13 -8.38 -44.80
CA GLU D 128 47.14 -8.39 -46.26
C GLU D 128 47.31 -9.79 -46.84
N ASN D 129 47.19 -10.84 -46.02
CA ASN D 129 47.36 -12.21 -46.49
C ASN D 129 46.06 -12.88 -46.91
N ALA D 130 44.94 -12.15 -46.88
CA ALA D 130 43.65 -12.73 -47.25
C ALA D 130 42.76 -11.65 -47.82
N GLU D 131 41.76 -12.08 -48.58
CA GLU D 131 40.81 -11.17 -49.21
C GLU D 131 39.39 -11.55 -48.83
N ASP D 132 38.57 -10.53 -48.57
CA ASP D 132 37.16 -10.74 -48.28
C ASP D 132 36.43 -11.17 -49.55
N MET D 133 35.85 -12.37 -49.53
CA MET D 133 35.10 -12.87 -50.68
C MET D 133 33.68 -12.34 -50.74
N GLY D 134 33.18 -11.71 -49.67
CA GLY D 134 31.88 -11.06 -49.68
C GLY D 134 30.73 -11.86 -49.11
N ASN D 135 30.91 -13.16 -48.87
CA ASN D 135 29.84 -14.04 -48.41
C ASN D 135 30.07 -14.56 -47.00
N GLY D 136 31.03 -14.01 -46.28
CA GLY D 136 31.42 -14.51 -44.98
C GLY D 136 32.69 -15.32 -44.98
N CYS D 137 33.15 -15.78 -46.14
CA CYS D 137 34.37 -16.56 -46.28
C CYS D 137 35.53 -15.65 -46.66
N PHE D 138 36.71 -15.96 -46.13
CA PHE D 138 37.94 -15.32 -46.57
C PHE D 138 38.65 -16.24 -47.54
N LYS D 139 39.47 -15.65 -48.40
CA LYS D 139 40.36 -16.41 -49.28
C LYS D 139 41.78 -16.14 -48.82
N ILE D 140 42.41 -17.16 -48.25
CA ILE D 140 43.78 -17.05 -47.74
C ILE D 140 44.74 -17.41 -48.87
N TYR D 141 45.65 -16.49 -49.19
CA TYR D 141 46.54 -16.63 -50.35
C TYR D 141 47.85 -17.31 -50.02
N HIS D 142 47.84 -18.30 -49.13
CA HIS D 142 49.03 -19.09 -48.86
C HIS D 142 48.59 -20.43 -48.27
N LYS D 143 49.36 -21.47 -48.56
CA LYS D 143 49.07 -22.79 -48.03
C LYS D 143 49.00 -22.74 -46.52
N CYS D 144 47.86 -23.14 -45.97
CA CYS D 144 47.68 -23.10 -44.52
C CYS D 144 47.19 -24.48 -44.08
N ASP D 145 48.08 -25.26 -43.48
CA ASP D 145 47.69 -26.54 -42.92
C ASP D 145 46.83 -26.33 -41.67
N ASN D 146 46.31 -27.44 -41.14
CA ASN D 146 45.45 -27.37 -39.96
C ASN D 146 46.10 -26.63 -38.80
N ALA D 147 47.43 -26.50 -38.80
CA ALA D 147 48.12 -25.82 -37.71
C ALA D 147 47.81 -24.31 -37.68
N CYS D 148 47.88 -23.64 -38.82
CA CYS D 148 47.66 -22.20 -38.86
C CYS D 148 46.19 -21.78 -38.86
N ILE D 149 45.29 -22.56 -39.48
CA ILE D 149 43.87 -22.24 -39.34
C ILE D 149 43.47 -22.36 -37.87
N GLY D 150 44.11 -23.27 -37.14
CA GLY D 150 43.93 -23.35 -35.70
C GLY D 150 44.67 -22.25 -34.96
N SER D 151 45.60 -21.57 -35.61
CA SER D 151 46.23 -20.39 -35.02
C SER D 151 45.48 -19.11 -35.35
N ILE D 152 44.48 -19.18 -36.24
CA ILE D 152 43.60 -18.06 -36.53
C ILE D 152 42.44 -18.10 -35.55
N ARG D 153 41.75 -19.21 -35.49
CA ARG D 153 40.76 -19.41 -34.48
C ARG D 153 41.36 -19.10 -33.13
N ASN D 154 42.66 -19.27 -33.01
CA ASN D 154 43.29 -19.16 -31.72
C ASN D 154 43.76 -17.77 -31.40
N GLY D 155 44.06 -16.96 -32.40
CA GLY D 155 44.55 -15.62 -32.14
C GLY D 155 46.05 -15.56 -32.01
N THR D 156 46.69 -16.67 -32.34
CA THR D 156 48.15 -16.79 -32.38
C THR D 156 48.73 -16.65 -33.77
N TYR D 157 47.89 -16.45 -34.78
CA TYR D 157 48.34 -16.34 -36.17
C TYR D 157 49.19 -15.08 -36.35
N ASP D 158 50.46 -15.28 -36.72
CA ASP D 158 51.39 -14.21 -37.01
C ASP D 158 51.48 -14.03 -38.52
N HIS D 159 51.13 -12.83 -39.01
CA HIS D 159 50.99 -12.62 -40.44
C HIS D 159 52.30 -12.35 -41.15
N ASP D 160 53.34 -11.91 -40.43
CA ASP D 160 54.62 -11.63 -41.07
C ASP D 160 55.26 -12.88 -41.66
N ILE D 161 54.82 -14.06 -41.21
CA ILE D 161 55.42 -15.31 -41.69
C ILE D 161 54.97 -15.62 -43.12
N TYR D 162 53.75 -15.27 -43.49
CA TYR D 162 53.20 -15.62 -44.79
C TYR D 162 53.01 -14.41 -45.70
N ARG D 163 53.43 -13.21 -45.27
CA ARG D 163 53.18 -12.02 -46.05
C ARG D 163 53.88 -12.09 -47.41
N ASN D 164 55.09 -12.65 -47.46
CA ASN D 164 55.81 -12.74 -48.72
C ASN D 164 55.08 -13.66 -49.70
N GLU D 165 54.66 -14.84 -49.24
CA GLU D 165 53.97 -15.77 -50.13
C GLU D 165 52.62 -15.22 -50.57
N ALA D 166 51.89 -14.58 -49.64
CA ALA D 166 50.53 -14.17 -49.94
C ALA D 166 50.49 -13.00 -50.92
N LEU D 167 51.35 -11.99 -50.71
CA LEU D 167 51.36 -10.84 -51.60
C LEU D 167 51.70 -11.23 -53.03
N ASN D 168 52.54 -12.25 -53.22
CA ASN D 168 52.87 -12.70 -54.57
C ASN D 168 51.66 -13.32 -55.25
N ASN D 169 50.96 -14.22 -54.55
CA ASN D 169 49.83 -14.90 -55.16
C ASN D 169 48.67 -13.95 -55.44
N ARG D 170 48.57 -12.85 -54.69
CA ARG D 170 47.50 -11.89 -54.92
C ARG D 170 47.77 -11.04 -56.16
N PHE D 171 49.03 -10.71 -56.42
CA PHE D 171 49.41 -9.70 -57.40
C PHE D 171 50.09 -10.35 -58.59
N GLN D 172 49.39 -10.40 -59.72
CA GLN D 172 49.97 -10.93 -60.95
C GLN D 172 49.79 -9.92 -62.08
N ASN E 8 63.62 4.99 -39.86
CA ASN E 8 63.46 3.93 -40.85
C ASN E 8 62.05 3.91 -41.43
N SER E 9 61.60 5.04 -41.96
CA SER E 9 60.31 5.22 -42.64
C SER E 9 59.12 4.85 -41.78
N MET E 10 59.32 4.58 -40.49
CA MET E 10 58.24 4.12 -39.64
C MET E 10 57.38 5.28 -39.18
N ALA E 11 56.29 4.94 -38.50
CA ALA E 11 55.37 5.89 -37.88
C ALA E 11 54.37 5.00 -37.14
N THR E 12 53.48 5.57 -36.33
CA THR E 12 52.43 4.74 -35.73
C THR E 12 51.41 5.76 -35.25
N LEU E 13 50.13 5.37 -35.32
CA LEU E 13 49.02 6.24 -34.95
C LEU E 13 47.95 5.40 -34.28
N CYS E 14 47.80 5.57 -32.97
CA CYS E 14 46.87 4.79 -32.17
C CYS E 14 45.68 5.67 -31.80
N LEU E 15 44.48 5.12 -31.98
CA LEU E 15 43.25 5.78 -31.59
C LEU E 15 42.76 5.19 -30.27
N GLY E 16 42.10 6.01 -29.47
CA GLY E 16 41.67 5.55 -28.17
C GLY E 16 40.64 6.45 -27.56
N HIS E 17 40.23 6.08 -26.33
CA HIS E 17 39.24 6.81 -25.57
C HIS E 17 39.72 6.90 -24.13
N HIS E 18 39.17 7.88 -23.40
CA HIS E 18 39.62 8.12 -22.04
C HIS E 18 38.97 7.13 -21.07
N ALA E 19 39.60 6.99 -19.92
CA ALA E 19 39.06 6.27 -18.78
C ALA E 19 39.26 7.12 -17.53
N VAL E 20 38.71 6.63 -16.42
CA VAL E 20 38.94 7.25 -15.12
C VAL E 20 39.32 6.15 -14.14
N PRO E 21 40.05 6.49 -13.08
CA PRO E 21 40.38 5.48 -12.06
C PRO E 21 39.23 5.14 -11.13
N ASN E 22 38.10 5.82 -11.24
CA ASN E 22 37.00 5.64 -10.28
C ASN E 22 35.68 5.82 -11.03
N GLY E 23 35.16 4.74 -11.59
CA GLY E 23 33.89 4.81 -12.26
C GLY E 23 32.74 4.55 -11.31
N THR E 24 31.54 4.88 -11.78
CA THR E 24 30.31 4.55 -11.09
C THR E 24 29.61 3.39 -11.78
N LEU E 25 28.76 2.70 -11.03
CA LEU E 25 28.03 1.56 -11.56
C LEU E 25 26.60 1.96 -11.90
N VAL E 26 26.13 1.50 -13.05
CA VAL E 26 24.78 1.77 -13.54
C VAL E 26 24.16 0.48 -14.05
N LYS E 27 22.84 0.50 -14.20
CA LYS E 27 22.10 -0.64 -14.74
C LYS E 27 21.85 -0.47 -16.22
N THR E 28 21.78 -1.59 -16.94
CA THR E 28 21.45 -1.59 -18.36
C THR E 28 20.42 -2.69 -18.62
N ILE E 29 20.08 -2.85 -19.90
CA ILE E 29 19.10 -3.86 -20.30
C ILE E 29 19.67 -5.26 -20.07
N THR E 30 20.97 -5.45 -20.33
CA THR E 30 21.59 -6.75 -20.27
C THR E 30 22.39 -6.99 -19.00
N ASP E 31 23.17 -6.02 -18.55
CA ASP E 31 23.94 -6.16 -17.32
C ASP E 31 23.24 -5.44 -16.19
N ASP E 32 23.26 -6.05 -14.99
CA ASP E 32 22.65 -5.42 -13.83
C ASP E 32 23.55 -4.35 -13.21
N GLN E 33 24.87 -4.50 -13.33
CA GLN E 33 25.82 -3.50 -12.86
C GLN E 33 27.01 -3.47 -13.79
N ILE E 34 27.26 -2.31 -14.41
CA ILE E 34 28.38 -2.14 -15.32
C ILE E 34 28.96 -0.73 -15.13
N GLU E 35 30.27 -0.62 -15.31
CA GLU E 35 31.00 0.57 -14.91
C GLU E 35 31.10 1.57 -16.06
N VAL E 36 30.74 2.83 -15.78
CA VAL E 36 30.86 3.93 -16.72
C VAL E 36 31.68 5.04 -16.07
N THR E 37 32.11 6.00 -16.90
CA THR E 37 32.99 7.05 -16.41
C THR E 37 32.28 8.02 -15.47
N ASN E 38 30.96 8.09 -15.51
CA ASN E 38 30.22 9.12 -14.80
C ASN E 38 28.72 8.86 -14.87
N ALA E 39 27.98 9.35 -13.88
CA ALA E 39 26.53 9.20 -13.84
C ALA E 39 25.97 10.35 -13.01
N THR E 40 24.66 10.54 -13.13
CA THR E 40 23.92 11.50 -12.33
C THR E 40 22.73 10.79 -11.69
N GLU E 41 22.46 11.11 -10.43
CA GLU E 41 21.36 10.50 -9.69
C GLU E 41 20.03 11.08 -10.16
N LEU E 42 19.04 10.22 -10.28
CA LEU E 42 17.70 10.62 -10.71
C LEU E 42 16.66 10.58 -9.61
N VAL E 43 16.96 9.98 -8.46
CA VAL E 43 16.01 9.86 -7.36
C VAL E 43 16.46 10.80 -6.25
N GLN E 44 15.60 11.76 -5.91
CA GLN E 44 15.82 12.64 -4.77
C GLN E 44 15.46 11.87 -3.50
N SER E 45 16.45 11.56 -2.68
CA SER E 45 16.26 10.70 -1.52
C SER E 45 16.44 11.41 -0.18
N SER E 46 16.85 12.68 -0.19
CA SER E 46 17.12 13.40 1.05
C SER E 46 16.28 14.67 1.13
N SER E 47 16.32 15.29 2.31
CA SER E 47 15.60 16.53 2.57
C SER E 47 16.18 17.17 3.81
N THR E 48 16.15 18.51 3.85
CA THR E 48 16.61 19.22 5.04
C THR E 48 15.74 18.92 6.25
N GLY E 49 14.49 18.55 6.03
CA GLY E 49 13.56 18.31 7.11
C GLY E 49 12.73 19.51 7.50
N ARG E 50 12.80 20.60 6.75
CA ARG E 50 12.07 21.83 7.06
C ARG E 50 11.33 22.29 5.81
N ILE E 51 10.14 22.86 6.02
CA ILE E 51 9.30 23.35 4.93
C ILE E 51 9.68 24.79 4.64
N CYS E 52 10.05 25.06 3.39
CA CYS E 52 10.26 26.44 2.97
C CYS E 52 8.92 27.15 2.80
N ASN E 53 8.86 28.39 3.27
CA ASN E 53 7.62 29.17 3.26
C ASN E 53 7.45 29.99 1.99
N SER E 54 7.98 29.51 0.87
CA SER E 54 7.90 30.23 -0.40
C SER E 54 8.23 29.24 -1.53
N PRO E 55 7.60 29.40 -2.70
CA PRO E 55 6.68 30.47 -3.09
C PRO E 55 5.22 30.23 -2.72
N HIS E 56 4.96 29.14 -2.01
CA HIS E 56 3.59 28.76 -1.64
C HIS E 56 3.23 29.35 -0.28
N GLN E 57 2.06 29.98 -0.21
CA GLN E 57 1.57 30.59 1.02
C GLN E 57 1.25 29.49 2.03
N ILE E 58 2.10 29.35 3.04
CA ILE E 58 1.92 28.33 4.07
C ILE E 58 1.16 28.95 5.24
N LEU E 59 0.35 28.12 5.90
CA LEU E 59 -0.40 28.51 7.09
C LEU E 59 -0.17 27.45 8.16
N ASP E 60 0.51 27.83 9.24
CA ASP E 60 0.86 26.89 10.30
C ASP E 60 -0.35 26.69 11.21
N GLY E 61 -0.81 25.45 11.31
CA GLY E 61 -2.04 25.15 12.03
C GLY E 61 -1.90 25.16 13.54
N LYS E 62 -0.67 25.15 14.06
CA LYS E 62 -0.41 25.13 15.50
C LYS E 62 -1.18 23.99 16.16
N ASN E 63 -2.04 24.30 17.12
CA ASN E 63 -2.86 23.31 17.79
C ASN E 63 -4.28 23.26 17.26
N CYS E 64 -4.53 23.86 16.10
CA CYS E 64 -5.86 23.92 15.52
C CYS E 64 -5.91 23.07 14.25
N THR E 65 -6.87 22.15 14.21
CA THR E 65 -7.22 21.50 12.96
C THR E 65 -8.04 22.46 12.11
N LEU E 66 -8.08 22.18 10.80
CA LEU E 66 -8.80 23.07 9.89
C LEU E 66 -10.27 23.12 10.25
N ILE E 67 -10.85 21.98 10.62
CA ILE E 67 -12.27 21.95 10.98
C ILE E 67 -12.52 22.82 12.20
N ASP E 68 -11.64 22.75 13.21
CA ASP E 68 -11.82 23.56 14.40
C ASP E 68 -11.72 25.05 14.08
N ALA E 69 -10.79 25.42 13.20
CA ALA E 69 -10.69 26.82 12.80
C ALA E 69 -11.90 27.24 11.97
N LEU E 70 -12.48 26.31 11.21
CA LEU E 70 -13.69 26.61 10.45
C LEU E 70 -14.84 26.97 11.38
N LEU E 71 -15.11 26.10 12.36
CA LEU E 71 -16.20 26.35 13.29
C LEU E 71 -15.93 27.55 14.18
N GLY E 72 -14.68 27.75 14.58
CA GLY E 72 -14.35 28.87 15.43
C GLY E 72 -14.13 28.49 16.87
N ASP E 73 -13.42 27.39 17.09
CA ASP E 73 -12.98 27.02 18.42
C ASP E 73 -12.25 28.20 19.05
N PRO E 74 -12.60 28.58 20.30
CA PRO E 74 -11.96 29.74 20.95
C PRO E 74 -10.46 29.86 20.76
N HIS E 75 -9.71 28.78 21.01
CA HIS E 75 -8.26 28.93 20.88
C HIS E 75 -7.79 28.96 19.41
N CYS E 76 -8.70 29.15 18.44
CA CYS E 76 -8.37 29.18 17.02
C CYS E 76 -8.83 30.47 16.36
N ASP E 77 -9.05 31.53 17.14
CA ASP E 77 -9.59 32.77 16.58
C ASP E 77 -8.56 33.53 15.76
N ASP E 78 -7.27 33.28 15.97
CA ASP E 78 -6.25 33.91 15.13
C ASP E 78 -6.25 33.39 13.70
N PHE E 79 -7.06 32.36 13.41
CA PHE E 79 -7.18 31.81 12.07
C PHE E 79 -8.38 32.36 11.30
N GLN E 80 -9.04 33.39 11.83
CA GLN E 80 -10.24 33.91 11.18
C GLN E 80 -9.90 34.67 9.91
N ASN E 81 -10.57 34.33 8.82
CA ASN E 81 -10.45 34.99 7.52
C ASN E 81 -9.06 34.87 6.91
N LYS E 82 -8.38 33.75 7.17
CA LYS E 82 -7.05 33.51 6.63
C LYS E 82 -7.13 32.72 5.34
N GLU E 83 -6.21 33.01 4.42
CA GLU E 83 -6.05 32.28 3.17
C GLU E 83 -4.84 31.38 3.24
N TRP E 84 -4.77 30.42 2.32
CA TRP E 84 -3.60 29.55 2.24
C TRP E 84 -3.54 28.88 0.88
N ASP E 85 -2.32 28.57 0.46
CA ASP E 85 -2.10 27.58 -0.59
C ASP E 85 -1.91 26.20 0.00
N LEU E 86 -1.36 26.09 1.21
CA LEU E 86 -1.20 24.82 1.89
C LEU E 86 -1.38 25.02 3.38
N PHE E 87 -2.42 24.40 3.94
CA PHE E 87 -2.67 24.35 5.38
C PHE E 87 -1.94 23.16 5.97
N VAL E 88 -1.30 23.37 7.11
CA VAL E 88 -0.46 22.35 7.73
C VAL E 88 -1.05 22.00 9.08
N GLU E 89 -1.56 20.77 9.21
CA GLU E 89 -2.12 20.28 10.47
C GLU E 89 -1.03 19.60 11.29
N ARG E 90 -0.97 19.93 12.57
CA ARG E 90 0.03 19.37 13.47
C ARG E 90 -0.57 18.26 14.32
N SER E 91 0.29 17.32 14.72
CA SER E 91 -0.16 16.17 15.49
C SER E 91 -0.49 16.53 16.93
N THR E 92 -0.15 17.73 17.38
CA THR E 92 -0.44 18.16 18.75
C THR E 92 -1.74 18.95 18.84
N ALA E 93 -2.59 18.89 17.82
CA ALA E 93 -3.82 19.67 17.83
C ALA E 93 -4.85 19.05 18.76
N TYR E 94 -5.65 19.91 19.39
CA TYR E 94 -6.69 19.47 20.30
C TYR E 94 -7.94 20.33 20.09
N SER E 95 -9.08 19.80 20.51
CA SER E 95 -10.34 20.52 20.48
C SER E 95 -10.70 20.97 21.89
N ASN E 96 -11.20 22.21 22.01
CA ASN E 96 -11.48 22.79 23.32
C ASN E 96 -12.90 23.31 23.52
N CYS E 97 -13.72 23.21 22.49
CA CYS E 97 -15.12 23.60 22.58
C CYS E 97 -16.12 22.45 22.79
N TYR E 98 -17.37 22.72 22.49
CA TYR E 98 -18.44 21.73 22.67
C TYR E 98 -18.11 20.48 21.86
N PRO E 99 -18.30 19.29 22.43
CA PRO E 99 -18.01 18.07 21.67
C PRO E 99 -18.91 17.97 20.45
N TYR E 100 -18.32 17.53 19.34
CA TYR E 100 -19.03 17.55 18.08
C TYR E 100 -18.66 16.34 17.24
N TYR E 101 -19.38 16.18 16.13
CA TYR E 101 -19.24 15.02 15.26
C TYR E 101 -19.60 15.43 13.84
N VAL E 102 -18.75 15.08 12.89
CA VAL E 102 -19.00 15.38 11.48
C VAL E 102 -19.17 14.07 10.72
N PRO E 103 -20.38 13.74 10.26
CA PRO E 103 -20.58 12.48 9.53
C PRO E 103 -19.65 12.33 8.32
N ASP E 104 -19.35 13.41 7.60
CA ASP E 104 -18.45 13.34 6.46
C ASP E 104 -17.42 14.35 6.96
N TYR E 105 -16.37 13.84 7.61
CA TYR E 105 -15.40 14.71 8.26
C TYR E 105 -14.36 14.85 7.16
N ALA E 106 -13.93 13.73 6.58
CA ALA E 106 -12.94 13.78 5.51
C ALA E 106 -13.42 14.65 4.35
N THR E 107 -14.69 14.53 3.99
CA THR E 107 -15.24 15.32 2.89
C THR E 107 -15.21 16.80 3.22
N LEU E 108 -15.71 17.17 4.41
CA LEU E 108 -15.73 18.58 4.78
C LEU E 108 -14.32 19.13 4.92
N ARG E 109 -13.39 18.34 5.47
CA ARG E 109 -12.00 18.77 5.55
C ARG E 109 -11.42 18.93 4.15
N SER E 110 -11.81 18.07 3.21
CA SER E 110 -11.26 18.13 1.87
C SER E 110 -11.75 19.38 1.13
N LEU E 111 -13.05 19.65 1.17
CA LEU E 111 -13.59 20.74 0.37
C LEU E 111 -13.15 22.10 0.90
N VAL E 112 -13.08 22.25 2.23
CA VAL E 112 -12.61 23.50 2.79
C VAL E 112 -11.14 23.71 2.47
N ALA E 113 -10.33 22.65 2.58
CA ALA E 113 -8.92 22.77 2.26
C ALA E 113 -8.72 23.15 0.80
N SER E 114 -9.54 22.60 -0.10
CA SER E 114 -9.40 22.91 -1.52
C SER E 114 -9.83 24.34 -1.83
N SER E 115 -10.82 24.86 -1.08
CA SER E 115 -11.25 26.23 -1.30
C SER E 115 -10.16 27.22 -0.91
N GLY E 116 -9.39 26.91 0.12
CA GLY E 116 -8.19 27.67 0.43
C GLY E 116 -8.38 28.96 1.17
N ASN E 117 -9.53 29.19 1.79
CA ASN E 117 -9.73 30.42 2.55
C ASN E 117 -10.83 30.21 3.58
N LEU E 118 -10.82 31.06 4.60
CA LEU E 118 -11.84 31.06 5.64
C LEU E 118 -12.52 32.42 5.74
N GLU E 119 -12.57 33.16 4.63
CA GLU E 119 -13.20 34.47 4.59
C GLU E 119 -14.68 34.34 4.92
N PHE E 120 -15.07 34.74 6.13
CA PHE E 120 -16.44 34.60 6.59
C PHE E 120 -17.18 35.92 6.45
N THR E 121 -18.48 35.83 6.19
CA THR E 121 -19.33 37.01 5.99
C THR E 121 -20.60 36.86 6.81
N GLN E 122 -20.86 37.81 7.68
CA GLN E 122 -22.07 37.77 8.50
C GLN E 122 -23.31 37.97 7.64
N GLU E 123 -24.36 37.22 7.96
CA GLU E 123 -25.70 37.42 7.42
C GLU E 123 -26.68 37.40 8.59
N SER E 124 -27.68 38.26 8.51
CA SER E 124 -28.69 38.38 9.57
C SER E 124 -29.87 37.51 9.19
N PHE E 125 -29.90 36.28 9.72
CA PHE E 125 -31.11 35.48 9.64
C PHE E 125 -32.16 36.04 10.59
N ASN E 126 -33.43 35.95 10.18
CA ASN E 126 -34.51 36.52 10.98
C ASN E 126 -35.10 35.44 11.89
N TRP E 127 -34.31 35.06 12.89
CA TRP E 127 -34.80 34.20 13.95
C TRP E 127 -35.81 34.96 14.80
N THR E 128 -36.92 34.29 15.14
CA THR E 128 -38.04 34.96 15.79
C THR E 128 -38.47 34.16 17.01
N GLY E 129 -38.60 34.84 18.14
CA GLY E 129 -39.14 34.21 19.33
C GLY E 129 -38.22 33.25 20.03
N VAL E 130 -36.92 33.29 19.75
CA VAL E 130 -35.95 32.40 20.39
C VAL E 130 -34.79 33.23 20.94
N ALA E 131 -34.12 32.67 21.95
CA ALA E 131 -32.87 33.23 22.43
C ALA E 131 -31.72 32.78 21.55
N GLN E 132 -30.69 33.61 21.47
CA GLN E 132 -29.53 33.34 20.62
C GLN E 132 -28.28 33.32 21.48
N ASP E 133 -27.15 33.06 20.83
CA ASP E 133 -25.82 33.18 21.45
C ASP E 133 -25.69 32.27 22.66
N GLY E 134 -26.28 31.08 22.59
CA GLY E 134 -26.14 30.13 23.67
C GLY E 134 -24.69 29.74 23.90
N SER E 135 -24.36 29.46 25.16
CA SER E 135 -22.99 29.17 25.56
C SER E 135 -22.97 27.91 26.43
N SER E 136 -21.76 27.45 26.74
CA SER E 136 -21.58 26.24 27.52
C SER E 136 -20.30 26.33 28.33
N TYR E 137 -20.26 25.57 29.43
CA TYR E 137 -19.04 25.47 30.21
C TYR E 137 -17.94 24.75 29.43
N ALA E 138 -18.33 23.83 28.55
CA ALA E 138 -17.35 23.04 27.80
C ALA E 138 -16.54 23.86 26.81
N CYS E 139 -16.93 25.10 26.54
CA CYS E 139 -16.31 25.93 25.50
C CYS E 139 -16.07 27.32 26.09
N ARG E 140 -15.08 27.44 26.95
CA ARG E 140 -14.87 28.66 27.70
C ARG E 140 -13.83 29.55 27.03
N ARG E 141 -14.04 30.86 27.15
CA ARG E 141 -13.16 31.90 26.62
C ARG E 141 -12.68 32.73 27.82
N GLY E 142 -11.62 32.25 28.46
CA GLY E 142 -11.27 32.67 29.81
C GLY E 142 -11.97 31.76 30.79
N SER E 143 -12.57 32.33 31.84
CA SER E 143 -13.53 31.58 32.64
C SER E 143 -14.94 31.77 32.12
N VAL E 144 -15.10 32.54 31.05
CA VAL E 144 -16.40 32.95 30.54
C VAL E 144 -16.94 31.88 29.60
N ASN E 145 -18.20 31.51 29.78
CA ASN E 145 -18.86 30.59 28.87
C ASN E 145 -19.07 31.25 27.52
N SER E 146 -18.76 30.52 26.46
CA SER E 146 -19.04 30.97 25.10
C SER E 146 -19.18 29.73 24.22
N PHE E 147 -19.07 29.90 22.91
CA PHE E 147 -19.42 28.86 21.95
C PHE E 147 -18.58 29.05 20.70
N PHE E 148 -18.78 28.15 19.73
CA PHE E 148 -18.17 28.31 18.39
C PHE E 148 -18.49 29.70 17.84
N SER E 149 -17.46 30.36 17.32
CA SER E 149 -17.63 31.74 16.88
C SER E 149 -18.48 31.84 15.61
N ARG E 150 -18.56 30.77 14.82
CA ARG E 150 -19.31 30.80 13.57
C ARG E 150 -20.68 30.13 13.68
N LEU E 151 -21.05 29.66 14.86
CA LEU E 151 -22.33 29.00 15.06
C LEU E 151 -23.15 29.74 16.11
N ASN E 152 -24.46 29.76 15.91
CA ASN E 152 -25.39 30.46 16.79
C ASN E 152 -26.31 29.42 17.43
N TRP E 153 -26.20 29.27 18.74
CA TRP E 153 -26.97 28.28 19.49
C TRP E 153 -28.32 28.90 19.85
N LEU E 154 -29.38 28.42 19.21
CA LEU E 154 -30.73 28.90 19.46
C LEU E 154 -31.43 28.03 20.49
N TYR E 155 -32.12 28.67 21.43
CA TYR E 155 -32.90 27.97 22.44
C TYR E 155 -34.12 28.80 22.79
N ASN E 156 -34.96 28.25 23.67
CA ASN E 156 -36.29 28.81 23.86
C ASN E 156 -36.25 30.14 24.61
N LEU E 157 -37.25 30.97 24.35
CA LEU E 157 -37.42 32.26 25.01
C LEU E 157 -38.82 32.28 25.63
N ASN E 158 -38.87 32.28 26.96
CA ASN E 158 -40.13 32.34 27.71
C ASN E 158 -41.00 31.11 27.41
N TYR E 159 -40.41 29.93 27.58
CA TYR E 159 -41.10 28.64 27.45
C TYR E 159 -41.77 28.53 26.08
N LYS E 160 -41.01 28.85 25.03
CA LYS E 160 -41.56 28.89 23.69
C LYS E 160 -40.43 28.77 22.69
N TYR E 161 -40.61 27.92 21.68
CA TYR E 161 -39.66 27.80 20.57
C TYR E 161 -40.47 27.75 19.28
N PRO E 162 -40.84 28.90 18.73
CA PRO E 162 -41.62 28.92 17.49
C PRO E 162 -40.87 28.22 16.37
N GLU E 163 -41.64 27.56 15.50
CA GLU E 163 -41.01 26.94 14.34
C GLU E 163 -40.37 28.02 13.48
N GLN E 164 -39.05 28.00 13.41
CA GLN E 164 -38.33 28.98 12.60
C GLN E 164 -38.51 28.68 11.13
N ASN E 165 -38.60 29.73 10.32
CA ASN E 165 -38.54 29.59 8.87
C ASN E 165 -37.81 30.80 8.31
N VAL E 166 -36.70 30.56 7.63
CA VAL E 166 -35.86 31.65 7.11
C VAL E 166 -35.53 31.36 5.65
N THR E 167 -35.40 32.44 4.90
CA THR E 167 -34.94 32.44 3.51
C THR E 167 -33.67 33.27 3.43
N MET E 168 -32.66 32.75 2.72
CA MET E 168 -31.42 33.48 2.52
C MET E 168 -30.93 33.25 1.09
N PRO E 169 -31.21 34.18 0.18
CA PRO E 169 -30.91 33.96 -1.24
C PRO E 169 -29.50 34.39 -1.62
N ASN E 170 -28.88 33.60 -2.48
CA ASN E 170 -27.55 33.90 -3.01
C ASN E 170 -27.71 34.79 -4.24
N ASN E 171 -27.44 36.08 -4.07
CA ASN E 171 -27.50 37.05 -5.15
C ASN E 171 -26.13 37.61 -5.52
N ASP E 172 -25.07 37.06 -4.94
CA ASP E 172 -23.71 37.37 -5.36
C ASP E 172 -23.40 36.58 -6.62
N LYS E 173 -22.13 36.58 -7.03
CA LYS E 173 -21.70 35.86 -8.21
C LYS E 173 -20.85 34.63 -7.91
N PHE E 174 -20.67 34.31 -6.63
CA PHE E 174 -19.88 33.18 -6.20
C PHE E 174 -20.75 32.21 -5.42
N ASP E 175 -20.24 30.99 -5.23
CA ASP E 175 -20.97 30.01 -4.42
C ASP E 175 -20.79 30.33 -2.94
N LYS E 176 -21.76 29.90 -2.14
CA LYS E 176 -21.76 30.10 -0.69
C LYS E 176 -21.68 28.76 0.01
N LEU E 177 -20.85 28.70 1.05
CA LEU E 177 -20.75 27.52 1.91
C LEU E 177 -21.30 27.87 3.28
N TYR E 178 -22.39 27.24 3.65
CA TYR E 178 -22.99 27.41 4.97
C TYR E 178 -22.66 26.20 5.84
N ILE E 179 -22.25 26.46 7.07
CA ILE E 179 -21.99 25.42 8.07
C ILE E 179 -23.01 25.56 9.19
N TRP E 180 -23.67 24.46 9.53
CA TRP E 180 -24.69 24.46 10.58
C TRP E 180 -24.60 23.14 11.35
N GLY E 181 -25.49 22.99 12.34
CA GLY E 181 -25.41 21.82 13.19
C GLY E 181 -26.75 21.49 13.82
N VAL E 182 -26.79 20.31 14.44
CA VAL E 182 -27.97 19.82 15.16
C VAL E 182 -27.53 19.33 16.52
N HIS E 183 -28.23 19.76 17.57
CA HIS E 183 -27.84 19.46 18.94
C HIS E 183 -28.55 18.20 19.42
N HIS E 184 -27.78 17.22 19.87
CA HIS E 184 -28.31 15.99 20.40
C HIS E 184 -28.19 16.01 21.91
N PRO E 185 -29.22 16.41 22.65
CA PRO E 185 -29.10 16.52 24.11
C PRO E 185 -28.98 15.14 24.76
N GLY E 186 -28.33 15.13 25.92
CA GLY E 186 -28.01 13.87 26.57
C GLY E 186 -29.19 13.20 27.25
N THR E 187 -30.17 13.98 27.72
CA THR E 187 -31.32 13.42 28.43
C THR E 187 -32.59 14.07 27.92
N ASP E 188 -33.72 13.39 28.17
CA ASP E 188 -35.02 13.93 27.78
C ASP E 188 -35.34 15.25 28.46
N LYS E 189 -34.69 15.53 29.59
CA LYS E 189 -34.92 16.79 30.30
C LYS E 189 -34.09 17.94 29.74
N ASP E 190 -32.83 17.69 29.36
CA ASP E 190 -32.04 18.70 28.66
C ASP E 190 -32.78 19.21 27.44
N GLN E 191 -33.43 18.29 26.72
CA GLN E 191 -34.22 18.66 25.54
C GLN E 191 -35.30 19.67 25.89
N THR E 192 -36.13 19.34 26.88
CA THR E 192 -37.26 20.19 27.19
C THR E 192 -36.84 21.47 27.89
N ASN E 193 -35.73 21.45 28.63
CA ASN E 193 -35.23 22.69 29.21
C ASN E 193 -34.80 23.66 28.13
N LEU E 194 -34.16 23.17 27.08
CA LEU E 194 -33.65 24.03 26.02
C LEU E 194 -34.74 24.37 25.00
N TYR E 195 -35.44 23.35 24.49
CA TYR E 195 -36.29 23.50 23.33
C TYR E 195 -37.76 23.18 23.59
N VAL E 196 -38.17 23.13 24.87
CA VAL E 196 -39.53 22.86 25.35
C VAL E 196 -40.22 21.69 24.65
N GLN E 197 -39.95 21.47 23.37
CA GLN E 197 -40.51 20.35 22.64
C GLN E 197 -39.74 19.07 22.93
N ALA E 198 -40.47 17.98 23.18
CA ALA E 198 -39.88 16.65 23.18
C ALA E 198 -39.51 16.29 21.75
N SER E 199 -38.21 16.24 21.48
CA SER E 199 -37.65 16.00 20.15
C SER E 199 -37.90 17.18 19.21
N GLY E 200 -36.84 17.64 18.56
CA GLY E 200 -36.93 18.69 17.58
C GLY E 200 -36.85 18.17 16.17
N ARG E 201 -36.48 19.06 15.25
CA ARG E 201 -36.40 18.73 13.83
C ARG E 201 -35.65 19.86 13.13
N VAL E 202 -34.99 19.59 12.00
CA VAL E 202 -34.19 20.57 11.29
C VAL E 202 -34.25 20.19 9.81
N ILE E 203 -34.72 21.12 8.98
CA ILE E 203 -34.74 20.95 7.54
C ILE E 203 -33.93 22.08 6.93
N VAL E 204 -32.94 21.72 6.11
CA VAL E 204 -32.12 22.69 5.39
C VAL E 204 -32.21 22.35 3.90
N SER E 205 -32.65 23.33 3.10
CA SER E 205 -32.96 23.08 1.71
C SER E 205 -32.38 24.16 0.81
N THR E 206 -31.96 23.73 -0.38
CA THR E 206 -31.86 24.56 -1.56
C THR E 206 -32.80 23.99 -2.61
N LYS E 207 -32.80 24.60 -3.79
CA LYS E 207 -33.67 24.08 -4.85
C LYS E 207 -33.23 22.71 -5.35
N ARG E 208 -32.10 22.19 -4.87
CA ARG E 208 -31.58 20.89 -5.28
C ARG E 208 -31.05 20.06 -4.12
N SER E 209 -31.36 20.44 -2.88
CA SER E 209 -30.85 19.71 -1.72
C SER E 209 -31.94 19.54 -0.67
N GLN E 210 -31.93 18.39 0.00
CA GLN E 210 -32.81 18.12 1.13
C GLN E 210 -31.97 17.41 2.20
N GLN E 211 -31.59 18.14 3.23
CA GLN E 211 -30.91 17.58 4.39
C GLN E 211 -31.86 17.71 5.58
N THR E 212 -32.35 16.58 6.08
CA THR E 212 -33.25 16.57 7.22
C THR E 212 -32.62 15.75 8.34
N VAL E 213 -32.67 16.28 9.56
CA VAL E 213 -32.09 15.62 10.73
C VAL E 213 -33.12 15.62 11.84
N ILE E 214 -33.30 14.47 12.47
CA ILE E 214 -34.08 14.34 13.70
C ILE E 214 -33.09 14.02 14.83
N PRO E 215 -33.02 14.83 15.87
CA PRO E 215 -31.99 14.62 16.89
C PRO E 215 -32.27 13.39 17.73
N ASN E 216 -31.22 12.65 18.05
CA ASN E 216 -31.32 11.48 18.91
C ASN E 216 -30.95 11.90 20.32
N ILE E 217 -31.89 11.73 21.24
CA ILE E 217 -31.67 12.05 22.64
C ILE E 217 -31.09 10.82 23.33
N GLY E 218 -29.94 11.00 23.98
CA GLY E 218 -29.24 9.92 24.63
C GLY E 218 -27.87 10.33 25.14
N SER E 219 -27.31 9.55 26.07
CA SER E 219 -26.07 9.95 26.72
C SER E 219 -24.86 9.63 25.83
N ARG E 220 -23.98 10.60 25.70
CA ARG E 220 -22.73 10.53 24.95
C ARG E 220 -21.53 10.57 25.89
N PRO E 221 -20.33 10.26 25.39
CA PRO E 221 -19.15 10.29 26.28
C PRO E 221 -18.94 11.65 26.91
N TRP E 222 -18.73 11.63 28.24
CA TRP E 222 -18.49 12.84 29.01
C TRP E 222 -17.29 13.60 28.46
N VAL E 223 -17.51 14.86 28.07
CA VAL E 223 -16.47 15.70 27.49
C VAL E 223 -16.64 17.10 28.04
N ARG E 224 -15.67 17.55 28.85
CA ARG E 224 -15.62 18.90 29.39
C ARG E 224 -16.93 19.26 30.09
N GLY E 225 -17.43 18.32 30.90
CA GLY E 225 -18.63 18.56 31.66
C GLY E 225 -19.91 18.48 30.86
N VAL E 226 -19.90 17.79 29.73
CA VAL E 226 -21.04 17.72 28.83
C VAL E 226 -21.18 16.31 28.29
N SER E 227 -22.38 15.76 28.34
CA SER E 227 -22.67 14.44 27.78
C SER E 227 -23.57 14.52 26.55
N SER E 228 -23.65 15.70 25.92
CA SER E 228 -24.35 15.87 24.67
C SER E 228 -23.33 15.92 23.54
N ILE E 229 -23.78 16.25 22.32
CA ILE E 229 -22.90 16.33 21.17
C ILE E 229 -23.63 17.09 20.07
N ILE E 230 -22.87 17.57 19.08
CA ILE E 230 -23.40 18.36 17.98
C ILE E 230 -22.99 17.70 16.67
N SER E 231 -23.98 17.35 15.84
CA SER E 231 -23.70 16.93 14.48
C SER E 231 -23.47 18.16 13.62
N ILE E 232 -22.46 18.11 12.76
CA ILE E 232 -22.09 19.24 11.91
C ILE E 232 -22.47 18.89 10.47
N TYR E 233 -23.12 19.83 9.80
CA TYR E 233 -23.52 19.67 8.40
C TYR E 233 -23.11 20.91 7.62
N TRP E 234 -23.03 20.74 6.30
CA TRP E 234 -22.63 21.82 5.40
C TRP E 234 -23.55 21.82 4.18
N THR E 235 -23.71 23.00 3.60
CA THR E 235 -24.61 23.18 2.46
C THR E 235 -24.05 24.27 1.57
N ILE E 236 -24.03 24.02 0.27
CA ILE E 236 -23.51 24.96 -0.72
C ILE E 236 -24.68 25.53 -1.51
N VAL E 237 -24.72 26.85 -1.64
CA VAL E 237 -25.80 27.55 -2.32
C VAL E 237 -25.20 28.31 -3.49
N LYS E 238 -25.58 27.93 -4.71
CA LYS E 238 -25.06 28.55 -5.92
C LYS E 238 -25.82 29.83 -6.23
N PRO E 239 -25.25 30.71 -7.06
CA PRO E 239 -25.96 31.94 -7.43
C PRO E 239 -27.31 31.63 -8.06
N GLY E 240 -28.33 32.39 -7.66
CA GLY E 240 -29.70 32.14 -8.05
C GLY E 240 -30.44 31.19 -7.13
N ASP E 241 -29.74 30.34 -6.40
CA ASP E 241 -30.35 29.42 -5.47
C ASP E 241 -30.68 30.12 -4.16
N ILE E 242 -31.49 29.47 -3.33
CA ILE E 242 -31.94 30.01 -2.06
C ILE E 242 -31.68 28.99 -0.96
N LEU E 243 -31.34 29.49 0.23
CA LEU E 243 -31.17 28.64 1.41
C LEU E 243 -32.42 28.72 2.25
N LEU E 244 -32.91 27.56 2.70
CA LEU E 244 -34.22 27.46 3.35
C LEU E 244 -34.12 26.55 4.57
N ILE E 245 -34.50 27.09 5.73
CA ILE E 245 -34.36 26.39 7.01
C ILE E 245 -35.69 26.46 7.74
N ASN E 246 -36.21 25.29 8.13
CA ASN E 246 -37.28 25.19 9.12
C ASN E 246 -36.77 24.38 10.30
N SER E 247 -37.14 24.79 11.51
CA SER E 247 -36.72 24.06 12.69
C SER E 247 -37.74 24.26 13.81
N THR E 248 -38.10 23.16 14.46
CA THR E 248 -38.93 23.18 15.65
C THR E 248 -38.12 22.98 16.92
N GLY E 249 -36.81 22.91 16.80
CA GLY E 249 -35.91 22.75 17.93
C GLY E 249 -34.63 22.07 17.52
N ASN E 250 -33.60 22.26 18.36
CA ASN E 250 -32.31 21.58 18.27
C ASN E 250 -31.44 22.09 17.12
N LEU E 251 -31.73 23.27 16.59
CA LEU E 251 -30.92 23.81 15.50
C LEU E 251 -29.72 24.57 16.07
N ILE E 252 -28.53 24.21 15.60
CA ILE E 252 -27.33 25.02 15.78
C ILE E 252 -27.18 25.83 14.50
N ALA E 253 -27.59 27.09 14.55
CA ALA E 253 -27.79 27.88 13.34
C ALA E 253 -26.47 28.45 12.83
N PRO E 254 -26.36 28.70 11.52
CA PRO E 254 -25.20 29.41 10.99
C PRO E 254 -25.32 30.91 11.20
N ARG E 255 -24.16 31.57 11.24
CA ARG E 255 -24.10 33.01 11.35
C ARG E 255 -23.82 33.71 10.03
N GLY E 256 -23.57 32.94 8.97
CA GLY E 256 -23.22 33.52 7.69
C GLY E 256 -22.68 32.45 6.77
N TYR E 257 -21.88 32.87 5.79
CA TYR E 257 -21.36 31.95 4.79
C TYR E 257 -19.86 32.12 4.64
N PHE E 258 -19.24 31.09 4.07
CA PHE E 258 -17.85 31.15 3.65
C PHE E 258 -17.79 31.28 2.13
N LYS E 259 -16.90 32.15 1.65
CA LYS E 259 -16.59 32.20 0.24
C LYS E 259 -15.84 30.94 -0.16
N ILE E 260 -16.34 30.24 -1.17
CA ILE E 260 -15.77 28.96 -1.57
C ILE E 260 -15.16 29.13 -2.96
N GLN E 261 -13.83 29.25 -3.00
CA GLN E 261 -13.09 29.36 -4.25
C GLN E 261 -12.67 27.98 -4.73
N SER E 262 -12.01 27.93 -5.87
CA SER E 262 -11.39 26.72 -6.39
C SER E 262 -10.02 27.06 -6.94
N GLY E 263 -9.04 26.22 -6.62
CA GLY E 263 -7.68 26.50 -7.06
C GLY E 263 -6.70 25.52 -6.45
N LYS E 264 -5.44 25.97 -6.39
CA LYS E 264 -4.29 25.15 -6.04
C LYS E 264 -4.14 24.90 -4.54
N SER E 265 -5.17 25.14 -3.74
CA SER E 265 -5.07 25.00 -2.30
C SER E 265 -5.33 23.56 -1.85
N SER E 266 -4.63 23.14 -0.80
CA SER E 266 -4.78 21.81 -0.25
C SER E 266 -4.32 21.82 1.21
N ILE E 267 -4.17 20.63 1.79
CA ILE E 267 -3.82 20.48 3.20
C ILE E 267 -2.87 19.30 3.35
N MET E 268 -1.98 19.39 4.34
CA MET E 268 -0.98 18.37 4.58
C MET E 268 -0.74 18.21 6.08
N ARG E 269 -0.60 16.95 6.52
CA ARG E 269 -0.26 16.66 7.90
C ARG E 269 1.24 16.53 8.05
N SER E 270 1.85 17.34 8.92
CA SER E 270 3.28 17.31 9.11
C SER E 270 3.65 18.02 10.41
N ASP E 271 4.80 17.64 10.97
CA ASP E 271 5.34 18.27 12.16
C ASP E 271 6.64 18.99 11.88
N ALA E 272 6.98 19.18 10.61
CA ALA E 272 8.23 19.84 10.25
C ALA E 272 8.13 21.33 10.51
N HIS E 273 9.27 21.94 10.82
CA HIS E 273 9.31 23.38 11.03
C HIS E 273 9.36 24.13 9.70
N ILE E 274 9.01 25.41 9.75
CA ILE E 274 8.86 26.25 8.57
C ILE E 274 9.96 27.30 8.60
N ASP E 275 10.99 27.12 7.77
CA ASP E 275 12.07 28.09 7.65
C ASP E 275 11.74 29.10 6.56
N GLU E 276 12.67 30.03 6.34
CA GLU E 276 12.50 31.09 5.35
C GLU E 276 13.42 30.79 4.17
N CYS E 277 12.89 30.14 3.15
CA CYS E 277 13.64 29.81 1.95
C CYS E 277 12.65 29.73 0.79
N ASN E 278 13.12 29.21 -0.34
CA ASN E 278 12.27 29.05 -1.52
C ASN E 278 12.43 27.64 -2.06
N SER E 279 11.29 26.96 -2.26
CA SER E 279 11.25 25.61 -2.81
C SER E 279 9.85 25.26 -3.33
N GLU E 280 9.77 24.79 -4.58
CA GLU E 280 8.46 24.58 -5.19
C GLU E 280 7.77 23.33 -4.64
N CYS E 281 8.55 22.34 -4.19
CA CYS E 281 8.02 21.05 -3.80
C CYS E 281 8.03 20.90 -2.28
N ILE E 282 6.91 20.41 -1.74
CA ILE E 282 6.73 20.25 -0.30
C ILE E 282 6.29 18.82 -0.02
N THR E 283 6.80 18.25 1.07
CA THR E 283 6.42 16.93 1.55
C THR E 283 6.25 17.00 3.07
N PRO E 284 5.59 16.02 3.67
CA PRO E 284 5.52 15.99 5.13
C PRO E 284 6.88 15.91 5.80
N ASN E 285 7.86 15.31 5.13
CA ASN E 285 9.22 15.27 5.65
C ASN E 285 9.99 16.56 5.36
N GLY E 286 9.37 17.53 4.71
CA GLY E 286 10.01 18.79 4.39
C GLY E 286 10.06 19.04 2.90
N SER E 287 10.47 20.26 2.57
CA SER E 287 10.63 20.64 1.16
C SER E 287 11.82 19.89 0.55
N ILE E 288 11.71 19.60 -0.73
CA ILE E 288 12.78 18.92 -1.47
C ILE E 288 12.99 19.61 -2.80
N PRO E 289 14.22 19.59 -3.31
CA PRO E 289 14.48 20.15 -4.64
C PRO E 289 13.85 19.28 -5.72
N ASN E 290 13.49 19.93 -6.83
CA ASN E 290 12.74 19.28 -7.89
C ASN E 290 13.50 19.28 -9.21
N ASP E 291 14.83 19.17 -9.16
CA ASP E 291 15.61 19.07 -10.39
C ASP E 291 15.67 17.64 -10.92
N LYS E 292 15.52 16.63 -10.04
CA LYS E 292 15.49 15.24 -10.45
C LYS E 292 14.07 14.81 -10.79
N PRO E 293 13.90 13.85 -11.71
CA PRO E 293 12.54 13.44 -12.10
C PRO E 293 11.83 12.58 -11.08
N PHE E 294 12.54 11.98 -10.13
CA PHE E 294 11.92 11.05 -9.19
C PHE E 294 12.41 11.37 -7.78
N GLN E 295 11.65 10.87 -6.80
CA GLN E 295 12.00 11.09 -5.40
C GLN E 295 11.47 9.93 -4.56
N ASN E 296 12.27 9.50 -3.58
CA ASN E 296 11.92 8.41 -2.69
C ASN E 296 11.50 8.90 -1.31
N VAL E 297 11.26 10.21 -1.16
CA VAL E 297 11.03 10.77 0.15
C VAL E 297 9.64 10.42 0.67
N ASN E 298 8.60 10.76 -0.09
CA ASN E 298 7.24 10.58 0.39
C ASN E 298 6.27 10.59 -0.77
N LYS E 299 5.25 9.73 -0.71
CA LYS E 299 4.22 9.74 -1.76
C LYS E 299 3.28 10.91 -1.60
N ILE E 300 3.26 11.55 -0.43
CA ILE E 300 2.45 12.74 -0.21
C ILE E 300 3.30 13.93 -0.59
N THR E 301 2.90 14.63 -1.65
CA THR E 301 3.62 15.81 -2.12
C THR E 301 2.62 16.90 -2.48
N TYR E 302 3.11 18.14 -2.45
CA TYR E 302 2.35 19.29 -2.90
C TYR E 302 3.25 20.18 -3.75
N GLY E 303 2.72 20.61 -4.89
CA GLY E 303 3.44 21.49 -5.79
C GLY E 303 4.15 20.76 -6.91
N ALA E 304 5.08 21.47 -7.53
CA ALA E 304 5.86 20.96 -8.65
C ALA E 304 6.94 20.03 -8.10
N CYS E 305 6.60 18.75 -8.01
CA CYS E 305 7.42 17.75 -7.34
C CYS E 305 7.90 16.68 -8.30
N PRO E 306 8.96 15.96 -7.95
CA PRO E 306 9.30 14.73 -8.67
C PRO E 306 8.29 13.65 -8.34
N ARG E 307 8.26 12.63 -9.18
CA ARG E 307 7.31 11.54 -9.00
C ARG E 307 7.85 10.52 -8.01
N TYR E 308 7.01 10.10 -7.07
CA TYR E 308 7.45 9.12 -6.08
C TYR E 308 7.65 7.76 -6.73
N VAL E 309 8.76 7.11 -6.38
CA VAL E 309 9.06 5.76 -6.84
C VAL E 309 9.59 4.93 -5.66
N LYS E 310 9.55 3.61 -5.82
CA LYS E 310 10.01 2.71 -4.77
C LYS E 310 11.53 2.66 -4.68
N GLN E 311 12.24 2.93 -5.78
CA GLN E 311 13.69 2.87 -5.77
C GLN E 311 14.26 4.07 -5.02
N ASN E 312 15.40 3.85 -4.36
CA ASN E 312 16.11 4.94 -3.69
C ASN E 312 17.29 5.47 -4.47
N THR E 313 17.78 4.74 -5.47
CA THR E 313 18.83 5.25 -6.33
C THR E 313 18.61 4.73 -7.75
N LEU E 314 18.73 5.62 -8.72
CA LEU E 314 18.70 5.26 -10.13
C LEU E 314 19.77 6.06 -10.85
N LYS E 315 20.87 5.41 -11.21
CA LYS E 315 22.00 6.08 -11.84
C LYS E 315 21.78 6.15 -13.35
N LEU E 316 21.76 7.36 -13.89
CA LEU E 316 21.70 7.58 -15.34
C LEU E 316 23.11 7.86 -15.84
N ALA E 317 23.60 7.04 -16.76
CA ALA E 317 24.96 7.18 -17.24
C ALA E 317 25.11 8.43 -18.09
N THR E 318 26.13 9.23 -17.78
CA THR E 318 26.46 10.42 -18.56
C THR E 318 27.82 10.33 -19.22
N GLY E 319 28.42 9.13 -19.24
CA GLY E 319 29.67 8.91 -19.93
C GLY E 319 29.71 7.57 -20.62
N MET E 320 30.89 7.21 -21.14
CA MET E 320 31.07 5.93 -21.79
C MET E 320 31.44 4.86 -20.77
N ARG E 321 31.52 3.62 -21.24
CA ARG E 321 32.10 2.55 -20.43
C ARG E 321 33.49 2.96 -19.97
N ASN E 322 33.79 2.68 -18.70
CA ASN E 322 35.09 2.97 -18.12
C ASN E 322 35.90 1.69 -18.10
N VAL E 323 36.97 1.65 -18.88
CA VAL E 323 37.81 0.46 -19.03
C VAL E 323 39.24 0.83 -18.67
N PRO E 324 39.66 0.56 -17.42
CA PRO E 324 41.07 0.76 -17.07
C PRO E 324 41.93 -0.43 -17.44
N GLU E 325 43.17 -0.46 -16.95
CA GLU E 325 44.13 -1.49 -17.32
C GLU E 325 44.66 -2.17 -16.05
N LYS E 326 45.46 -3.21 -16.26
CA LYS E 326 46.30 -3.80 -15.21
C LYS E 326 47.49 -4.49 -15.86
N GLY F 1 30.10 -3.43 -26.15
CA GLY F 1 29.29 -2.55 -26.97
C GLY F 1 28.95 -3.24 -28.27
N ILE F 2 27.86 -2.83 -28.90
CA ILE F 2 27.42 -3.46 -30.13
C ILE F 2 28.35 -3.21 -31.30
N PHE F 3 29.26 -2.27 -31.16
CA PHE F 3 30.15 -1.91 -32.24
C PHE F 3 31.54 -2.44 -31.95
N GLY F 4 31.72 -3.13 -30.82
CA GLY F 4 32.96 -3.82 -30.47
C GLY F 4 34.23 -3.01 -30.57
N ALA F 5 34.17 -1.71 -30.27
CA ALA F 5 35.36 -0.86 -30.22
C ALA F 5 35.77 -0.59 -28.77
N ILE F 6 34.89 -0.02 -27.96
CA ILE F 6 35.18 0.19 -26.55
C ILE F 6 34.91 -1.12 -25.81
N ALA F 7 35.89 -1.54 -25.00
CA ALA F 7 35.91 -2.89 -24.43
C ALA F 7 35.89 -3.95 -25.52
N GLY F 8 36.35 -3.57 -26.72
CA GLY F 8 36.43 -4.47 -27.86
C GLY F 8 37.82 -4.51 -28.47
N PHE F 9 37.95 -4.16 -29.75
CA PHE F 9 39.26 -4.21 -30.38
C PHE F 9 40.22 -3.16 -29.84
N ILE F 10 39.72 -2.19 -29.08
CA ILE F 10 40.57 -1.30 -28.30
C ILE F 10 40.59 -1.86 -26.88
N GLU F 11 41.77 -2.30 -26.44
CA GLU F 11 41.84 -3.16 -25.26
C GLU F 11 41.40 -2.43 -24.00
N ASN F 12 41.73 -1.15 -23.88
CA ASN F 12 41.33 -0.38 -22.71
C ASN F 12 41.40 1.11 -23.02
N GLY F 13 40.94 1.91 -22.05
CA GLY F 13 40.93 3.35 -22.20
C GLY F 13 42.20 4.00 -21.70
N TRP F 14 42.28 5.31 -21.93
CA TRP F 14 43.45 6.11 -21.58
C TRP F 14 43.09 6.98 -20.37
N GLU F 15 43.61 6.61 -19.20
CA GLU F 15 43.46 7.46 -18.03
C GLU F 15 44.25 8.75 -18.18
N GLY F 16 45.25 8.78 -19.06
CA GLY F 16 46.06 9.95 -19.31
C GLY F 16 45.51 10.94 -20.31
N MET F 17 44.24 10.83 -20.69
CA MET F 17 43.60 11.80 -21.56
C MET F 17 42.44 12.44 -20.80
N VAL F 18 42.52 13.76 -20.58
CA VAL F 18 41.56 14.44 -19.71
C VAL F 18 40.92 15.61 -20.43
N ASP F 19 41.46 16.00 -21.59
CA ASP F 19 40.93 17.10 -22.36
C ASP F 19 40.08 16.64 -23.55
N GLY F 20 39.54 15.43 -23.48
CA GLY F 20 38.71 14.92 -24.56
C GLY F 20 38.28 13.48 -24.35
N TRP F 21 37.20 13.07 -25.01
CA TRP F 21 36.70 11.71 -24.81
C TRP F 21 37.38 10.72 -25.76
N TYR F 22 37.77 11.18 -26.94
CA TYR F 22 38.46 10.36 -27.90
C TYR F 22 39.68 11.14 -28.41
N GLY F 23 40.74 10.42 -28.75
CA GLY F 23 41.95 11.12 -29.13
C GLY F 23 42.95 10.27 -29.87
N PHE F 24 44.06 10.91 -30.24
CA PHE F 24 45.15 10.29 -30.98
C PHE F 24 46.42 10.29 -30.14
N ARG F 25 47.05 9.12 -30.01
CA ARG F 25 48.43 8.98 -29.58
C ARG F 25 49.26 8.51 -30.76
N HIS F 26 50.42 9.14 -30.99
CA HIS F 26 51.23 8.87 -32.17
C HIS F 26 52.69 8.70 -31.78
N GLN F 27 53.53 8.42 -32.76
CA GLN F 27 54.91 8.03 -32.49
C GLN F 27 55.59 8.20 -33.84
N ASN F 28 56.77 8.80 -33.86
CA ASN F 28 57.53 8.95 -35.10
C ASN F 28 58.94 9.36 -34.70
N SER F 29 59.71 9.87 -35.67
CA SER F 29 61.11 10.23 -35.45
C SER F 29 61.27 11.22 -34.30
N GLU F 30 60.39 12.20 -34.20
CA GLU F 30 60.29 13.02 -33.01
C GLU F 30 59.17 12.43 -32.15
N GLY F 31 59.51 11.44 -31.34
CA GLY F 31 58.48 10.81 -30.52
C GLY F 31 57.75 11.77 -29.61
N THR F 32 56.90 11.23 -28.72
CA THR F 32 55.94 11.89 -27.82
C THR F 32 54.55 12.51 -27.86
N GLY F 33 53.93 12.57 -29.04
CA GLY F 33 52.51 12.92 -29.14
C GLY F 33 51.26 12.38 -28.48
N GLN F 34 50.36 13.28 -28.10
CA GLN F 34 49.00 12.90 -27.71
C GLN F 34 48.10 14.10 -27.90
N ALA F 35 46.94 13.88 -28.50
CA ALA F 35 45.98 14.96 -28.73
C ALA F 35 44.57 14.40 -28.72
N ALA F 36 43.64 15.20 -28.20
CA ALA F 36 42.24 14.82 -28.17
C ALA F 36 41.55 15.26 -29.46
N ASP F 37 40.51 14.53 -29.84
CA ASP F 37 39.70 14.86 -31.00
C ASP F 37 38.44 15.56 -30.54
N LEU F 38 38.28 16.83 -30.94
CA LEU F 38 37.18 17.64 -30.45
C LEU F 38 35.85 17.28 -31.10
N LYS F 39 35.87 17.00 -32.41
CA LYS F 39 34.61 16.78 -33.14
C LYS F 39 33.87 15.57 -32.62
N SER F 40 34.57 14.45 -32.43
CA SER F 40 33.90 13.25 -31.94
C SER F 40 33.53 13.38 -30.47
N THR F 41 34.42 13.97 -29.66
CA THR F 41 34.08 14.26 -28.26
C THR F 41 32.83 15.12 -28.19
N GLN F 42 32.74 16.14 -29.04
CA GLN F 42 31.59 17.03 -29.02
C GLN F 42 30.32 16.29 -29.39
N ALA F 43 30.41 15.36 -30.35
CA ALA F 43 29.22 14.64 -30.80
C ALA F 43 28.64 13.77 -29.70
N ALA F 44 29.50 13.03 -28.99
CA ALA F 44 29.01 12.18 -27.90
C ALA F 44 28.44 13.03 -26.77
N ILE F 45 29.02 14.20 -26.52
CA ILE F 45 28.57 15.05 -25.43
C ILE F 45 27.21 15.66 -25.75
N ASN F 46 27.02 16.12 -26.99
CA ASN F 46 25.75 16.73 -27.36
C ASN F 46 24.59 15.75 -27.21
N GLN F 47 24.78 14.50 -27.63
CA GLN F 47 23.71 13.51 -27.51
C GLN F 47 23.42 13.17 -26.07
N ILE F 48 24.47 12.99 -25.25
CA ILE F 48 24.26 12.65 -23.84
C ILE F 48 23.59 13.81 -23.11
N THR F 49 24.02 15.04 -23.38
CA THR F 49 23.33 16.21 -22.83
C THR F 49 21.89 16.28 -23.35
N GLY F 50 21.67 15.89 -24.61
CA GLY F 50 20.34 15.95 -25.17
C GLY F 50 19.35 15.05 -24.46
N LYS F 51 19.75 13.79 -24.23
CA LYS F 51 18.86 12.87 -23.53
C LYS F 51 18.74 13.24 -22.06
N LEU F 52 19.84 13.70 -21.44
CA LEU F 52 19.81 14.10 -20.04
C LEU F 52 18.81 15.23 -19.81
N ASN F 53 18.64 16.09 -20.80
CA ASN F 53 17.65 17.17 -20.68
C ASN F 53 16.23 16.68 -20.92
N ARG F 54 16.05 15.67 -21.78
CA ARG F 54 14.71 15.12 -21.98
C ARG F 54 14.19 14.48 -20.70
N VAL F 55 15.04 13.74 -19.99
CA VAL F 55 14.57 12.96 -18.83
C VAL F 55 14.33 13.81 -17.59
N ILE F 56 14.93 15.00 -17.49
CA ILE F 56 14.72 15.88 -16.34
C ILE F 56 13.81 17.05 -16.72
N LYS F 57 12.86 16.82 -17.65
CA LYS F 57 12.09 17.91 -18.24
C LYS F 57 11.16 18.59 -17.22
N LYS F 58 10.57 17.82 -16.29
CA LYS F 58 10.01 18.33 -15.03
C LYS F 58 8.58 18.85 -15.17
N THR F 59 7.63 17.97 -15.46
CA THR F 59 6.25 18.36 -15.76
C THR F 59 5.27 18.20 -14.60
N ASN F 60 5.55 17.32 -13.64
CA ASN F 60 4.55 16.93 -12.65
C ASN F 60 4.29 18.06 -11.67
N GLU F 61 3.08 18.62 -11.70
CA GLU F 61 2.72 19.70 -10.77
C GLU F 61 1.32 19.41 -10.26
N LYS F 62 1.22 18.78 -9.10
CA LYS F 62 -0.05 18.39 -8.53
C LYS F 62 -0.35 19.17 -7.25
N PHE F 63 -1.62 19.44 -7.01
CA PHE F 63 -2.01 20.19 -5.82
C PHE F 63 -2.91 19.54 -4.79
N HIS F 64 -4.23 19.57 -4.97
CA HIS F 64 -5.12 18.92 -4.01
C HIS F 64 -5.32 17.53 -4.59
N GLN F 65 -4.95 16.50 -3.82
CA GLN F 65 -5.07 15.12 -4.26
C GLN F 65 -5.95 14.31 -3.32
N ILE F 66 -5.71 13.01 -3.21
CA ILE F 66 -6.42 12.17 -2.27
C ILE F 66 -5.54 11.94 -1.05
N GLU F 67 -6.18 11.62 0.07
CA GLU F 67 -5.43 11.24 1.25
C GLU F 67 -4.77 9.89 1.03
N LYS F 68 -3.52 9.77 1.47
CA LYS F 68 -2.74 8.57 1.24
C LYS F 68 -2.27 7.90 2.52
N GLU F 69 -2.55 8.48 3.69
CA GLU F 69 -2.34 7.84 4.97
C GLU F 69 -3.61 7.95 5.78
N PHE F 70 -3.88 6.92 6.57
CA PHE F 70 -5.16 6.82 7.27
C PHE F 70 -4.94 6.33 8.70
N SER F 71 -5.64 6.96 9.65
CA SER F 71 -5.51 6.60 11.05
C SER F 71 -6.68 5.81 11.60
N GLU F 72 -7.74 5.61 10.83
CA GLU F 72 -8.88 4.82 11.26
C GLU F 72 -9.19 3.77 10.20
N VAL F 73 -9.78 2.67 10.65
CA VAL F 73 -10.23 1.62 9.75
C VAL F 73 -11.59 2.02 9.17
N GLU F 74 -11.66 2.08 7.84
CA GLU F 74 -12.88 2.48 7.15
C GLU F 74 -13.35 1.48 6.11
N GLY F 75 -12.58 0.43 5.85
CA GLY F 75 -13.03 -0.63 4.96
C GLY F 75 -12.96 -0.31 3.48
N ARG F 76 -14.13 -0.37 2.83
CA ARG F 76 -14.18 -0.49 1.38
C ARG F 76 -13.62 0.74 0.67
N ILE F 77 -14.14 1.92 1.00
CA ILE F 77 -13.70 3.14 0.32
C ILE F 77 -12.22 3.37 0.52
N GLN F 78 -11.68 2.98 1.69
CA GLN F 78 -10.26 3.19 1.97
C GLN F 78 -9.40 2.15 1.27
N ASP F 79 -9.90 0.92 1.11
CA ASP F 79 -9.20 -0.07 0.29
C ASP F 79 -8.90 0.48 -1.09
N LEU F 80 -9.87 1.19 -1.66
CA LEU F 80 -9.73 1.68 -3.03
C LEU F 80 -8.70 2.80 -3.12
N GLU F 81 -8.76 3.76 -2.18
CA GLU F 81 -7.79 4.85 -2.17
C GLU F 81 -6.36 4.32 -2.04
N LYS F 82 -6.17 3.30 -1.20
CA LYS F 82 -4.84 2.71 -1.07
C LYS F 82 -4.46 1.95 -2.34
N TYR F 83 -5.41 1.25 -2.94
CA TYR F 83 -5.12 0.48 -4.15
C TYR F 83 -4.76 1.40 -5.31
N VAL F 84 -5.46 2.52 -5.43
CA VAL F 84 -5.17 3.49 -6.49
C VAL F 84 -3.73 4.00 -6.36
N GLU F 85 -3.37 4.50 -5.18
CA GLU F 85 -2.03 5.04 -4.99
C GLU F 85 -0.98 3.95 -5.12
N ASP F 86 -1.27 2.75 -4.62
CA ASP F 86 -0.32 1.64 -4.75
C ASP F 86 -0.11 1.29 -6.22
N THR F 87 -1.21 1.19 -6.98
CA THR F 87 -1.10 0.88 -8.40
C THR F 87 -0.30 1.95 -9.15
N LYS F 88 -0.52 3.21 -8.80
CA LYS F 88 0.19 4.30 -9.47
C LYS F 88 1.68 4.24 -9.21
N ILE F 89 2.07 3.96 -7.96
CA ILE F 89 3.48 3.97 -7.61
C ILE F 89 4.23 2.86 -8.35
N ASP F 90 3.61 1.68 -8.41
CA ASP F 90 4.26 0.54 -9.08
C ASP F 90 4.49 0.82 -10.55
N LEU F 91 3.56 1.55 -11.18
CA LEU F 91 3.68 1.82 -12.60
C LEU F 91 4.77 2.85 -12.88
N TRP F 92 4.89 3.88 -12.04
CA TRP F 92 5.97 4.85 -12.22
C TRP F 92 7.31 4.25 -11.83
N SER F 93 7.33 3.40 -10.82
CA SER F 93 8.56 2.70 -10.47
C SER F 93 9.04 1.84 -11.63
N TYR F 94 8.12 1.20 -12.35
CA TYR F 94 8.49 0.43 -13.52
C TYR F 94 9.00 1.34 -14.63
N ASN F 95 8.29 2.44 -14.88
CA ASN F 95 8.73 3.38 -15.91
C ASN F 95 10.13 3.89 -15.63
N ALA F 96 10.40 4.27 -14.38
CA ALA F 96 11.71 4.77 -14.02
C ALA F 96 12.79 3.70 -14.23
N GLU F 97 12.50 2.47 -13.79
CA GLU F 97 13.47 1.39 -13.94
C GLU F 97 13.76 1.11 -15.40
N LEU F 98 12.73 1.08 -16.24
CA LEU F 98 12.95 0.79 -17.65
C LEU F 98 13.61 1.97 -18.36
N LEU F 99 13.27 3.20 -17.95
CA LEU F 99 13.85 4.37 -18.60
C LEU F 99 15.36 4.40 -18.43
N VAL F 100 15.83 4.14 -17.21
CA VAL F 100 17.27 4.16 -16.95
C VAL F 100 17.96 3.04 -17.74
N ALA F 101 17.37 1.85 -17.75
CA ALA F 101 18.00 0.72 -18.42
C ALA F 101 18.13 0.95 -19.92
N LEU F 102 17.15 1.62 -20.53
CA LEU F 102 17.22 1.87 -21.96
C LEU F 102 18.24 2.96 -22.29
N GLU F 103 18.18 4.08 -21.56
CA GLU F 103 19.09 5.19 -21.84
C GLU F 103 20.54 4.77 -21.61
N ASN F 104 20.82 4.04 -20.52
CA ASN F 104 22.18 3.61 -20.25
C ASN F 104 22.67 2.62 -21.30
N GLN F 105 21.80 1.73 -21.75
CA GLN F 105 22.17 0.83 -22.84
C GLN F 105 22.49 1.62 -24.10
N HIS F 106 21.67 2.63 -24.40
CA HIS F 106 21.90 3.45 -25.60
C HIS F 106 23.13 4.33 -25.44
N THR F 107 23.38 4.82 -24.23
CA THR F 107 24.54 5.67 -24.01
C THR F 107 25.83 4.91 -24.24
N ILE F 108 25.91 3.67 -23.75
CA ILE F 108 27.08 2.83 -24.00
C ILE F 108 27.24 2.60 -25.50
N ASP F 109 26.14 2.28 -26.18
CA ASP F 109 26.23 1.92 -27.60
C ASP F 109 26.55 3.13 -28.48
N LEU F 110 26.08 4.33 -28.11
CA LEU F 110 26.40 5.49 -28.92
C LEU F 110 27.82 5.99 -28.67
N THR F 111 28.33 5.88 -27.44
CA THR F 111 29.72 6.24 -27.18
C THR F 111 30.66 5.25 -27.84
N ASP F 112 30.32 3.95 -27.79
CA ASP F 112 31.05 2.96 -28.57
C ASP F 112 30.99 3.27 -30.05
N SER F 113 29.88 3.83 -30.53
CA SER F 113 29.75 4.16 -31.94
C SER F 113 30.73 5.26 -32.34
N GLU F 114 30.79 6.35 -31.56
CA GLU F 114 31.67 7.47 -31.90
C GLU F 114 33.12 7.00 -32.00
N MET F 115 33.54 6.11 -31.12
CA MET F 115 34.87 5.54 -31.21
C MET F 115 35.08 4.84 -32.55
N SER F 116 34.09 4.06 -32.99
CA SER F 116 34.22 3.35 -34.25
C SER F 116 34.18 4.31 -35.44
N LYS F 117 33.34 5.34 -35.38
CA LYS F 117 33.27 6.31 -36.46
C LYS F 117 34.60 7.04 -36.62
N LEU F 118 35.26 7.38 -35.52
CA LEU F 118 36.56 8.02 -35.59
C LEU F 118 37.59 7.09 -36.23
N PHE F 119 37.49 5.79 -35.97
CA PHE F 119 38.41 4.85 -36.56
C PHE F 119 38.20 4.73 -38.06
N GLU F 120 36.94 4.65 -38.50
CA GLU F 120 36.66 4.59 -39.93
C GLU F 120 36.93 5.94 -40.60
N ARG F 121 36.82 7.04 -39.85
CA ARG F 121 37.21 8.33 -40.40
C ARG F 121 38.70 8.36 -40.68
N THR F 122 39.50 7.85 -39.75
CA THR F 122 40.95 7.83 -39.94
C THR F 122 41.36 6.83 -41.01
N ARG F 123 40.70 5.67 -41.05
CA ARG F 123 41.07 4.63 -42.02
C ARG F 123 40.87 5.12 -43.45
N ARG F 124 39.74 5.78 -43.74
CA ARG F 124 39.50 6.25 -45.10
C ARG F 124 40.48 7.32 -45.51
N GLN F 125 40.90 8.18 -44.57
CA GLN F 125 41.87 9.22 -44.88
C GLN F 125 43.18 8.64 -45.36
N LEU F 126 43.67 7.60 -44.70
CA LEU F 126 44.99 7.06 -44.99
C LEU F 126 45.05 6.25 -46.27
N ARG F 127 43.90 5.87 -46.84
CA ARG F 127 43.84 5.09 -48.08
C ARG F 127 44.78 3.90 -48.04
N GLU F 128 45.70 3.82 -49.00
CA GLU F 128 46.61 2.69 -49.10
C GLU F 128 47.94 2.94 -48.42
N ASN F 129 48.04 3.98 -47.60
CA ASN F 129 49.31 4.36 -46.99
C ASN F 129 49.50 3.78 -45.60
N ALA F 130 48.56 2.96 -45.11
CA ALA F 130 48.66 2.43 -43.76
C ALA F 130 47.87 1.13 -43.67
N GLU F 131 48.04 0.43 -42.55
CA GLU F 131 47.36 -0.82 -42.29
C GLU F 131 46.96 -0.91 -40.83
N ASP F 132 45.86 -1.60 -40.57
CA ASP F 132 45.31 -1.75 -39.22
C ASP F 132 46.08 -2.85 -38.48
N MET F 133 46.81 -2.47 -37.42
CA MET F 133 47.57 -3.45 -36.64
C MET F 133 46.70 -4.27 -35.71
N GLY F 134 45.41 -3.93 -35.58
CA GLY F 134 44.45 -4.73 -34.87
C GLY F 134 44.05 -4.22 -33.50
N ASN F 135 44.88 -3.39 -32.88
CA ASN F 135 44.59 -2.89 -31.54
C ASN F 135 44.18 -1.42 -31.55
N GLY F 136 43.44 -0.98 -32.58
CA GLY F 136 43.12 0.43 -32.71
C GLY F 136 44.25 1.32 -33.19
N CYS F 137 45.30 0.74 -33.75
CA CYS F 137 46.46 1.48 -34.21
C CYS F 137 46.71 1.20 -35.68
N PHE F 138 47.24 2.21 -36.37
CA PHE F 138 47.67 2.07 -37.75
C PHE F 138 49.18 2.10 -37.83
N LYS F 139 49.74 1.25 -38.69
CA LYS F 139 51.15 1.36 -39.05
C LYS F 139 51.23 2.16 -40.34
N ILE F 140 51.79 3.36 -40.25
CA ILE F 140 51.92 4.24 -41.40
C ILE F 140 53.24 3.92 -42.11
N TYR F 141 53.16 3.61 -43.40
CA TYR F 141 54.32 3.13 -44.15
C TYR F 141 55.21 4.20 -44.77
N HIS F 142 55.10 5.46 -44.33
CA HIS F 142 55.99 6.50 -44.81
C HIS F 142 56.42 7.44 -43.70
N LYS F 143 57.51 8.16 -43.95
CA LYS F 143 57.96 9.19 -43.01
C LYS F 143 56.88 10.23 -42.83
N CYS F 144 56.53 10.48 -41.57
CA CYS F 144 55.42 11.38 -41.23
C CYS F 144 55.82 12.17 -39.99
N ASP F 145 56.32 13.38 -40.19
CA ASP F 145 56.71 14.22 -39.07
C ASP F 145 55.47 14.75 -38.35
N ASN F 146 55.71 15.49 -37.25
CA ASN F 146 54.60 15.96 -36.43
C ASN F 146 53.63 16.82 -37.23
N ALA F 147 54.12 17.54 -38.24
CA ALA F 147 53.22 18.29 -39.11
C ALA F 147 52.32 17.36 -39.91
N CYS F 148 52.92 16.31 -40.48
CA CYS F 148 52.14 15.33 -41.23
C CYS F 148 51.07 14.67 -40.35
N ILE F 149 51.43 14.35 -39.10
CA ILE F 149 50.47 13.76 -38.17
C ILE F 149 49.33 14.73 -37.88
N GLY F 150 49.65 16.00 -37.63
CA GLY F 150 48.61 16.99 -37.40
C GLY F 150 47.63 17.13 -38.56
N SER F 151 48.11 16.96 -39.80
CA SER F 151 47.22 17.03 -40.94
C SER F 151 46.20 15.90 -40.95
N ILE F 152 46.55 14.76 -40.35
CA ILE F 152 45.61 13.66 -40.25
C ILE F 152 44.50 14.01 -39.26
N ARG F 153 44.84 14.62 -38.14
CA ARG F 153 43.84 15.03 -37.16
C ARG F 153 43.01 16.23 -37.65
N ASN F 154 43.63 17.16 -38.39
CA ASN F 154 42.91 18.29 -38.97
C ASN F 154 42.10 17.90 -40.19
N GLY F 155 42.16 16.64 -40.62
CA GLY F 155 41.46 16.23 -41.82
C GLY F 155 42.00 16.77 -43.11
N THR F 156 43.30 17.11 -43.13
CA THR F 156 43.94 17.71 -44.31
C THR F 156 45.09 16.85 -44.82
N TYR F 157 45.01 15.54 -44.59
CA TYR F 157 46.04 14.61 -45.04
C TYR F 157 45.83 14.32 -46.53
N ASP F 158 46.82 14.64 -47.34
CA ASP F 158 46.79 14.37 -48.78
C ASP F 158 47.52 13.04 -49.01
N HIS F 159 46.78 12.02 -49.43
CA HIS F 159 47.30 10.65 -49.38
C HIS F 159 48.27 10.37 -50.52
N ASP F 160 47.99 10.85 -51.74
CA ASP F 160 48.88 10.54 -52.84
C ASP F 160 50.16 11.37 -52.84
N ILE F 161 50.29 12.32 -51.91
CA ILE F 161 51.60 12.90 -51.63
C ILE F 161 52.57 11.80 -51.23
N TYR F 162 52.09 10.83 -50.44
CA TYR F 162 52.93 9.77 -49.90
C TYR F 162 52.62 8.40 -50.50
N ARG F 163 51.69 8.31 -51.46
CA ARG F 163 51.22 7.01 -51.91
C ARG F 163 52.35 6.15 -52.48
N ASN F 164 53.29 6.78 -53.20
CA ASN F 164 54.36 6.00 -53.80
C ASN F 164 55.38 5.56 -52.74
N GLU F 165 55.73 6.44 -51.80
CA GLU F 165 56.62 6.03 -50.73
C GLU F 165 55.97 4.95 -49.87
N ALA F 166 54.67 5.06 -49.62
CA ALA F 166 54.01 4.13 -48.72
C ALA F 166 53.84 2.76 -49.37
N LEU F 167 53.37 2.72 -50.62
CA LEU F 167 53.14 1.45 -51.29
C LEU F 167 54.45 0.68 -51.47
N ASN F 168 55.57 1.37 -51.61
CA ASN F 168 56.87 0.71 -51.66
C ASN F 168 57.10 -0.11 -50.39
N ASN F 169 57.17 0.57 -49.23
CA ASN F 169 57.44 -0.12 -47.98
C ASN F 169 56.42 -1.22 -47.69
N ARG F 170 55.17 -1.04 -48.12
CA ARG F 170 54.15 -2.03 -47.86
C ARG F 170 54.47 -3.35 -48.55
N PHE F 171 54.84 -3.29 -49.83
CA PHE F 171 55.02 -4.50 -50.61
C PHE F 171 56.48 -4.81 -50.94
N GLN F 172 57.40 -4.52 -50.03
CA GLN F 172 58.81 -4.89 -50.19
C GLN F 172 59.40 -5.55 -48.95
N ASN G 8 18.50 45.07 78.35
CA ASN G 8 19.23 44.24 77.39
C ASN G 8 20.56 44.89 77.01
N SER G 9 21.62 44.09 76.93
CA SER G 9 22.95 44.59 76.60
C SER G 9 23.55 43.93 75.38
N MET G 10 23.36 42.63 75.21
CA MET G 10 23.95 41.87 74.12
C MET G 10 22.83 41.42 73.16
N ALA G 11 23.05 40.30 72.45
CA ALA G 11 22.07 39.77 71.52
C ALA G 11 22.40 38.33 71.15
N THR G 12 21.41 37.45 71.25
CA THR G 12 21.61 36.00 71.12
C THR G 12 20.85 35.34 69.97
N LEU G 13 21.51 34.39 69.31
CA LEU G 13 20.91 33.64 68.23
C LEU G 13 21.12 32.16 68.44
N CYS G 14 20.09 31.40 68.11
CA CYS G 14 20.17 29.95 68.18
C CYS G 14 19.97 29.35 66.79
N LEU G 15 20.73 28.30 66.51
CA LEU G 15 20.54 27.47 65.32
C LEU G 15 20.16 26.08 65.81
N GLY G 16 19.09 25.53 65.25
CA GLY G 16 18.54 24.27 65.73
C GLY G 16 17.91 23.45 64.63
N HIS G 17 17.15 22.41 64.98
CA HIS G 17 16.67 21.49 63.95
C HIS G 17 15.21 21.10 64.17
N HIS G 18 14.66 20.47 63.12
CA HIS G 18 13.26 20.10 62.98
C HIS G 18 12.91 18.90 63.86
N ALA G 19 11.61 18.75 64.11
CA ALA G 19 11.12 17.59 64.86
C ALA G 19 9.61 17.45 64.69
N VAL G 20 9.12 16.28 65.06
CA VAL G 20 7.69 15.96 65.09
C VAL G 20 7.39 15.22 66.38
N PRO G 21 6.23 15.48 67.00
CA PRO G 21 5.88 14.73 68.21
C PRO G 21 5.60 13.25 67.95
N ASN G 22 5.34 12.85 66.71
CA ASN G 22 4.84 11.49 66.41
C ASN G 22 5.62 10.93 65.22
N GLY G 23 6.74 10.27 65.50
CA GLY G 23 7.58 9.69 64.48
C GLY G 23 7.56 8.17 64.47
N THR G 24 8.25 7.61 63.48
CA THR G 24 8.24 6.17 63.23
C THR G 24 9.62 5.56 63.45
N LEU G 25 9.64 4.24 63.62
CA LEU G 25 10.87 3.50 63.85
C LEU G 25 11.44 2.98 62.54
N VAL G 26 12.77 2.94 62.45
CA VAL G 26 13.47 2.38 61.29
C VAL G 26 14.65 1.55 61.79
N LYS G 27 15.28 0.83 60.87
CA LYS G 27 16.43 -0.02 61.14
C LYS G 27 17.69 0.59 60.53
N THR G 28 18.84 0.39 61.18
CA THR G 28 20.12 0.91 60.70
C THR G 28 21.23 -0.10 60.93
N ILE G 29 22.45 0.31 60.60
CA ILE G 29 23.62 -0.53 60.83
C ILE G 29 23.95 -0.57 62.32
N THR G 30 24.08 0.61 62.94
CA THR G 30 24.57 0.71 64.31
C THR G 30 23.48 0.30 65.31
N ASP G 31 22.42 1.08 65.40
CA ASP G 31 21.30 0.74 66.27
C ASP G 31 20.28 -0.10 65.51
N ASP G 32 19.31 -0.64 66.25
CA ASP G 32 18.27 -1.47 65.67
C ASP G 32 16.96 -0.73 65.45
N GLN G 33 16.66 0.29 66.25
CA GLN G 33 15.48 1.10 65.98
C GLN G 33 15.76 2.55 66.37
N ILE G 34 15.28 3.47 65.53
CA ILE G 34 15.53 4.91 65.68
C ILE G 34 14.30 5.65 65.18
N GLU G 35 13.97 6.76 65.83
CA GLU G 35 12.88 7.61 65.37
C GLU G 35 13.36 8.57 64.29
N VAL G 36 12.47 8.86 63.34
CA VAL G 36 12.73 9.79 62.26
C VAL G 36 11.47 10.60 61.98
N THR G 37 11.64 11.69 61.23
CA THR G 37 10.50 12.55 60.89
C THR G 37 9.53 11.85 59.95
N ASN G 38 10.01 10.90 59.15
CA ASN G 38 9.14 10.27 58.16
C ASN G 38 9.82 9.03 57.60
N ALA G 39 9.01 8.04 57.27
CA ALA G 39 9.47 6.79 56.68
C ALA G 39 8.60 6.44 55.48
N THR G 40 8.92 5.33 54.83
CA THR G 40 8.09 4.80 53.75
C THR G 40 8.33 3.30 53.66
N GLU G 41 7.25 2.57 53.36
CA GLU G 41 7.30 1.11 53.31
C GLU G 41 7.77 0.65 51.93
N LEU G 42 8.83 -0.17 51.91
CA LEU G 42 9.37 -0.70 50.67
C LEU G 42 8.80 -2.07 50.29
N VAL G 43 8.02 -2.70 51.17
CA VAL G 43 7.54 -4.07 50.96
C VAL G 43 6.03 -4.02 50.82
N GLN G 44 5.54 -4.33 49.63
CA GLN G 44 4.09 -4.42 49.40
C GLN G 44 3.57 -5.66 50.10
N SER G 45 2.76 -5.48 51.14
CA SER G 45 2.26 -6.60 51.93
C SER G 45 0.80 -6.92 51.69
N SER G 46 0.04 -6.03 51.05
CA SER G 46 -1.39 -6.23 50.84
C SER G 46 -1.70 -6.32 49.36
N SER G 47 -2.81 -6.98 49.05
CA SER G 47 -3.33 -7.08 47.70
C SER G 47 -4.79 -6.66 47.69
N THR G 48 -5.24 -6.13 46.55
CA THR G 48 -6.65 -5.81 46.39
C THR G 48 -7.52 -7.06 46.45
N GLY G 49 -6.94 -8.23 46.23
CA GLY G 49 -7.67 -9.48 46.27
C GLY G 49 -8.01 -10.05 44.91
N ARG G 50 -7.99 -9.22 43.86
CA ARG G 50 -8.46 -9.61 42.54
C ARG G 50 -7.36 -9.42 41.50
N ILE G 51 -7.46 -10.20 40.43
CA ILE G 51 -6.55 -10.10 39.29
C ILE G 51 -7.12 -9.10 38.31
N CYS G 52 -6.30 -8.13 37.90
CA CYS G 52 -6.74 -7.13 36.93
C CYS G 52 -6.55 -7.67 35.52
N ASN G 53 -7.56 -7.50 34.67
CA ASN G 53 -7.60 -8.15 33.36
C ASN G 53 -6.93 -7.33 32.27
N SER G 54 -6.08 -6.36 32.64
CA SER G 54 -5.22 -5.67 31.70
C SER G 54 -4.01 -5.17 32.49
N PRO G 55 -2.87 -4.96 31.82
CA PRO G 55 -2.57 -5.00 30.38
C PRO G 55 -2.43 -6.41 29.81
N HIS G 56 -2.24 -7.39 30.68
CA HIS G 56 -1.95 -8.74 30.23
C HIS G 56 -3.22 -9.49 29.86
N GLN G 57 -3.13 -10.28 28.79
CA GLN G 57 -4.26 -11.08 28.33
C GLN G 57 -4.41 -12.30 29.24
N ILE G 58 -5.43 -12.26 30.09
CA ILE G 58 -5.74 -13.35 31.00
C ILE G 58 -6.76 -14.27 30.35
N LEU G 59 -6.61 -15.57 30.58
CA LEU G 59 -7.54 -16.58 30.07
C LEU G 59 -7.99 -17.44 31.24
N ASP G 60 -9.13 -17.08 31.84
CA ASP G 60 -9.72 -17.88 32.89
C ASP G 60 -10.09 -19.25 32.34
N GLY G 61 -9.45 -20.28 32.86
CA GLY G 61 -9.72 -21.64 32.39
C GLY G 61 -11.05 -22.19 32.86
N LYS G 62 -11.70 -21.53 33.81
CA LYS G 62 -12.97 -21.99 34.41
C LYS G 62 -12.72 -23.40 34.92
N ASN G 63 -13.56 -24.38 34.56
CA ASN G 63 -13.39 -25.75 35.01
C ASN G 63 -12.57 -26.59 34.04
N CYS G 64 -11.67 -25.96 33.30
CA CYS G 64 -10.81 -26.65 32.35
C CYS G 64 -9.36 -26.46 32.73
N THR G 65 -8.58 -27.54 32.63
CA THR G 65 -7.14 -27.46 32.73
C THR G 65 -6.54 -27.26 31.34
N LEU G 66 -5.32 -26.74 31.31
CA LEU G 66 -4.67 -26.44 30.04
C LEU G 66 -4.55 -27.70 29.18
N ILE G 67 -4.26 -28.84 29.81
CA ILE G 67 -4.14 -30.08 29.06
C ILE G 67 -5.50 -30.51 28.52
N ASP G 68 -6.57 -30.32 29.31
CA ASP G 68 -7.92 -30.62 28.82
C ASP G 68 -8.28 -29.76 27.63
N ALA G 69 -8.02 -28.46 27.71
CA ALA G 69 -8.28 -27.57 26.58
C ALA G 69 -7.44 -27.96 25.37
N LEU G 70 -6.17 -28.31 25.61
CA LEU G 70 -5.30 -28.76 24.53
C LEU G 70 -5.89 -29.97 23.80
N LEU G 71 -6.30 -30.99 24.56
CA LEU G 71 -6.80 -32.22 23.96
C LEU G 71 -8.19 -32.05 23.37
N GLY G 72 -8.97 -31.09 23.86
CA GLY G 72 -10.31 -30.89 23.33
C GLY G 72 -11.37 -31.64 24.09
N ASP G 73 -11.29 -31.59 25.43
CA ASP G 73 -12.38 -32.11 26.26
C ASP G 73 -13.66 -31.36 25.89
N PRO G 74 -14.77 -32.06 25.65
CA PRO G 74 -15.96 -31.39 25.11
C PRO G 74 -16.44 -30.19 25.89
N HIS G 75 -16.37 -30.21 27.22
CA HIS G 75 -16.77 -29.03 27.98
C HIS G 75 -15.70 -27.93 27.97
N CYS G 76 -14.63 -28.11 27.19
CA CYS G 76 -13.60 -27.11 26.99
C CYS G 76 -13.55 -26.62 25.55
N ASP G 77 -14.64 -26.81 24.79
CA ASP G 77 -14.62 -26.41 23.39
C ASP G 77 -14.46 -24.91 23.22
N ASP G 78 -14.91 -24.12 24.19
CA ASP G 78 -14.84 -22.67 24.08
C ASP G 78 -13.42 -22.12 24.16
N PHE G 79 -12.42 -22.99 24.32
CA PHE G 79 -11.02 -22.57 24.34
C PHE G 79 -10.29 -22.89 23.05
N GLN G 80 -11.00 -23.31 22.00
CA GLN G 80 -10.35 -23.69 20.76
C GLN G 80 -9.58 -22.53 20.14
N ASN G 81 -8.37 -22.83 19.65
CA ASN G 81 -7.56 -21.89 18.88
C ASN G 81 -7.32 -20.59 19.65
N LYS G 82 -7.36 -20.67 20.97
CA LYS G 82 -7.27 -19.51 21.84
C LYS G 82 -5.82 -19.25 22.24
N GLU G 83 -5.53 -18.00 22.59
CA GLU G 83 -4.22 -17.58 23.03
C GLU G 83 -4.32 -16.74 24.30
N TRP G 84 -3.18 -16.53 24.95
CA TRP G 84 -3.17 -15.91 26.27
C TRP G 84 -1.76 -15.42 26.59
N ASP G 85 -1.70 -14.34 27.37
CA ASP G 85 -0.46 -13.97 28.04
C ASP G 85 -0.26 -14.78 29.31
N LEU G 86 -1.35 -15.07 30.01
CA LEU G 86 -1.27 -15.84 31.26
C LEU G 86 -2.53 -16.67 31.38
N PHE G 87 -2.36 -18.00 31.36
CA PHE G 87 -3.46 -18.92 31.59
C PHE G 87 -3.63 -19.14 33.09
N VAL G 88 -4.87 -19.11 33.55
CA VAL G 88 -5.19 -19.23 34.97
C VAL G 88 -5.99 -20.52 35.16
N GLU G 89 -5.40 -21.48 35.87
CA GLU G 89 -6.08 -22.72 36.18
C GLU G 89 -6.79 -22.63 37.53
N ARG G 90 -8.01 -23.13 37.57
CA ARG G 90 -8.82 -23.11 38.78
C ARG G 90 -8.77 -24.46 39.47
N SER G 91 -8.83 -24.43 40.80
CA SER G 91 -8.85 -25.67 41.58
C SER G 91 -10.12 -26.47 41.37
N THR G 92 -11.17 -25.85 40.85
CA THR G 92 -12.44 -26.54 40.63
C THR G 92 -12.51 -27.23 39.28
N ALA G 93 -11.43 -27.23 38.51
CA ALA G 93 -11.44 -27.85 37.20
C ALA G 93 -11.60 -29.36 37.34
N TYR G 94 -12.21 -29.96 36.32
CA TYR G 94 -12.39 -31.41 36.28
C TYR G 94 -12.27 -31.87 34.84
N SER G 95 -12.10 -33.19 34.67
CA SER G 95 -12.08 -33.82 33.36
C SER G 95 -13.37 -34.60 33.17
N ASN G 96 -13.92 -34.56 31.95
CA ASN G 96 -15.17 -35.25 31.67
C ASN G 96 -15.15 -35.93 30.31
N CYS G 97 -13.97 -36.28 29.81
CA CYS G 97 -13.85 -37.05 28.59
C CYS G 97 -13.30 -38.44 28.92
N TYR G 98 -12.68 -39.07 27.94
CA TYR G 98 -12.07 -40.37 28.16
C TYR G 98 -10.97 -40.25 29.21
N PRO G 99 -10.76 -41.27 30.03
CA PRO G 99 -9.65 -41.22 30.98
C PRO G 99 -8.31 -41.30 30.27
N TYR G 100 -7.34 -40.56 30.78
CA TYR G 100 -6.02 -40.50 30.18
C TYR G 100 -4.98 -40.22 31.26
N TYR G 101 -3.72 -40.33 30.87
CA TYR G 101 -2.61 -39.89 31.70
C TYR G 101 -1.45 -39.52 30.78
N VAL G 102 -0.65 -38.56 31.23
CA VAL G 102 0.45 -38.04 30.43
C VAL G 102 1.76 -38.33 31.15
N PRO G 103 2.63 -39.18 30.60
CA PRO G 103 3.90 -39.49 31.28
C PRO G 103 4.70 -38.26 31.69
N ASP G 104 4.68 -37.20 30.89
CA ASP G 104 5.40 -35.98 31.22
C ASP G 104 4.48 -34.80 31.49
N TYR G 105 3.35 -35.06 32.15
CA TYR G 105 2.31 -34.04 32.31
C TYR G 105 2.84 -32.65 32.64
N ALA G 106 3.67 -32.54 33.67
CA ALA G 106 4.24 -31.24 34.04
C ALA G 106 5.04 -30.63 32.91
N THR G 107 5.71 -31.46 32.10
CA THR G 107 6.50 -30.95 30.99
C THR G 107 5.61 -30.46 29.86
N LEU G 108 4.68 -31.30 29.40
CA LEU G 108 3.75 -30.88 28.35
C LEU G 108 2.95 -29.66 28.77
N ARG G 109 2.56 -29.60 30.05
CA ARG G 109 1.85 -28.43 30.54
C ARG G 109 2.72 -27.18 30.47
N SER G 110 4.00 -27.32 30.79
CA SER G 110 4.90 -26.17 30.82
C SER G 110 5.13 -25.61 29.42
N LEU G 111 5.27 -26.49 28.42
CA LEU G 111 5.63 -26.01 27.09
C LEU G 111 4.42 -25.45 26.35
N VAL G 112 3.24 -26.04 26.54
CA VAL G 112 2.03 -25.47 25.96
C VAL G 112 1.74 -24.12 26.61
N ALA G 113 1.95 -24.02 27.92
CA ALA G 113 1.76 -22.76 28.62
C ALA G 113 2.76 -21.71 28.16
N SER G 114 3.98 -22.12 27.88
CA SER G 114 5.01 -21.18 27.44
C SER G 114 4.78 -20.73 26.00
N SER G 115 4.29 -21.62 25.13
CA SER G 115 3.94 -21.20 23.77
C SER G 115 2.83 -20.15 23.79
N GLY G 116 1.85 -20.31 24.67
CA GLY G 116 0.81 -19.32 24.83
C GLY G 116 -0.22 -19.31 23.73
N ASN G 117 -0.55 -20.47 23.17
CA ASN G 117 -1.37 -20.53 21.98
C ASN G 117 -1.89 -21.94 21.71
N LEU G 118 -3.20 -22.08 21.55
CA LEU G 118 -3.83 -23.34 21.19
C LEU G 118 -4.29 -23.37 19.74
N GLU G 119 -3.79 -22.44 18.92
CA GLU G 119 -4.20 -22.37 17.52
C GLU G 119 -3.85 -23.68 16.80
N PHE G 120 -4.88 -24.37 16.33
CA PHE G 120 -4.75 -25.71 15.79
C PHE G 120 -5.01 -25.69 14.28
N THR G 121 -4.33 -26.58 13.56
CA THR G 121 -4.45 -26.65 12.11
C THR G 121 -4.71 -28.09 11.69
N GLN G 122 -5.85 -28.32 11.03
CA GLN G 122 -6.21 -29.66 10.59
C GLN G 122 -5.26 -30.16 9.52
N GLU G 123 -5.07 -31.47 9.48
CA GLU G 123 -4.24 -32.13 8.48
C GLU G 123 -4.82 -33.49 8.16
N SER G 124 -4.81 -33.85 6.88
CA SER G 124 -5.38 -35.11 6.41
C SER G 124 -4.25 -36.15 6.32
N PHE G 125 -4.34 -37.18 7.14
CA PHE G 125 -3.42 -38.32 7.12
C PHE G 125 -4.03 -39.44 6.30
N ASN G 126 -3.19 -40.13 5.53
CA ASN G 126 -3.65 -41.18 4.61
C ASN G 126 -3.83 -42.32 5.64
N TRP G 127 -5.06 -42.44 6.13
CA TRP G 127 -5.40 -43.59 6.95
C TRP G 127 -6.17 -44.42 5.93
N THR G 128 -5.83 -45.70 5.82
CA THR G 128 -6.40 -46.57 4.80
C THR G 128 -6.97 -47.81 5.44
N GLY G 129 -8.19 -48.17 5.04
CA GLY G 129 -8.79 -49.42 5.47
C GLY G 129 -9.09 -49.49 6.94
N VAL G 130 -9.22 -48.35 7.63
CA VAL G 130 -9.56 -48.31 9.04
C VAL G 130 -10.64 -47.28 9.26
N ALA G 131 -11.52 -47.56 10.21
CA ALA G 131 -12.54 -46.60 10.59
C ALA G 131 -11.92 -45.49 11.45
N GLN G 132 -12.63 -44.36 11.51
CA GLN G 132 -12.14 -43.17 12.19
C GLN G 132 -13.22 -42.61 13.10
N ASP G 133 -12.86 -41.54 13.82
CA ASP G 133 -13.79 -40.75 14.62
C ASP G 133 -14.53 -41.58 15.67
N GLY G 134 -13.85 -42.57 16.23
CA GLY G 134 -14.42 -43.38 17.29
C GLY G 134 -14.86 -42.53 18.46
N SER G 135 -15.89 -42.96 19.19
CA SER G 135 -16.47 -42.17 20.26
C SER G 135 -16.67 -43.06 21.48
N SER G 136 -17.21 -42.46 22.55
CA SER G 136 -17.42 -43.20 23.79
C SER G 136 -18.47 -42.48 24.64
N TYR G 137 -19.22 -43.28 25.40
CA TYR G 137 -20.14 -42.75 26.41
C TYR G 137 -19.40 -42.00 27.51
N ALA G 138 -18.12 -42.29 27.71
CA ALA G 138 -17.32 -41.56 28.70
C ALA G 138 -17.07 -40.11 28.30
N CYS G 139 -17.22 -39.77 27.02
CA CYS G 139 -16.86 -38.45 26.50
C CYS G 139 -18.03 -37.98 25.63
N ARG G 140 -19.07 -37.45 26.27
CA ARG G 140 -20.30 -37.07 25.59
C ARG G 140 -20.30 -35.57 25.30
N ARG G 141 -20.61 -35.21 24.05
CA ARG G 141 -20.67 -33.82 23.61
C ARG G 141 -22.00 -33.60 22.90
N GLY G 142 -22.72 -32.56 23.30
CA GLY G 142 -24.07 -32.39 22.80
C GLY G 142 -25.00 -33.52 23.19
N SER G 143 -24.77 -34.11 24.36
CA SER G 143 -25.60 -35.20 24.90
C SER G 143 -25.60 -36.42 23.98
N VAL G 144 -24.43 -36.77 23.45
CA VAL G 144 -24.29 -37.96 22.62
C VAL G 144 -22.81 -38.31 22.57
N ASN G 145 -22.51 -39.58 22.26
CA ASN G 145 -21.14 -40.08 22.30
C ASN G 145 -20.21 -39.25 21.41
N SER G 146 -19.05 -38.89 21.94
CA SER G 146 -18.06 -38.13 21.19
C SER G 146 -16.65 -38.50 21.66
N PHE G 147 -15.70 -37.59 21.49
CA PHE G 147 -14.30 -37.86 21.81
C PHE G 147 -13.56 -36.53 21.86
N PHE G 148 -12.26 -36.60 22.16
CA PHE G 148 -11.40 -35.42 22.11
C PHE G 148 -11.45 -34.80 20.73
N SER G 149 -11.70 -33.49 20.68
CA SER G 149 -11.84 -32.81 19.40
C SER G 149 -10.54 -32.74 18.63
N ARG G 150 -9.41 -33.04 19.29
CA ARG G 150 -8.11 -32.93 18.66
C ARG G 150 -7.48 -34.27 18.34
N LEU G 151 -8.07 -35.38 18.79
CA LEU G 151 -7.54 -36.71 18.54
C LEU G 151 -8.51 -37.50 17.68
N ASN G 152 -7.96 -38.43 16.90
CA ASN G 152 -8.72 -39.23 15.94
C ASN G 152 -8.58 -40.70 16.32
N TRP G 153 -9.63 -41.24 16.93
CA TRP G 153 -9.62 -42.66 17.32
C TRP G 153 -9.78 -43.53 16.08
N LEU G 154 -8.79 -44.39 15.83
CA LEU G 154 -8.81 -45.29 14.69
C LEU G 154 -9.17 -46.70 15.16
N TYR G 155 -10.21 -47.27 14.57
CA TYR G 155 -10.65 -48.61 14.91
C TYR G 155 -10.94 -49.37 13.62
N ASN G 156 -11.31 -50.64 13.77
CA ASN G 156 -11.44 -51.53 12.63
C ASN G 156 -12.57 -51.08 11.70
N LEU G 157 -12.41 -51.37 10.42
CA LEU G 157 -13.44 -51.16 9.41
C LEU G 157 -13.76 -52.49 8.76
N ASN G 158 -15.01 -52.94 8.91
CA ASN G 158 -15.42 -54.28 8.48
C ASN G 158 -14.51 -55.35 9.08
N TYR G 159 -14.11 -55.13 10.33
CA TYR G 159 -13.47 -56.14 11.18
C TYR G 159 -12.08 -56.50 10.68
N LYS G 160 -11.36 -55.50 10.16
CA LYS G 160 -9.96 -55.65 9.80
C LYS G 160 -9.22 -54.37 10.15
N TYR G 161 -7.95 -54.53 10.50
CA TYR G 161 -7.09 -53.40 10.86
C TYR G 161 -5.74 -53.56 10.17
N PRO G 162 -5.58 -52.98 8.98
CA PRO G 162 -4.28 -53.03 8.31
C PRO G 162 -3.31 -52.01 8.90
N GLU G 163 -2.02 -52.37 8.89
CA GLU G 163 -1.01 -51.54 9.53
C GLU G 163 -0.78 -50.24 8.77
N GLN G 164 -0.70 -49.14 9.51
CA GLN G 164 -0.55 -47.82 8.90
C GLN G 164 0.91 -47.46 8.74
N ASN G 165 1.22 -46.79 7.63
CA ASN G 165 2.52 -46.16 7.42
C ASN G 165 2.25 -44.81 6.79
N VAL G 166 2.43 -43.74 7.57
CA VAL G 166 1.95 -42.42 7.20
C VAL G 166 3.03 -41.38 7.48
N THR G 167 3.20 -40.44 6.56
CA THR G 167 4.15 -39.35 6.68
C THR G 167 3.42 -38.01 6.61
N MET G 168 4.09 -36.97 7.12
CA MET G 168 3.55 -35.61 7.12
C MET G 168 4.71 -34.66 7.25
N PRO G 169 5.23 -34.16 6.13
CA PRO G 169 6.39 -33.26 6.18
C PRO G 169 6.02 -31.86 6.64
N ASN G 170 7.03 -31.18 7.19
CA ASN G 170 6.91 -29.79 7.62
C ASN G 170 7.64 -28.94 6.59
N ASN G 171 6.88 -28.35 5.66
CA ASN G 171 7.42 -27.44 4.65
C ASN G 171 7.18 -25.98 5.03
N ASP G 172 7.03 -25.69 6.31
CA ASP G 172 6.79 -24.35 6.81
C ASP G 172 8.06 -23.78 7.43
N LYS G 173 7.93 -22.68 8.15
CA LYS G 173 9.06 -21.97 8.73
C LYS G 173 9.16 -22.13 10.24
N PHE G 174 8.26 -22.90 10.85
CA PHE G 174 8.12 -22.94 12.30
C PHE G 174 8.02 -24.37 12.79
N ASP G 175 8.30 -24.55 14.08
CA ASP G 175 8.16 -25.86 14.70
C ASP G 175 6.70 -26.28 14.71
N LYS G 176 6.48 -27.59 14.86
CA LYS G 176 5.14 -28.17 14.84
C LYS G 176 4.99 -29.11 16.03
N LEU G 177 3.94 -28.90 16.83
CA LEU G 177 3.65 -29.74 17.98
C LEU G 177 2.49 -30.66 17.63
N TYR G 178 2.71 -31.97 17.72
CA TYR G 178 1.69 -32.97 17.48
C TYR G 178 1.37 -33.67 18.80
N ILE G 179 0.08 -33.77 19.11
CA ILE G 179 -0.41 -34.53 20.25
C ILE G 179 -1.06 -35.81 19.72
N TRP G 180 -0.64 -36.94 20.28
CA TRP G 180 -1.18 -38.23 19.88
C TRP G 180 -1.23 -39.14 21.10
N GLY G 181 -1.89 -40.28 20.94
CA GLY G 181 -2.15 -41.17 22.06
C GLY G 181 -2.05 -42.63 21.67
N VAL G 182 -1.94 -43.46 22.70
CA VAL G 182 -1.93 -44.92 22.56
C VAL G 182 -2.98 -45.49 23.51
N HIS G 183 -3.89 -46.30 22.97
CA HIS G 183 -5.02 -46.82 23.73
C HIS G 183 -4.64 -48.14 24.38
N HIS G 184 -4.78 -48.21 25.70
CA HIS G 184 -4.49 -49.41 26.48
C HIS G 184 -5.80 -50.06 26.91
N PRO G 185 -6.29 -51.04 26.17
CA PRO G 185 -7.61 -51.61 26.46
C PRO G 185 -7.61 -52.38 27.78
N GLY G 186 -8.81 -52.47 28.37
CA GLY G 186 -8.94 -53.05 29.70
C GLY G 186 -9.03 -54.56 29.73
N THR G 187 -9.40 -55.19 28.62
CA THR G 187 -9.59 -56.63 28.58
C THR G 187 -8.98 -57.20 27.31
N ASP G 188 -8.49 -58.43 27.39
CA ASP G 188 -8.01 -59.14 26.21
C ASP G 188 -9.10 -59.24 25.14
N LYS G 189 -10.36 -59.35 25.56
CA LYS G 189 -11.46 -59.37 24.61
C LYS G 189 -11.52 -58.06 23.82
N ASP G 190 -11.39 -56.93 24.52
CA ASP G 190 -11.58 -55.63 23.88
C ASP G 190 -10.50 -55.31 22.86
N GLN G 191 -9.27 -55.80 23.07
CA GLN G 191 -8.18 -55.51 22.14
C GLN G 191 -8.54 -55.95 20.73
N THR G 192 -8.97 -57.21 20.58
CA THR G 192 -9.32 -57.71 19.26
C THR G 192 -10.57 -57.04 18.72
N ASN G 193 -11.56 -56.79 19.59
CA ASN G 193 -12.80 -56.16 19.14
C ASN G 193 -12.54 -54.85 18.42
N LEU G 194 -11.48 -54.14 18.80
CA LEU G 194 -11.17 -52.84 18.22
C LEU G 194 -10.16 -52.94 17.08
N TYR G 195 -9.10 -53.74 17.25
CA TYR G 195 -7.99 -53.75 16.31
C TYR G 195 -7.65 -55.17 15.86
N VAL G 196 -8.63 -56.03 15.90
CA VAL G 196 -8.43 -57.35 15.43
C VAL G 196 -7.26 -58.01 16.10
N GLN G 197 -6.10 -57.59 15.66
CA GLN G 197 -4.83 -58.25 15.98
C GLN G 197 -4.63 -58.12 17.49
N ALA G 198 -3.53 -58.73 17.96
CA ALA G 198 -3.04 -58.53 19.31
C ALA G 198 -2.15 -57.27 19.34
N SER G 199 -1.81 -56.84 20.55
CA SER G 199 -1.11 -55.57 20.71
C SER G 199 0.25 -55.60 20.03
N GLY G 200 0.57 -54.52 19.32
CA GLY G 200 1.83 -54.41 18.61
C GLY G 200 2.34 -52.99 18.63
N ARG G 201 3.58 -52.83 18.16
CA ARG G 201 4.29 -51.57 18.30
C ARG G 201 3.58 -50.42 17.61
N VAL G 202 3.73 -49.24 18.19
CA VAL G 202 3.37 -47.97 17.56
C VAL G 202 4.62 -47.10 17.52
N ILE G 203 4.99 -46.65 16.32
CA ILE G 203 6.27 -45.98 16.10
C ILE G 203 6.01 -44.60 15.52
N VAL G 204 6.48 -43.57 16.23
CA VAL G 204 6.38 -42.18 15.80
C VAL G 204 7.80 -41.61 15.80
N SER G 205 8.22 -41.11 14.64
CA SER G 205 9.63 -40.78 14.45
C SER G 205 9.78 -39.49 13.65
N THR G 206 10.88 -38.80 13.91
CA THR G 206 11.41 -37.73 13.08
C THR G 206 12.84 -38.10 12.68
N LYS G 207 13.57 -37.14 12.10
CA LYS G 207 14.99 -37.35 11.89
C LYS G 207 15.74 -37.31 13.21
N ARG G 208 15.29 -36.46 14.14
CA ARG G 208 15.89 -36.31 15.46
C ARG G 208 15.32 -37.30 16.47
N SER G 209 14.01 -37.25 16.71
CA SER G 209 13.38 -38.04 17.75
C SER G 209 12.97 -39.41 17.25
N GLN G 210 12.84 -40.35 18.19
CA GLN G 210 12.26 -41.67 17.97
C GLN G 210 11.50 -42.04 19.24
N GLN G 211 10.21 -42.36 19.09
CA GLN G 211 9.35 -42.66 20.22
C GLN G 211 8.60 -43.95 19.93
N THR G 212 8.95 -45.01 20.66
CA THR G 212 8.28 -46.30 20.54
C THR G 212 7.37 -46.51 21.76
N VAL G 213 6.16 -46.99 21.49
CA VAL G 213 5.20 -47.30 22.54
C VAL G 213 4.60 -48.68 22.25
N ILE G 214 4.60 -49.53 23.26
CA ILE G 214 3.99 -50.86 23.18
C ILE G 214 2.72 -50.82 24.01
N PRO G 215 1.54 -50.98 23.41
CA PRO G 215 0.31 -51.04 24.20
C PRO G 215 0.35 -52.17 25.21
N ASN G 216 -0.42 -52.01 26.28
CA ASN G 216 -0.39 -52.96 27.39
C ASN G 216 -1.81 -53.19 27.88
N ILE G 217 -2.43 -54.28 27.41
CA ILE G 217 -3.77 -54.64 27.86
C ILE G 217 -3.75 -54.95 29.34
N GLY G 218 -4.74 -54.46 30.07
CA GLY G 218 -4.83 -54.67 31.50
C GLY G 218 -5.96 -53.89 32.12
N SER G 219 -6.37 -54.28 33.32
CA SER G 219 -7.46 -53.60 33.99
C SER G 219 -6.89 -52.35 34.67
N ARG G 220 -7.58 -51.23 34.49
CA ARG G 220 -7.23 -49.93 35.06
C ARG G 220 -8.39 -49.45 35.91
N PRO G 221 -8.24 -48.38 36.72
CA PRO G 221 -9.36 -47.97 37.57
C PRO G 221 -10.53 -47.48 36.72
N TRP G 222 -11.65 -48.18 36.81
CA TRP G 222 -12.90 -47.78 36.18
C TRP G 222 -13.08 -46.28 36.36
N VAL G 223 -13.23 -45.57 35.25
CA VAL G 223 -13.44 -44.13 35.24
C VAL G 223 -14.51 -43.84 34.20
N ARG G 224 -15.68 -43.40 34.65
CA ARG G 224 -16.70 -42.83 33.79
C ARG G 224 -17.18 -43.83 32.73
N GLY G 225 -17.26 -45.10 33.11
CA GLY G 225 -17.86 -46.13 32.29
C GLY G 225 -16.89 -47.13 31.70
N VAL G 226 -15.59 -46.84 31.69
CA VAL G 226 -14.63 -47.62 30.94
C VAL G 226 -13.59 -48.22 31.88
N SER G 227 -13.03 -49.36 31.47
CA SER G 227 -11.98 -50.04 32.20
C SER G 227 -10.59 -49.73 31.65
N SER G 228 -10.49 -49.05 30.51
CA SER G 228 -9.24 -48.79 29.83
C SER G 228 -8.81 -47.33 30.01
N ILE G 229 -7.61 -47.01 29.51
CA ILE G 229 -6.98 -45.71 29.68
C ILE G 229 -6.13 -45.41 28.44
N ILE G 230 -6.02 -44.13 28.11
CA ILE G 230 -5.24 -43.66 26.97
C ILE G 230 -3.98 -42.99 27.48
N SER G 231 -2.87 -43.20 26.77
CA SER G 231 -1.58 -42.63 27.13
C SER G 231 -1.22 -41.57 26.10
N ILE G 232 -0.95 -40.36 26.56
CA ILE G 232 -0.73 -39.20 25.70
C ILE G 232 0.76 -38.96 25.52
N TYR G 233 1.17 -38.65 24.29
CA TYR G 233 2.54 -38.30 23.96
C TYR G 233 2.54 -37.12 23.00
N TRP G 234 3.67 -36.43 22.93
CA TRP G 234 3.82 -35.27 22.05
C TRP G 234 5.10 -35.39 21.25
N THR G 235 5.15 -34.67 20.14
CA THR G 235 6.26 -34.76 19.20
C THR G 235 6.40 -33.46 18.45
N ILE G 236 7.62 -32.92 18.38
CA ILE G 236 7.91 -31.70 17.64
C ILE G 236 8.61 -32.06 16.34
N VAL G 237 8.22 -31.38 15.26
CA VAL G 237 8.79 -31.60 13.93
C VAL G 237 9.30 -30.24 13.42
N LYS G 238 10.61 -30.03 13.50
CA LYS G 238 11.19 -28.78 13.08
C LYS G 238 11.10 -28.63 11.56
N PRO G 239 11.27 -27.42 11.02
CA PRO G 239 11.11 -27.22 9.57
C PRO G 239 12.07 -28.08 8.78
N GLY G 240 11.57 -28.62 7.67
CA GLY G 240 12.32 -29.56 6.87
C GLY G 240 12.31 -30.99 7.38
N ASP G 241 12.04 -31.19 8.67
CA ASP G 241 11.92 -32.53 9.22
C ASP G 241 10.57 -33.12 8.80
N ILE G 242 10.33 -34.36 9.22
CA ILE G 242 9.19 -35.13 8.75
C ILE G 242 8.69 -35.99 9.89
N LEU G 243 7.40 -35.88 10.20
CA LEU G 243 6.75 -36.82 11.11
C LEU G 243 6.39 -38.08 10.33
N LEU G 244 6.68 -39.24 10.91
CA LEU G 244 6.46 -40.53 10.27
C LEU G 244 5.80 -41.47 11.26
N ILE G 245 4.50 -41.64 11.14
CA ILE G 245 3.75 -42.55 12.01
C ILE G 245 3.67 -43.90 11.33
N ASN G 246 3.69 -44.96 12.14
CA ASN G 246 3.73 -46.33 11.64
C ASN G 246 3.18 -46.99 12.89
N SER G 247 2.19 -47.87 12.73
CA SER G 247 1.44 -48.38 13.88
C SER G 247 0.62 -49.58 13.46
N THR G 248 0.60 -50.59 14.34
CA THR G 248 -0.18 -51.81 14.13
C THR G 248 -1.58 -51.71 14.72
N GLY G 249 -1.89 -50.62 15.42
CA GLY G 249 -3.17 -50.50 16.09
C GLY G 249 -3.00 -49.74 17.38
N ASN G 250 -4.10 -49.58 18.12
CA ASN G 250 -4.16 -48.85 19.39
C ASN G 250 -3.71 -47.40 19.27
N LEU G 251 -3.64 -46.87 18.05
CA LEU G 251 -3.13 -45.53 17.81
C LEU G 251 -4.28 -44.52 17.90
N ILE G 252 -4.18 -43.61 18.86
CA ILE G 252 -5.06 -42.45 18.95
C ILE G 252 -4.37 -41.33 18.18
N ALA G 253 -4.82 -41.10 16.95
CA ALA G 253 -4.07 -40.30 15.99
C ALA G 253 -4.34 -38.82 16.16
N PRO G 254 -3.36 -37.99 15.79
CA PRO G 254 -3.58 -36.55 15.77
C PRO G 254 -4.39 -36.13 14.55
N ARG G 255 -5.15 -35.05 14.73
CA ARG G 255 -5.89 -34.45 13.62
C ARG G 255 -5.12 -33.35 12.93
N GLY G 256 -3.97 -32.97 13.46
CA GLY G 256 -3.19 -31.86 12.93
C GLY G 256 -2.14 -31.45 13.94
N TYR G 257 -1.76 -30.17 13.89
CA TYR G 257 -0.67 -29.69 14.70
C TYR G 257 -1.02 -28.37 15.36
N PHE G 258 -0.31 -28.08 16.45
CA PHE G 258 -0.30 -26.77 17.06
C PHE G 258 1.00 -26.06 16.69
N LYS G 259 0.94 -24.73 16.65
CA LYS G 259 2.13 -23.95 16.38
C LYS G 259 2.84 -23.59 17.68
N ILE G 260 4.13 -23.89 17.75
CA ILE G 260 4.94 -23.56 18.91
C ILE G 260 5.60 -22.21 18.70
N GLN G 261 5.38 -21.30 19.63
CA GLN G 261 6.00 -19.98 19.63
C GLN G 261 6.85 -19.81 20.87
N SER G 262 7.55 -18.68 20.92
CA SER G 262 8.24 -18.24 22.12
C SER G 262 7.79 -16.82 22.43
N GLY G 263 7.54 -16.55 23.71
CA GLY G 263 7.06 -15.25 24.10
C GLY G 263 7.00 -15.06 25.59
N LYS G 264 6.08 -14.22 26.06
CA LYS G 264 5.94 -13.88 27.46
C LYS G 264 4.88 -14.72 28.17
N SER G 265 4.36 -15.76 27.53
CA SER G 265 3.20 -16.48 28.05
C SER G 265 3.60 -17.51 29.10
N SER G 266 2.73 -17.66 30.11
CA SER G 266 2.96 -18.61 31.19
C SER G 266 1.60 -19.07 31.72
N ILE G 267 1.61 -19.67 32.91
CA ILE G 267 0.40 -20.22 33.51
C ILE G 267 0.49 -20.04 35.02
N MET G 268 -0.67 -20.04 35.68
CA MET G 268 -0.74 -19.79 37.12
C MET G 268 -1.96 -20.48 37.71
N ARG G 269 -1.79 -21.09 38.89
CA ARG G 269 -2.89 -21.68 39.62
C ARG G 269 -3.43 -20.66 40.62
N SER G 270 -4.72 -20.34 40.50
CA SER G 270 -5.32 -19.31 41.35
C SER G 270 -6.83 -19.43 41.31
N ASP G 271 -7.46 -19.04 42.42
CA ASP G 271 -8.91 -18.96 42.52
C ASP G 271 -9.39 -17.51 42.64
N ALA G 272 -8.51 -16.55 42.43
CA ALA G 272 -8.89 -15.14 42.52
C ALA G 272 -9.80 -14.74 41.37
N HIS G 273 -10.74 -13.85 41.67
CA HIS G 273 -11.62 -13.34 40.64
C HIS G 273 -10.89 -12.32 39.77
N ILE G 274 -11.39 -12.15 38.55
CA ILE G 274 -10.80 -11.29 37.56
C ILE G 274 -11.64 -10.03 37.42
N ASP G 275 -10.99 -8.87 37.37
CA ASP G 275 -11.69 -7.60 37.43
C ASP G 275 -11.18 -6.64 36.36
N GLU G 276 -12.10 -5.81 35.84
CA GLU G 276 -11.72 -4.73 34.96
C GLU G 276 -10.90 -3.70 35.74
N CYS G 277 -9.59 -3.71 35.54
CA CYS G 277 -8.65 -2.83 36.21
C CYS G 277 -7.32 -2.99 35.51
N ASN G 278 -6.34 -2.17 35.89
CA ASN G 278 -5.03 -2.19 35.25
C ASN G 278 -3.96 -2.39 36.32
N SER G 279 -3.15 -3.43 36.15
CA SER G 279 -2.06 -3.72 37.08
C SER G 279 -1.01 -4.57 36.36
N GLU G 280 0.25 -4.15 36.47
CA GLU G 280 1.33 -4.85 35.77
C GLU G 280 1.66 -6.19 36.40
N CYS G 281 1.49 -6.30 37.72
CA CYS G 281 1.93 -7.47 38.46
C CYS G 281 0.75 -8.36 38.83
N ILE G 282 0.97 -9.67 38.76
CA ILE G 282 -0.05 -10.67 39.05
C ILE G 282 0.51 -11.70 40.01
N THR G 283 -0.26 -12.05 41.03
CA THR G 283 0.05 -13.11 41.98
C THR G 283 -1.16 -14.02 42.08
N PRO G 284 -0.98 -15.26 42.57
CA PRO G 284 -2.13 -16.16 42.67
C PRO G 284 -3.21 -15.67 43.60
N ASN G 285 -2.92 -14.68 44.43
CA ASN G 285 -3.88 -14.15 45.37
C ASN G 285 -4.12 -12.66 45.08
N GLY G 286 -4.21 -12.30 43.80
CA GLY G 286 -4.58 -10.97 43.39
C GLY G 286 -3.40 -10.17 42.84
N SER G 287 -3.73 -9.17 42.02
CA SER G 287 -2.71 -8.26 41.51
C SER G 287 -2.24 -7.32 42.61
N ILE G 288 -1.01 -6.83 42.47
CA ILE G 288 -0.43 -5.91 43.46
C ILE G 288 0.18 -4.71 42.76
N PRO G 289 0.14 -3.53 43.36
CA PRO G 289 0.84 -2.38 42.77
C PRO G 289 2.34 -2.57 42.83
N ASN G 290 3.01 -2.33 41.69
CA ASN G 290 4.45 -2.52 41.58
C ASN G 290 5.24 -1.24 41.83
N ASP G 291 4.72 -0.34 42.67
CA ASP G 291 5.46 0.88 42.97
C ASP G 291 6.57 0.62 44.00
N LYS G 292 6.39 -0.36 44.88
CA LYS G 292 7.46 -0.72 45.80
C LYS G 292 8.42 -1.72 45.16
N PRO G 293 9.68 -1.75 45.57
CA PRO G 293 10.64 -2.70 44.97
C PRO G 293 10.61 -4.10 45.56
N PHE G 294 9.94 -4.31 46.69
CA PHE G 294 9.86 -5.63 47.31
C PHE G 294 8.41 -5.92 47.67
N GLN G 295 8.07 -7.20 47.72
CA GLN G 295 6.72 -7.64 48.04
C GLN G 295 6.77 -8.89 48.91
N ASN G 296 5.74 -9.06 49.74
CA ASN G 296 5.65 -10.17 50.68
C ASN G 296 4.32 -10.91 50.50
N VAL G 297 3.83 -10.96 49.27
CA VAL G 297 2.52 -11.53 49.02
C VAL G 297 2.64 -12.98 48.58
N ASN G 298 3.39 -13.22 47.50
CA ASN G 298 3.57 -14.57 46.99
C ASN G 298 4.82 -14.61 46.12
N LYS G 299 5.62 -15.66 46.28
CA LYS G 299 6.80 -15.85 45.44
C LYS G 299 6.45 -16.18 44.00
N ILE G 300 5.19 -16.51 43.72
CA ILE G 300 4.72 -16.75 42.35
C ILE G 300 4.23 -15.42 41.80
N THR G 301 4.94 -14.89 40.80
CA THR G 301 4.58 -13.62 40.19
C THR G 301 4.58 -13.77 38.67
N TYR G 302 3.81 -12.91 38.02
CA TYR G 302 3.83 -12.80 36.57
C TYR G 302 3.80 -11.31 36.20
N GLY G 303 4.60 -10.94 35.22
CA GLY G 303 4.69 -9.56 34.80
C GLY G 303 5.76 -8.79 35.56
N ALA G 304 5.75 -7.47 35.36
CA ALA G 304 6.68 -6.57 36.03
C ALA G 304 6.27 -6.43 37.49
N CYS G 305 6.95 -7.16 38.36
CA CYS G 305 6.60 -7.28 39.77
C CYS G 305 7.75 -6.85 40.66
N PRO G 306 7.45 -6.49 41.91
CA PRO G 306 8.51 -6.37 42.91
C PRO G 306 9.08 -7.74 43.24
N ARG G 307 10.28 -7.74 43.79
CA ARG G 307 10.95 -8.99 44.14
C ARG G 307 10.46 -9.48 45.50
N TYR G 308 10.33 -10.80 45.62
CA TYR G 308 9.77 -11.39 46.83
C TYR G 308 10.82 -11.49 47.93
N VAL G 309 10.41 -11.21 49.17
CA VAL G 309 11.29 -11.25 50.32
C VAL G 309 10.57 -11.89 51.49
N LYS G 310 11.36 -12.30 52.50
CA LYS G 310 10.77 -12.95 53.66
C LYS G 310 10.20 -11.95 54.65
N GLN G 311 10.72 -10.73 54.69
CA GLN G 311 10.21 -9.72 55.60
C GLN G 311 8.88 -9.17 55.07
N ASN G 312 8.04 -8.72 56.00
CA ASN G 312 6.81 -8.02 55.62
C ASN G 312 6.89 -6.51 55.85
N THR G 313 7.96 -6.01 56.45
CA THR G 313 8.13 -4.57 56.67
C THR G 313 9.61 -4.24 56.60
N LEU G 314 9.97 -3.34 55.69
CA LEU G 314 11.29 -2.72 55.63
C LEU G 314 11.07 -1.25 55.33
N LYS G 315 11.33 -0.38 56.30
CA LYS G 315 10.99 1.03 56.21
C LYS G 315 12.24 1.86 55.93
N LEU G 316 12.14 2.73 54.93
CA LEU G 316 13.24 3.61 54.52
C LEU G 316 13.02 5.00 55.10
N ALA G 317 14.10 5.59 55.61
CA ALA G 317 14.02 6.88 56.27
C ALA G 317 13.92 8.00 55.23
N THR G 318 12.81 8.73 55.26
CA THR G 318 12.65 9.90 54.42
C THR G 318 12.80 11.22 55.17
N GLY G 319 13.71 11.25 56.14
CA GLY G 319 13.91 12.43 56.97
C GLY G 319 15.10 12.33 57.90
N MET G 320 14.89 12.63 59.17
CA MET G 320 15.98 12.65 60.14
C MET G 320 15.42 12.38 61.54
N ARG G 321 16.34 12.04 62.45
CA ARG G 321 16.03 11.65 63.82
C ARG G 321 15.10 12.64 64.50
N ASN G 322 14.22 12.11 65.35
CA ASN G 322 13.25 12.87 66.11
C ASN G 322 13.69 12.91 67.58
N VAL G 323 13.56 14.08 68.21
CA VAL G 323 14.06 14.27 69.57
C VAL G 323 13.45 15.53 70.19
N PRO G 324 12.29 15.45 70.84
CA PRO G 324 11.71 16.62 71.51
C PRO G 324 12.20 16.80 72.93
N GLU G 325 11.82 15.87 73.80
CA GLU G 325 12.56 15.53 75.02
C GLU G 325 12.43 16.40 76.27
N LYS G 326 11.35 16.19 77.05
CA LYS G 326 11.14 16.50 78.47
C LYS G 326 10.52 17.87 78.77
N GLN G 327 10.53 18.24 80.04
CA GLN G 327 9.80 19.38 80.54
C GLN G 327 10.59 20.01 81.67
N THR G 328 10.55 21.33 81.75
CA THR G 328 11.31 22.01 82.78
C THR G 328 10.75 21.57 84.12
N GLY H 1 24.89 10.23 65.16
CA GLY H 1 25.53 10.93 64.07
C GLY H 1 27.04 11.00 64.14
N ILE H 2 27.70 11.01 62.98
CA ILE H 2 29.15 11.10 62.93
C ILE H 2 29.66 12.50 63.30
N PHE H 3 28.81 13.51 63.08
CA PHE H 3 29.18 14.88 63.38
C PHE H 3 28.60 15.40 64.69
N GLY H 4 27.85 14.59 65.41
CA GLY H 4 27.39 14.94 66.75
C GLY H 4 26.46 16.13 66.82
N ALA H 5 26.13 16.72 65.68
CA ALA H 5 25.27 17.89 65.66
C ALA H 5 23.92 17.60 66.29
N ILE H 6 23.19 16.64 65.74
CA ILE H 6 21.85 16.31 66.20
C ILE H 6 21.93 15.21 67.24
N ALA H 7 21.05 15.28 68.25
CA ALA H 7 20.95 14.28 69.31
C ALA H 7 22.22 14.20 70.15
N GLY H 8 22.85 15.35 70.39
CA GLY H 8 24.06 15.39 71.18
C GLY H 8 24.44 16.80 71.59
N PHE H 9 24.96 17.58 70.64
CA PHE H 9 25.30 18.97 70.89
C PHE H 9 24.10 19.92 70.78
N ILE H 10 23.23 19.71 69.78
CA ILE H 10 21.94 20.40 69.75
C ILE H 10 20.99 19.51 70.55
N GLU H 11 21.00 19.73 71.88
CA GLU H 11 20.30 18.90 72.86
C GLU H 11 18.87 18.44 72.60
N ASN H 12 18.04 19.30 72.03
CA ASN H 12 16.66 18.98 71.73
C ASN H 12 16.38 19.59 70.36
N GLY H 13 15.24 19.19 69.80
CA GLY H 13 14.78 19.69 68.52
C GLY H 13 13.55 20.59 68.68
N TRP H 14 13.18 21.21 67.57
CA TRP H 14 12.13 22.22 67.55
C TRP H 14 10.86 21.61 67.00
N GLU H 15 10.06 21.02 67.89
CA GLU H 15 8.75 20.51 67.51
C GLU H 15 7.83 21.63 67.03
N GLY H 16 8.05 22.86 67.50
CA GLY H 16 7.23 23.99 67.11
C GLY H 16 7.39 24.40 65.66
N MET H 17 8.52 24.08 65.04
CA MET H 17 8.73 24.44 63.64
C MET H 17 7.79 23.64 62.75
N VAL H 18 7.20 24.33 61.76
CA VAL H 18 6.19 23.72 60.91
C VAL H 18 6.37 24.14 59.45
N ASP H 19 7.44 24.89 59.15
CA ASP H 19 7.73 25.29 57.78
C ASP H 19 8.86 24.48 57.17
N GLY H 20 9.13 23.29 57.70
CA GLY H 20 10.05 22.37 57.09
C GLY H 20 11.50 22.71 57.35
N TRP H 21 12.37 21.78 57.00
CA TRP H 21 13.82 21.88 57.20
C TRP H 21 14.11 22.23 58.67
N TYR H 22 15.26 22.86 58.93
CA TYR H 22 15.70 23.17 60.28
C TYR H 22 16.39 24.53 60.22
N GLY H 23 15.69 25.58 60.65
CA GLY H 23 16.07 26.94 60.33
C GLY H 23 16.55 27.75 61.51
N PHE H 24 16.45 29.08 61.36
CA PHE H 24 17.03 30.03 62.29
C PHE H 24 15.99 30.47 63.31
N ARG H 25 16.46 30.72 64.54
CA ARG H 25 15.61 31.30 65.58
C ARG H 25 16.42 32.32 66.36
N HIS H 26 15.87 33.53 66.48
CA HIS H 26 16.52 34.62 67.19
C HIS H 26 15.68 35.04 68.39
N GLN H 27 16.36 35.54 69.42
CA GLN H 27 15.73 36.07 70.62
C GLN H 27 16.20 37.51 70.80
N ASN H 28 15.38 38.45 70.34
CA ASN H 28 15.70 39.87 70.38
C ASN H 28 14.56 40.63 71.02
N SER H 29 14.89 41.82 71.56
CA SER H 29 13.89 42.66 72.20
C SER H 29 12.86 43.18 71.20
N GLU H 30 13.18 43.19 69.91
CA GLU H 30 12.26 43.62 68.86
C GLU H 30 11.50 42.39 68.35
N GLY H 31 10.52 41.96 69.14
CA GLY H 31 9.65 40.85 68.77
C GLY H 31 10.37 39.56 68.43
N THR H 32 9.63 38.59 67.91
CA THR H 32 10.19 37.33 67.42
C THR H 32 9.37 36.87 66.24
N GLY H 33 10.06 36.37 65.20
CA GLY H 33 9.42 35.88 63.98
C GLY H 33 10.22 34.77 63.32
N GLN H 34 9.65 33.57 63.27
CA GLN H 34 10.41 32.38 62.90
C GLN H 34 10.69 32.38 61.39
N ALA H 35 11.92 32.73 61.04
CA ALA H 35 12.41 32.61 59.67
C ALA H 35 13.27 31.37 59.55
N ALA H 36 13.16 30.67 58.43
CA ALA H 36 13.94 29.46 58.19
C ALA H 36 14.30 29.45 56.71
N ASP H 37 15.53 29.90 56.39
CA ASP H 37 15.97 29.99 55.00
C ASP H 37 15.77 28.66 54.29
N LEU H 38 15.69 28.70 52.95
CA LEU H 38 15.37 27.50 52.19
C LEU H 38 16.78 26.93 52.36
N LYS H 39 16.90 26.09 53.38
CA LYS H 39 17.80 24.94 53.33
C LYS H 39 19.06 24.69 52.49
N SER H 40 19.23 23.48 51.99
CA SER H 40 19.75 23.21 50.64
C SER H 40 18.62 22.31 50.18
N THR H 41 17.49 22.92 49.80
CA THR H 41 16.36 22.15 49.29
C THR H 41 16.78 21.27 48.13
N GLN H 42 17.69 21.77 47.30
CA GLN H 42 18.20 20.99 46.19
C GLN H 42 19.32 20.01 46.61
N ALA H 43 19.63 19.95 47.90
CA ALA H 43 20.65 19.02 48.36
C ALA H 43 20.22 18.24 49.59
N ALA H 44 19.81 18.94 50.66
CA ALA H 44 19.51 18.25 51.92
C ALA H 44 18.29 17.33 51.77
N ILE H 45 17.19 17.85 51.25
CA ILE H 45 16.03 17.02 50.99
C ILE H 45 16.10 16.35 49.61
N ASN H 46 16.97 16.83 48.72
CA ASN H 46 17.01 16.32 47.35
C ASN H 46 18.03 15.21 47.13
N GLN H 47 19.01 15.05 48.01
CA GLN H 47 19.80 13.82 48.00
C GLN H 47 19.22 12.77 48.94
N ILE H 48 18.04 13.05 49.50
CA ILE H 48 17.14 12.00 49.97
C ILE H 48 16.14 11.63 48.87
N THR H 49 15.60 12.64 48.17
CA THR H 49 14.75 12.36 47.02
C THR H 49 15.52 11.63 45.93
N GLY H 50 16.78 12.04 45.72
CA GLY H 50 17.59 11.40 44.69
C GLY H 50 17.86 9.93 44.95
N LYS H 51 18.09 9.57 46.21
CA LYS H 51 18.45 8.19 46.53
C LYS H 51 17.26 7.25 46.39
N LEU H 52 16.13 7.56 47.05
CA LEU H 52 14.98 6.67 47.00
C LEU H 52 14.32 6.62 45.62
N ASN H 53 14.86 7.32 44.63
CA ASN H 53 14.50 7.06 43.24
C ASN H 53 15.23 5.83 42.72
N ARG H 54 16.53 5.70 43.01
CA ARG H 54 17.26 4.48 42.66
C ARG H 54 16.65 3.25 43.32
N VAL H 55 16.07 3.41 44.51
CA VAL H 55 15.52 2.30 45.27
C VAL H 55 14.10 1.97 44.78
N ILE H 56 13.78 2.38 43.55
CA ILE H 56 12.55 1.95 42.89
C ILE H 56 13.00 1.88 41.44
N LYS H 57 12.07 1.63 40.52
CA LYS H 57 12.34 1.40 39.11
C LYS H 57 11.31 0.30 38.93
N LYS H 58 11.56 -0.65 38.02
CA LYS H 58 10.67 -1.80 37.85
C LYS H 58 11.83 -2.49 37.12
N THR H 59 11.58 -3.68 36.56
CA THR H 59 12.65 -4.54 36.03
C THR H 59 13.30 -4.63 37.41
N ASN H 60 13.14 -5.74 38.15
CA ASN H 60 12.58 -7.06 37.79
C ASN H 60 11.28 -7.08 36.97
N GLU H 61 11.30 -7.82 35.87
CA GLU H 61 10.11 -8.15 35.11
C GLU H 61 10.28 -9.56 34.58
N LYS H 62 9.44 -10.49 35.07
CA LYS H 62 9.57 -11.90 34.75
C LYS H 62 8.24 -12.43 34.23
N PHE H 63 8.33 -13.52 33.47
CA PHE H 63 7.14 -14.09 32.84
C PHE H 63 6.88 -15.58 32.99
N HIS H 64 7.63 -16.43 32.29
CA HIS H 64 7.43 -17.85 32.45
C HIS H 64 8.62 -18.21 33.33
N GLN H 65 8.33 -18.82 34.48
CA GLN H 65 9.37 -19.31 35.37
C GLN H 65 9.08 -20.76 35.78
N ILE H 66 9.73 -21.24 36.82
CA ILE H 66 9.49 -22.59 37.29
C ILE H 66 8.26 -22.63 38.20
N GLU H 67 7.67 -23.81 38.29
CA GLU H 67 6.59 -24.02 39.25
C GLU H 67 7.17 -24.06 40.67
N LYS H 68 6.50 -23.40 41.61
CA LYS H 68 7.03 -23.22 42.94
C LYS H 68 6.18 -23.86 44.04
N GLU H 69 5.04 -24.44 43.69
CA GLU H 69 4.25 -25.24 44.62
C GLU H 69 3.91 -26.56 43.97
N PHE H 70 3.79 -27.61 44.79
CA PHE H 70 3.67 -28.96 44.27
C PHE H 70 2.65 -29.75 45.06
N SER H 71 1.88 -30.59 44.36
CA SER H 71 0.86 -31.42 44.98
C SER H 71 1.25 -32.89 45.07
N GLU H 72 2.42 -33.27 44.56
CA GLU H 72 2.83 -34.66 44.49
C GLU H 72 4.28 -34.78 44.91
N VAL H 73 4.62 -35.90 45.54
CA VAL H 73 6.00 -36.17 45.93
C VAL H 73 6.75 -36.73 44.73
N GLU H 74 7.81 -36.05 44.32
CA GLU H 74 8.59 -36.43 43.15
C GLU H 74 10.06 -36.68 43.43
N GLY H 75 10.61 -36.07 44.46
CA GLY H 75 11.98 -36.36 44.87
C GLY H 75 12.89 -35.48 44.04
N ARG H 76 13.96 -36.08 43.51
CA ARG H 76 15.12 -35.32 43.08
C ARG H 76 14.90 -34.03 42.30
N ILE H 77 14.11 -34.09 41.23
CA ILE H 77 13.94 -32.90 40.40
C ILE H 77 13.22 -31.81 41.17
N GLN H 78 12.30 -32.20 42.06
CA GLN H 78 11.52 -31.22 42.79
C GLN H 78 12.30 -30.63 43.96
N ASP H 79 13.16 -31.43 44.60
CA ASP H 79 14.05 -30.89 45.62
C ASP H 79 14.90 -29.77 45.05
N LEU H 80 15.37 -29.94 43.82
CA LEU H 80 16.23 -28.93 43.21
C LEU H 80 15.43 -27.68 42.89
N GLU H 81 14.23 -27.83 42.35
CA GLU H 81 13.40 -26.66 42.04
C GLU H 81 13.08 -25.89 43.31
N LYS H 82 12.86 -26.59 44.42
CA LYS H 82 12.61 -25.91 45.69
C LYS H 82 13.87 -25.22 46.20
N TYR H 83 15.02 -25.91 46.10
CA TYR H 83 16.27 -25.36 46.61
C TYR H 83 16.66 -24.09 45.86
N VAL H 84 16.44 -24.08 44.54
CA VAL H 84 16.78 -22.90 43.75
C VAL H 84 15.99 -21.69 44.22
N GLU H 85 14.67 -21.85 44.37
CA GLU H 85 13.83 -20.72 44.74
C GLU H 85 14.11 -20.26 46.16
N ASP H 86 14.30 -21.20 47.09
CA ASP H 86 14.63 -20.82 48.46
C ASP H 86 15.97 -20.09 48.52
N THR H 87 16.94 -20.53 47.71
CA THR H 87 18.23 -19.85 47.65
C THR H 87 18.08 -18.43 47.15
N LYS H 88 17.25 -18.24 46.12
CA LYS H 88 17.03 -16.90 45.57
C LYS H 88 16.33 -15.98 46.57
N ILE H 89 15.35 -16.52 47.29
CA ILE H 89 14.59 -15.68 48.21
C ILE H 89 15.47 -15.20 49.37
N ASP H 90 16.29 -16.08 49.92
CA ASP H 90 17.16 -15.69 51.03
C ASP H 90 18.18 -14.65 50.58
N LEU H 91 18.73 -14.81 49.38
CA LEU H 91 19.70 -13.83 48.88
C LEU H 91 19.05 -12.47 48.66
N TRP H 92 17.82 -12.45 48.14
CA TRP H 92 17.14 -11.17 47.98
C TRP H 92 16.66 -10.62 49.31
N SER H 93 16.24 -11.51 50.22
CA SER H 93 15.88 -11.05 51.56
C SER H 93 17.07 -10.41 52.25
N TYR H 94 18.26 -11.01 52.09
CA TYR H 94 19.48 -10.43 52.65
C TYR H 94 19.77 -9.08 52.01
N ASN H 95 19.68 -9.01 50.68
CA ASN H 95 19.97 -7.75 49.99
C ASN H 95 19.04 -6.64 50.41
N ALA H 96 17.78 -6.97 50.74
CA ALA H 96 16.83 -5.95 51.14
C ALA H 96 17.09 -5.48 52.58
N GLU H 97 17.37 -6.43 53.48
CA GLU H 97 17.67 -6.07 54.86
C GLU H 97 18.89 -5.16 54.93
N LEU H 98 19.90 -5.43 54.10
CA LEU H 98 21.13 -4.67 54.14
C LEU H 98 20.97 -3.32 53.46
N LEU H 99 20.21 -3.27 52.36
CA LEU H 99 20.01 -2.00 51.66
C LEU H 99 19.30 -0.99 52.55
N VAL H 100 18.21 -1.42 53.20
CA VAL H 100 17.49 -0.54 54.12
C VAL H 100 18.42 -0.03 55.21
N ALA H 101 19.33 -0.88 55.69
CA ALA H 101 20.24 -0.49 56.76
C ALA H 101 21.21 0.59 56.29
N LEU H 102 21.94 0.33 55.22
CA LEU H 102 22.97 1.28 54.77
C LEU H 102 22.38 2.62 54.35
N GLU H 103 21.13 2.63 53.88
CA GLU H 103 20.51 3.91 53.55
C GLU H 103 20.05 4.64 54.79
N ASN H 104 19.43 3.92 55.75
CA ASN H 104 18.99 4.56 56.98
C ASN H 104 20.13 4.92 57.91
N GLN H 105 21.34 4.39 57.67
CA GLN H 105 22.52 4.93 58.33
C GLN H 105 22.96 6.22 57.65
N HIS H 106 23.27 6.13 56.35
CA HIS H 106 23.72 7.28 55.57
C HIS H 106 22.65 8.36 55.47
N THR H 107 21.48 8.15 56.05
CA THR H 107 20.46 9.19 56.08
C THR H 107 20.34 9.88 57.42
N ILE H 108 20.59 9.16 58.52
CA ILE H 108 20.62 9.83 59.82
C ILE H 108 21.87 10.70 59.93
N ASP H 109 23.03 10.15 59.56
CA ASP H 109 24.24 10.97 59.48
C ASP H 109 24.42 11.56 58.09
N LEU H 110 23.31 11.94 57.46
CA LEU H 110 23.31 12.81 56.29
C LEU H 110 22.87 14.25 56.52
N THR H 111 21.78 14.43 57.25
CA THR H 111 21.28 15.76 57.57
C THR H 111 21.88 16.19 58.91
N ASP H 112 22.26 15.22 59.75
CA ASP H 112 23.13 15.54 60.87
C ASP H 112 24.44 16.13 60.37
N SER H 113 24.92 15.65 59.23
CA SER H 113 26.15 16.13 58.62
C SER H 113 25.94 17.31 57.69
N GLU H 114 24.71 17.61 57.30
CA GLU H 114 24.41 18.82 56.56
C GLU H 114 23.80 19.90 57.44
N MET H 115 23.64 19.64 58.74
CA MET H 115 23.49 20.71 59.71
C MET H 115 24.82 21.32 60.09
N SER H 116 25.91 20.57 59.91
CA SER H 116 27.27 21.08 60.10
C SER H 116 27.71 21.99 58.97
N LYS H 117 26.82 22.27 58.01
CA LYS H 117 26.99 23.43 57.15
C LYS H 117 26.39 24.68 57.75
N LEU H 118 25.55 24.52 58.78
CA LEU H 118 25.00 25.65 59.52
C LEU H 118 25.35 25.64 61.00
N PHE H 119 25.78 24.49 61.55
CA PHE H 119 26.14 24.36 62.96
C PHE H 119 27.02 25.51 63.41
N GLU H 120 28.25 25.56 62.89
CA GLU H 120 29.13 26.71 63.09
C GLU H 120 29.50 27.34 61.76
N ARG H 121 28.59 27.31 60.79
CA ARG H 121 28.87 27.91 59.49
C ARG H 121 27.65 28.64 58.93
N THR H 122 27.87 29.86 58.47
CA THR H 122 29.19 30.45 58.50
C THR H 122 29.34 31.37 59.71
N ARG H 123 29.65 30.76 60.85
CA ARG H 123 30.04 31.50 62.04
C ARG H 123 31.55 31.71 62.10
N ARG H 124 32.31 31.01 61.27
CA ARG H 124 33.68 31.40 60.96
C ARG H 124 33.75 32.48 59.87
N GLN H 125 32.60 32.88 59.33
CA GLN H 125 32.55 34.04 58.45
C GLN H 125 32.75 35.32 59.26
N LEU H 126 31.98 35.50 60.32
CA LEU H 126 32.00 36.74 61.10
C LEU H 126 33.30 36.79 61.90
N ARG H 127 34.27 37.54 61.36
CA ARG H 127 35.61 37.66 61.94
C ARG H 127 35.57 38.23 63.35
N GLU H 128 35.79 37.38 64.34
CA GLU H 128 35.90 37.80 65.75
C GLU H 128 34.76 38.77 66.02
N ASN H 129 33.60 38.56 65.39
CA ASN H 129 32.38 39.24 65.80
C ASN H 129 31.65 38.09 66.48
N ALA H 130 32.01 36.86 66.14
CA ALA H 130 31.35 35.65 66.65
C ALA H 130 32.24 35.00 67.70
N GLU H 131 31.86 35.17 68.97
CA GLU H 131 32.47 34.46 70.09
C GLU H 131 31.33 33.80 70.87
N ASP H 132 31.28 32.46 70.83
CA ASP H 132 30.07 31.71 71.12
C ASP H 132 30.25 30.82 72.34
N MET H 133 29.26 30.81 73.22
CA MET H 133 29.19 29.81 74.27
C MET H 133 28.66 28.54 73.63
N GLY H 134 28.56 27.46 74.40
CA GLY H 134 28.07 26.21 73.84
C GLY H 134 26.63 25.81 74.08
N ASN H 135 26.43 24.53 74.36
CA ASN H 135 25.11 23.97 74.63
C ASN H 135 24.24 23.86 73.39
N GLY H 136 24.81 24.14 72.24
CA GLY H 136 24.06 24.05 71.00
C GLY H 136 23.44 25.35 70.53
N CYS H 137 23.59 26.44 71.30
CA CYS H 137 23.20 27.77 70.87
C CYS H 137 24.37 28.71 71.12
N PHE H 138 24.59 29.62 70.17
CA PHE H 138 25.85 30.34 70.05
C PHE H 138 25.58 31.84 69.99
N LYS H 139 26.16 32.59 70.91
CA LYS H 139 25.78 33.98 71.16
C LYS H 139 26.80 34.96 70.61
N ILE H 140 26.36 36.22 70.46
CA ILE H 140 27.16 37.30 69.88
C ILE H 140 26.97 38.55 70.74
N TYR H 141 27.96 39.44 70.68
CA TYR H 141 27.91 40.71 71.41
C TYR H 141 27.55 41.82 70.42
N HIS H 142 26.25 42.13 70.30
CA HIS H 142 25.81 43.11 69.32
C HIS H 142 24.39 43.57 69.67
N LYS H 143 23.83 44.42 68.80
CA LYS H 143 22.46 44.92 68.89
C LYS H 143 21.72 44.52 67.62
N CYS H 144 20.40 44.44 67.70
CA CYS H 144 19.63 43.91 66.58
C CYS H 144 18.19 44.42 66.59
N ASP H 145 17.49 44.14 65.50
CA ASP H 145 16.07 44.42 65.32
C ASP H 145 15.59 43.63 64.10
N ASN H 146 14.43 44.00 63.55
CA ASN H 146 13.76 43.23 62.50
C ASN H 146 14.46 43.30 61.15
N ALA H 147 15.46 44.17 60.98
CA ALA H 147 16.26 44.20 59.76
C ALA H 147 17.73 43.95 60.05
N CYS H 148 18.07 43.54 61.27
CA CYS H 148 19.43 43.34 61.71
C CYS H 148 20.10 42.18 60.99
N ILE H 149 19.62 40.97 61.25
CA ILE H 149 20.21 39.77 60.70
C ILE H 149 19.58 39.47 59.34
N GLY H 150 18.93 40.46 58.74
CA GLY H 150 18.55 40.36 57.35
C GLY H 150 19.73 40.21 56.41
N SER H 151 20.93 40.55 56.89
CA SER H 151 22.19 40.30 56.19
C SER H 151 22.58 38.81 56.25
N ILE H 152 22.10 38.09 57.28
CA ILE H 152 22.25 36.65 57.40
C ILE H 152 20.92 35.89 57.47
N ARG H 153 19.76 36.57 57.40
CA ARG H 153 18.51 35.91 56.96
C ARG H 153 18.61 35.10 55.68
N ASN H 154 19.05 35.75 54.61
CA ASN H 154 19.34 35.04 53.36
C ASN H 154 20.72 35.55 52.91
N GLY H 155 21.74 35.34 53.74
CA GLY H 155 23.13 35.64 53.46
C GLY H 155 23.46 36.66 52.38
N THR H 156 23.16 37.93 52.63
CA THR H 156 23.64 39.03 51.79
C THR H 156 24.48 39.98 52.64
N TYR H 157 25.55 39.45 53.22
CA TYR H 157 26.39 40.18 54.17
C TYR H 157 27.84 39.87 53.86
N ASP H 158 28.57 40.87 53.35
CA ASP H 158 29.98 40.73 53.06
C ASP H 158 30.83 41.58 53.99
N HIS H 159 30.40 41.64 55.26
CA HIS H 159 31.18 42.23 56.34
C HIS H 159 31.65 43.64 56.02
N ASP H 160 30.74 44.60 56.07
CA ASP H 160 31.10 46.01 56.24
C ASP H 160 31.59 46.32 57.66
N ILE H 161 31.93 45.30 58.45
CA ILE H 161 32.45 45.38 59.81
C ILE H 161 31.41 45.97 60.75
N TYR H 162 31.23 45.30 61.88
CA TYR H 162 30.67 45.95 63.07
C TYR H 162 31.77 46.41 64.01
N ARG H 163 32.89 45.70 64.04
CA ARG H 163 34.10 46.13 64.72
C ARG H 163 33.71 46.44 66.16
N ASN H 164 33.88 47.71 66.56
CA ASN H 164 33.55 48.18 67.91
C ASN H 164 32.08 48.36 68.23
N GLU H 165 31.21 48.49 67.22
CA GLU H 165 29.78 48.40 67.48
C GLU H 165 29.45 47.07 68.14
N ALA H 166 30.25 46.05 67.83
CA ALA H 166 30.23 44.79 68.55
C ALA H 166 31.56 44.89 69.30
N LEU H 167 31.49 45.33 70.55
CA LEU H 167 32.65 45.55 71.39
C LEU H 167 32.44 44.65 72.59
N ASN H 168 33.52 44.00 73.03
CA ASN H 168 33.50 43.12 74.19
C ASN H 168 34.22 43.81 75.36
N ASN H 169 34.42 43.05 76.44
CA ASN H 169 35.10 43.55 77.63
C ASN H 169 36.57 43.36 77.20
N ARG H 170 37.08 44.40 76.54
CA ARG H 170 38.42 44.33 75.98
C ARG H 170 39.24 45.20 76.91
N PHE H 171 38.73 46.39 77.25
CA PHE H 171 39.25 47.07 78.42
C PHE H 171 38.55 46.52 79.66
N GLN H 172 39.16 46.76 80.82
CA GLN H 172 38.70 46.14 82.05
C GLN H 172 38.16 47.15 83.05
C1 NAG I . 6.16 17.10 -49.12
C2 NAG I . 5.29 16.54 -48.01
C3 NAG I . 4.39 15.47 -48.59
C4 NAG I . 3.50 16.11 -49.65
C5 NAG I . 4.43 16.71 -50.71
C6 NAG I . 3.69 17.36 -51.85
C7 NAG I . 6.30 16.65 -45.77
C8 NAG I . 7.18 15.95 -44.76
N2 NAG I . 6.09 16.00 -46.92
O3 NAG I . 3.75 14.65 -47.61
O4 NAG I . 2.66 15.13 -50.26
O5 NAG I . 5.32 17.69 -50.12
O6 NAG I . 3.67 18.77 -51.82
O7 NAG I . 5.81 17.76 -45.54
C1 FUL I . 2.48 15.04 -47.02
C2 FUL I . 2.73 15.24 -45.52
O2 FUL I . 2.69 16.66 -45.23
C3 FUL I . 1.82 14.56 -44.55
O3 FUL I . 2.62 14.27 -43.37
C4 FUL I . 1.20 13.27 -44.95
O4 FUL I . 2.10 12.17 -44.67
C5 FUL I . 0.73 13.18 -46.41
C6 FUL I . 0.88 11.76 -46.87
O5 FUL I . 1.39 14.06 -47.41
C1 FUC I . 2.72 19.18 -52.83
C2 FUC I . 2.06 20.44 -52.31
C3 FUC I . 3.17 21.44 -52.00
C4 FUC I . 3.94 21.75 -53.31
C5 FUC I . 4.42 20.45 -53.98
C6 FUC I . 4.90 20.66 -55.42
O2 FUC I . 1.26 20.18 -51.16
O3 FUC I . 2.61 22.66 -51.51
O4 FUC I . 3.11 22.47 -54.19
O5 FUC I . 3.38 19.45 -54.04
C1 NAG J . 4.76 9.98 -45.59
C2 NAG J . 4.53 9.47 -47.00
C3 NAG J . 3.09 9.01 -47.19
C4 NAG J . 2.59 8.14 -46.05
C5 NAG J . 3.03 8.68 -44.68
C6 NAG J . 2.81 7.68 -43.56
C7 NAG J . 5.67 10.34 -49.01
C8 NAG J . 6.27 8.97 -49.14
N2 NAG J . 4.85 10.52 -47.97
O3 NAG J . 3.02 8.27 -48.41
O4 NAG J . 1.17 8.17 -46.06
O5 NAG J . 4.43 8.97 -44.68
O6 NAG J . 3.36 6.42 -43.89
O7 NAG J . 5.91 11.24 -49.81
C1 NAG J . 0.58 6.87 -46.18
C2 NAG J . -0.93 7.08 -46.10
C3 NAG J . -1.65 5.74 -46.20
C4 NAG J . -1.21 5.00 -47.46
C5 NAG J . 0.32 4.92 -47.54
C6 NAG J . 0.81 4.38 -48.87
C7 NAG J . -1.12 7.37 -43.64
C8 NAG J . -1.60 8.28 -42.56
N2 NAG J . -1.33 7.80 -44.90
O3 NAG J . -3.05 5.94 -46.23
O4 NAG J . -1.72 3.67 -47.43
O5 NAG J . 0.91 6.22 -47.39
O6 NAG J . 0.43 5.21 -49.95
O7 NAG J . -0.55 6.30 -43.40
C1 BMA J . -2.57 3.37 -48.57
C2 BMA J . -2.47 1.87 -48.75
C3 BMA J . -3.44 1.35 -49.80
C4 BMA J . -4.86 1.96 -49.66
C5 BMA J . -4.85 3.48 -49.32
C6 BMA J . -6.17 3.87 -48.73
O2 BMA J . -2.82 1.21 -47.54
O3 BMA J . -3.56 -0.06 -49.67
O4 BMA J . -5.59 1.74 -50.85
O5 BMA J . -3.89 3.77 -48.31
O6 BMA J . -6.21 3.22 -47.45
C1 MAN J . -7.51 3.33 -46.85
C2 MAN J . -7.32 3.91 -45.40
C3 MAN J . -6.90 2.81 -44.40
C4 MAN J . -7.74 1.53 -44.56
C5 MAN J . -7.61 1.06 -46.00
C6 MAN J . -8.33 -0.25 -46.27
O2 MAN J . -8.52 4.47 -44.89
O3 MAN J . -6.98 3.28 -43.06
O4 MAN J . -7.29 0.52 -43.67
O5 MAN J . -8.17 2.07 -46.87
O6 MAN J . -7.42 -1.32 -45.99
C1 NAG K . -47.24 -5.24 7.88
C2 NAG K . -47.69 -3.97 8.55
C3 NAG K . -48.72 -4.28 9.62
C4 NAG K . -49.82 -5.20 9.11
C5 NAG K . -49.32 -6.31 8.18
C6 NAG K . -50.42 -6.96 7.38
C7 NAG K . -46.31 -1.96 8.78
C8 NAG K . -47.25 -1.34 7.81
N2 NAG K . -46.57 -3.23 9.11
O3 NAG K . -49.30 -3.06 10.06
O4 NAG K . -50.37 -5.88 10.23
O5 NAG K . -48.34 -5.84 7.25
O6 NAG K . -51.43 -6.01 7.02
O7 NAG K . -45.36 -1.35 9.25
C1 NAG K . -51.55 -5.28 10.79
C2 NAG K . -52.07 -6.29 11.79
C3 NAG K . -53.36 -5.78 12.41
C4 NAG K . -53.13 -4.41 13.04
C5 NAG K . -52.45 -3.45 12.06
C6 NAG K . -51.96 -2.19 12.74
C7 NAG K . -53.13 -7.90 10.23
C8 NAG K . -53.15 -9.32 9.76
N2 NAG K . -52.26 -7.61 11.20
O3 NAG K . -53.80 -6.70 13.41
O4 NAG K . -54.39 -3.85 13.39
O5 NAG K . -51.30 -4.05 11.44
O6 NAG K . -51.14 -2.50 13.86
O7 NAG K . -53.87 -7.05 9.73
C1 BMA K . -54.59 -3.92 14.82
C2 BMA K . -54.93 -2.50 15.30
C3 BMA K . -55.33 -2.53 16.76
C4 BMA K . -56.46 -3.53 16.98
C5 BMA K . -55.95 -4.91 16.55
C6 BMA K . -56.98 -6.01 16.74
O2 BMA K . -56.04 -1.98 14.57
O3 BMA K . -55.68 -1.23 17.22
O4 BMA K . -56.82 -3.56 18.35
O5 BMA K . -55.63 -4.84 15.15
O6 BMA K . -56.61 -6.77 17.90
C1 MAN K . -54.45 -0.53 17.46
C2 MAN K . -54.16 -0.60 18.99
C3 MAN K . -55.02 0.39 19.76
C4 MAN K . -54.94 1.79 19.14
C5 MAN K . -55.41 1.70 17.68
C6 MAN K . -55.39 3.04 16.97
O2 MAN K . -52.80 -0.26 19.28
O3 MAN K . -54.65 0.45 21.15
O4 MAN K . -55.77 2.68 19.85
O5 MAN K . -54.53 0.81 16.97
O6 MAN K . -56.32 2.98 15.89
C1 NAG L . -47.24 -9.78 5.10
C2 NAG L . -47.64 -10.70 6.25
C3 NAG L . -46.64 -11.85 6.38
C4 NAG L . -46.46 -12.57 5.05
C5 NAG L . -46.14 -11.58 3.93
C6 NAG L . -46.12 -12.22 2.56
C7 NAG L . -48.74 -10.15 8.37
C8 NAG L . -48.68 -9.35 9.63
N2 NAG L . -47.73 -9.98 7.50
O3 NAG L . -47.10 -12.76 7.37
O4 NAG L . -45.37 -13.49 5.17
O5 NAG L . -47.12 -10.54 3.89
O6 NAG L . -47.26 -13.04 2.35
O7 NAG L . -49.67 -10.93 8.14
C1 NAG L . -45.89 -14.84 5.19
C2 NAG L . -44.90 -15.68 4.38
C3 NAG L . -45.33 -17.14 4.37
C4 NAG L . -45.64 -17.64 5.79
C5 NAG L . -46.55 -16.67 6.53
C6 NAG L . -46.78 -17.01 7.97
C7 NAG L . -43.63 -14.87 2.44
C8 NAG L . -42.40 -15.07 3.27
N2 NAG L . -44.79 -15.18 3.02
O3 NAG L . -44.27 -17.89 3.79
O4 NAG L . -46.35 -18.88 5.72
O5 NAG L . -45.98 -15.34 6.50
O6 NAG L . -45.55 -17.27 8.66
O7 NAG L . -43.57 -14.46 1.29
C1 MAN L . -45.67 -20.06 5.20
C2 MAN L . -46.04 -21.20 6.20
C3 MAN L . -44.86 -22.07 6.57
C4 MAN L . -44.01 -22.35 5.36
C5 MAN L . -43.43 -21.09 4.77
C6 MAN L . -43.16 -21.33 3.30
O2 MAN L . -47.01 -22.06 5.62
O3 MAN L . -45.24 -23.37 7.03
O4 MAN L . -42.93 -23.22 5.73
O5 MAN L . -44.26 -19.90 5.02
O6 MAN L . -42.51 -22.63 3.33
C1 MAN L . -46.08 -23.48 8.18
C2 MAN L . -45.90 -24.95 8.59
C3 MAN L . -47.28 -25.74 8.48
C4 MAN L . -48.54 -24.98 9.06
C5 MAN L . -48.44 -23.46 8.83
C6 MAN L . -48.18 -22.64 10.08
O2 MAN L . -45.15 -25.11 9.87
O3 MAN L . -47.23 -27.10 8.94
O4 MAN L . -49.71 -25.46 8.43
O5 MAN L . -47.42 -23.17 7.86
O6 MAN L . -49.33 -22.69 10.90
C1 MAN L . -45.88 -25.48 11.07
C2 MAN L . -45.65 -24.35 12.14
C3 MAN L . -44.47 -24.61 13.12
C4 MAN L . -44.13 -26.11 13.31
C5 MAN L . -44.11 -26.80 11.96
C6 MAN L . -43.69 -28.26 12.03
O2 MAN L . -46.81 -24.16 12.96
O3 MAN L . -44.71 -24.01 14.39
O4 MAN L . -42.86 -26.25 13.92
O5 MAN L . -45.45 -26.76 11.47
O6 MAN L . -42.40 -28.38 11.45
C1 MAN L . -42.28 -23.35 2.09
C2 MAN L . -43.49 -23.17 1.06
C3 MAN L . -44.64 -24.12 1.34
C4 MAN L . -44.12 -25.55 1.38
C5 MAN L . -43.11 -25.73 2.50
C6 MAN L . -42.47 -27.10 2.43
O2 MAN L . -43.08 -23.49 -0.27
O3 MAN L . -45.68 -24.02 0.35
O4 MAN L . -45.21 -26.44 1.56
O5 MAN L . -41.98 -24.78 2.33
O6 MAN L . -41.38 -26.95 1.51
C1 NAG M . -14.58 20.08 -25.97
C2 NAG M . -13.74 21.30 -26.29
C3 NAG M . -12.78 21.59 -25.15
C4 NAG M . -13.58 21.77 -23.86
C5 NAG M . -14.53 20.61 -23.62
C6 NAG M . -15.50 20.86 -22.49
C7 NAG M . -11.94 20.47 -27.81
C8 NAG M . -11.43 20.51 -29.22
N2 NAG M . -13.05 21.18 -27.58
O3 NAG M . -11.99 22.75 -25.44
O4 NAG M . -12.69 21.90 -22.75
O5 NAG M . -15.34 20.35 -24.79
O6 NAG M . -16.57 21.70 -22.89
O7 NAG M . -11.37 19.83 -26.94
C1 NAG M . -12.71 23.29 -22.39
C2 NAG M . -12.33 23.48 -20.92
C3 NAG M . -12.28 24.98 -20.57
C4 NAG M . -11.44 25.75 -21.57
C5 NAG M . -11.85 25.41 -23.00
C6 NAG M . -10.97 26.05 -24.05
C7 NAG M . -13.01 21.58 -19.51
C8 NAG M . -14.10 21.01 -18.65
N2 NAG M . -13.26 22.78 -20.04
O3 NAG M . -11.77 25.12 -19.25
O4 NAG M . -11.49 27.17 -21.49
O5 NAG M . -11.78 23.99 -23.21
O6 NAG M . -11.56 27.24 -24.55
O7 NAG M . -11.96 20.97 -19.73
C1 BMA M . -12.00 28.09 -20.44
C2 BMA M . -13.57 28.07 -20.29
C3 BMA M . -13.98 29.39 -19.68
C4 BMA M . -12.85 30.04 -18.79
C5 BMA M . -11.76 29.01 -18.22
C6 BMA M . -12.15 28.46 -16.86
O2 BMA M . -14.02 27.09 -19.35
O3 BMA M . -15.20 29.27 -18.96
O4 BMA M . -12.22 31.12 -19.48
O5 BMA M . -11.49 27.86 -19.11
O6 BMA M . -11.31 29.06 -15.86
C1 MAN M . -11.97 29.06 -14.57
C2 MAN M . -12.66 27.69 -14.35
C3 MAN M . -13.45 27.67 -13.02
C4 MAN M . -14.20 29.02 -12.67
C5 MAN M . -13.50 30.31 -13.21
C6 MAN M . -12.41 30.84 -12.29
O2 MAN M . -11.70 26.63 -14.25
O3 MAN M . -12.64 27.23 -11.94
O4 MAN M . -15.55 28.97 -13.15
O5 MAN M . -12.92 30.10 -14.51
O6 MAN M . -12.97 31.87 -11.49
C1 NAG N . -37.51 22.13 -25.22
C2 NAG N . -38.75 22.36 -26.07
C3 NAG N . -38.49 23.44 -27.13
C4 NAG N . -37.89 24.69 -26.50
C5 NAG N . -36.72 24.34 -25.57
C6 NAG N . -36.22 25.53 -24.77
C7 NAG N . -38.72 20.27 -27.51
C8 NAG N . -37.31 20.56 -27.98
N2 NAG N . -39.31 21.15 -26.66
O3 NAG N . -39.72 23.76 -27.77
O4 NAG N . -37.39 25.54 -27.53
O5 NAG N . -37.12 23.34 -24.61
O6 NAG N . -34.91 25.30 -24.30
O7 NAG N . -39.32 19.29 -27.92
C1 NAG N . -38.28 26.67 -27.74
C2 NAG N . -37.47 27.73 -28.47
C3 NAG N . -38.34 28.96 -28.72
C4 NAG N . -39.67 28.59 -29.39
C5 NAG N . -40.33 27.38 -28.70
C6 NAG N . -41.50 26.83 -29.48
C7 NAG N . -35.05 27.66 -28.07
C8 NAG N . -33.93 28.12 -27.20
N2 NAG N . -36.27 28.09 -27.73
O3 NAG N . -37.60 29.86 -29.55
O4 NAG N . -40.61 29.65 -29.26
O5 NAG N . -39.40 26.30 -28.52
O6 NAG N . -41.92 25.58 -28.97
O7 NAG N . -34.87 26.92 -29.04
C1 BMA N . -40.34 30.91 -29.91
C2 BMA N . -41.73 31.56 -30.27
C3 BMA N . -41.83 33.10 -30.03
C4 BMA N . -40.82 33.60 -28.98
C5 BMA N . -39.46 33.08 -29.36
C6 BMA N . -38.34 33.69 -28.53
O2 BMA N . -42.79 30.96 -29.51
O3 BMA N . -43.14 33.49 -29.66
O4 BMA N . -40.80 35.02 -28.96
O5 BMA N . -39.49 31.71 -29.08
O6 BMA N . -37.11 33.13 -28.98
C2 BGC O . -64.52 14.80 5.15
C3 BGC O . -63.89 16.26 5.18
C4 BGC O . -62.29 16.29 5.31
C5 BGC O . -61.71 15.06 6.11
C6 BGC O . -60.78 15.65 7.18
C1 BGC O . -63.50 13.78 5.72
O1 BGC O . -64.34 12.87 6.38
O2 BGC O . -64.79 14.47 3.82
O3 BGC O . -64.38 17.03 6.22
O4 BGC O . -61.70 16.28 4.04
O5 BGC O . -62.73 14.36 6.71
O6 BGC O . -59.54 15.88 6.59
C1 GAL O . -60.72 17.34 4.02
C2 GAL O . -59.91 17.26 2.70
C3 GAL O . -58.94 18.44 2.55
C4 GAL O . -59.65 19.78 2.82
C5 GAL O . -60.40 19.70 4.14
C6 GAL O . -61.23 20.95 4.47
O2 GAL O . -59.13 16.06 2.65
O3 GAL O . -58.43 18.50 1.22
O4 GAL O . -60.55 20.09 1.77
O5 GAL O . -61.34 18.62 4.12
O6 GAL O . -60.97 21.40 5.79
C1 NAG O . -57.18 19.22 1.18
C2 NAG O . -56.31 18.64 0.07
C3 NAG O . -55.01 19.45 -0.08
C4 NAG O . -55.31 20.94 -0.19
C5 NAG O . -56.21 21.39 0.94
C6 NAG O . -56.62 22.84 0.86
C7 NAG O . -56.63 16.21 -0.25
C8 NAG O . -56.19 14.84 0.16
N2 NAG O . -56.00 17.24 0.34
O3 NAG O . -54.32 19.01 -1.24
O4 NAG O . -54.10 21.69 -0.16
O5 NAG O . -57.42 20.62 0.93
O6 NAG O . -57.07 23.20 -0.44
O7 NAG O . -57.51 16.38 -1.09
C1 GAL O . -53.91 22.32 -1.45
C2 GAL O . -52.90 23.46 -1.27
C3 GAL O . -52.57 24.11 -2.62
C4 GAL O . -52.07 23.05 -3.59
C5 GAL O . -53.11 21.93 -3.69
C6 GAL O . -52.66 20.75 -4.54
O2 GAL O . -53.41 24.47 -0.42
O3 GAL O . -51.55 25.09 -2.48
O4 GAL O . -50.84 22.51 -3.12
O5 GAL O . -53.43 21.38 -2.41
O6 GAL O . -53.63 19.69 -4.56
C1 SIA O . -52.87 18.68 -6.37
C2 SIA O . -53.82 18.45 -5.13
C3 SIA O . -55.03 17.53 -5.41
C4 SIA O . -54.72 16.03 -5.42
C5 SIA O . -54.10 15.68 -4.06
C6 SIA O . -52.79 16.50 -3.95
C7 SIA O . -52.02 16.28 -2.62
C8 SIA O . -51.05 17.45 -2.35
C9 SIA O . -50.06 17.10 -1.23
C10 SIA O . -54.43 13.13 -4.26
C11 SIA O . -53.77 11.84 -3.76
N5 SIA O . -53.80 14.26 -3.82
O1A SIA O . -51.66 18.38 -6.15
O1B SIA O . -53.39 19.12 -7.43
O4 SIA O . -55.89 15.23 -5.66
O6 SIA O . -53.06 17.90 -3.98
O7 SIA O . -52.94 16.07 -1.55
O8 SIA O . -50.38 17.81 -3.56
O9 SIA O . -49.25 18.24 -0.97
O10 SIA O . -55.40 13.08 -5.01
C1 NAG P . 13.69 -27.22 -30.46
C2 NAG P . 13.09 -26.41 -29.32
C3 NAG P . 13.85 -26.65 -27.99
C4 NAG P . 14.10 -28.13 -27.76
C5 NAG P . 14.67 -28.78 -28.99
C6 NAG P . 14.82 -30.28 -28.84
C7 NAG P . 12.02 -24.35 -30.14
C8 NAG P . 12.22 -22.89 -30.44
N2 NAG P . 13.08 -24.99 -29.64
O3 NAG P . 13.08 -26.15 -26.90
O4 NAG P . 15.01 -28.34 -26.69
O5 NAG P . 13.79 -28.56 -30.10
O6 NAG P . 13.57 -30.96 -28.79
O7 NAG P . 10.99 -24.94 -30.44
C1 FUL P . 13.84 -25.77 -25.72
C2 FUL P . 13.32 -26.52 -24.50
O2 FUL P . 13.59 -27.92 -24.65
C3 FUL P . 13.86 -26.04 -23.21
O3 FUL P . 13.23 -26.80 -22.14
C4 FUL P . 13.65 -24.57 -22.98
O4 FUL P . 12.57 -24.40 -22.05
C5 FUL P . 13.35 -23.73 -24.22
C6 FUL P . 11.88 -23.38 -24.34
O5 FUL P . 13.86 -24.27 -25.49
C1 NAG Q . 16.17 -21.69 -24.71
C2 NAG Q . 17.20 -22.74 -24.35
C3 NAG Q . 17.01 -23.24 -22.92
C4 NAG Q . 16.72 -22.12 -21.92
C5 NAG Q . 15.82 -21.03 -22.49
C6 NAG Q . 15.82 -19.77 -21.65
C7 NAG Q . 18.18 -24.34 -25.95
C8 NAG Q . 19.50 -23.67 -25.68
N2 NAG Q . 17.13 -23.85 -25.29
O3 NAG Q . 18.19 -23.93 -22.53
O4 NAG Q . 16.02 -22.72 -20.83
O5 NAG Q . 16.24 -20.64 -23.80
O6 NAG Q . 17.14 -19.34 -21.37
O7 NAG Q . 18.07 -25.27 -26.74
C1 NAG Q . 16.50 -22.40 -19.50
C2 NAG Q . 15.76 -23.36 -18.55
C3 NAG Q . 16.21 -23.14 -17.10
C4 NAG Q . 17.73 -23.26 -17.02
C5 NAG Q . 18.36 -22.25 -17.97
C6 NAG Q . 19.86 -22.29 -17.98
C7 NAG Q . 13.63 -22.10 -18.50
C8 NAG Q . 12.14 -22.20 -18.68
N2 NAG Q . 14.31 -23.23 -18.67
O3 NAG Q . 15.60 -24.10 -16.26
O4 NAG Q . 18.20 -23.02 -15.69
O5 NAG Q . 17.93 -22.54 -19.32
O6 NAG Q . 20.35 -23.61 -18.12
O7 NAG Q . 14.17 -21.03 -18.23
C1 BMA Q . 18.83 -24.22 -15.16
C2 BMA Q . 19.96 -23.79 -14.18
C3 BMA Q . 20.55 -24.98 -13.39
C4 BMA Q . 19.44 -25.95 -12.90
C5 BMA Q . 18.39 -26.26 -13.99
C6 BMA Q . 17.18 -27.04 -13.49
O2 BMA Q . 19.45 -22.88 -13.22
O3 BMA Q . 21.27 -24.48 -12.25
O4 BMA Q . 20.02 -27.17 -12.45
O5 BMA Q . 17.88 -25.03 -14.52
O6 BMA Q . 17.12 -26.98 -12.05
C1 MAN Q . 22.51 -25.19 -11.92
C2 MAN Q . 23.67 -24.57 -12.75
C3 MAN Q . 24.89 -25.51 -12.76
C4 MAN Q . 24.85 -26.51 -11.58
C5 MAN Q . 23.57 -27.38 -11.64
C6 MAN Q . 23.19 -27.95 -10.28
O2 MAN Q . 24.14 -23.35 -12.17
O3 MAN Q . 26.11 -24.79 -12.75
O4 MAN Q . 26.01 -27.34 -11.61
O5 MAN Q . 22.43 -26.61 -12.14
O6 MAN Q . 22.19 -28.94 -10.47
C1 NAG R . -30.08 6.77 28.17
C2 NAG R . -31.51 6.34 27.90
C3 NAG R . -32.43 6.88 29.00
C4 NAG R . -31.91 6.49 30.38
C5 NAG R . -30.41 6.75 30.53
C6 NAG R . -29.83 6.08 31.76
C7 NAG R . -32.07 6.00 25.54
C8 NAG R . -31.69 4.56 25.76
N2 NAG R . -31.96 6.81 26.59
O3 NAG R . -33.73 6.33 28.78
O4 NAG R . -32.54 7.30 31.37
O5 NAG R . -29.67 6.24 29.42
O6 NAG R . -30.48 4.84 32.01
O7 NAG R . -32.47 6.41 24.45
C1 NAG R . -33.84 6.88 31.79
C2 NAG R . -34.03 7.35 33.23
C3 NAG R . -35.44 7.05 33.74
C4 NAG R . -36.50 7.53 32.74
C5 NAG R . -36.18 7.06 31.34
C6 NAG R . -37.09 7.66 30.29
C7 NAG R . -32.04 7.40 34.69
C8 NAG R . -31.12 6.59 35.55
N2 NAG R . -33.04 6.73 34.11
O3 NAG R . -35.64 7.72 34.98
O4 NAG R . -37.76 6.99 33.14
O5 NAG R . -34.84 7.44 30.98
O6 NAG R . -36.70 8.99 29.95
O7 NAG R . -31.91 8.61 34.54
C1 BMA R . -38.81 7.97 33.28
C2 BMA R . -40.14 7.19 33.25
C3 BMA R . -41.36 8.07 33.58
C4 BMA R . -41.07 9.23 34.60
C5 BMA R . -39.62 9.78 34.53
C6 BMA R . -39.27 10.64 35.72
O2 BMA R . -40.12 6.17 34.24
O3 BMA R . -42.39 7.20 34.08
O4 BMA R . -41.97 10.32 34.36
O5 BMA R . -38.70 8.69 34.48
O6 BMA R . -39.50 12.00 35.39
C1 MAN R . -43.78 7.62 34.00
C2 MAN R . -44.08 8.55 32.76
C3 MAN R . -45.32 9.42 33.05
C4 MAN R . -46.27 8.75 34.06
C5 MAN R . -45.57 8.46 35.41
C6 MAN R . -46.09 7.21 36.09
O2 MAN R . -44.39 7.79 31.59
O3 MAN R . -46.01 9.75 31.86
O4 MAN R . -47.40 9.60 34.29
O5 MAN R . -44.15 8.30 35.21
O6 MAN R . -45.06 6.70 36.94
C1 NAG S . -24.67 6.43 31.52
C2 NAG S . -25.03 7.66 32.34
C3 NAG S . -23.92 8.72 32.23
C4 NAG S . -22.57 8.13 32.59
C5 NAG S . -22.31 6.87 31.77
C6 NAG S . -21.06 6.13 32.18
C7 NAG S . -27.13 8.84 32.77
C8 NAG S . -28.42 9.35 32.17
N2 NAG S . -26.30 8.21 31.93
O3 NAG S . -24.21 9.82 33.09
O4 NAG S . -21.56 9.09 32.30
O5 NAG S . -23.40 5.94 31.93
O6 NAG S . -21.35 4.84 32.68
O7 NAG S . -26.87 8.98 33.96
C1 NAG S . -20.74 9.39 33.46
C2 NAG S . -19.33 9.69 32.97
C3 NAG S . -18.43 10.01 34.16
C4 NAG S . -19.02 11.11 35.04
C5 NAG S . -20.48 10.83 35.36
C6 NAG S . -21.18 11.98 36.04
C7 NAG S . -18.78 8.56 30.85
C8 NAG S . -18.18 7.34 30.23
N2 NAG S . -18.79 8.59 32.19
O3 NAG S . -17.15 10.40 33.67
O4 NAG S . -18.32 11.18 36.27
O5 NAG S . -21.24 10.52 34.17
O6 NAG S . -21.12 13.17 35.26
O7 NAG S . -19.25 9.48 30.19
C1 MAN S . -17.12 12.02 36.35
C2 MAN S . -17.54 13.50 36.42
C3 MAN S . -16.31 14.32 36.86
C4 MAN S . -14.98 13.82 36.23
C5 MAN S . -15.16 12.81 35.05
C6 MAN S . -13.91 11.96 34.85
O2 MAN S . -18.58 13.70 37.38
O3 MAN S . -16.12 14.30 38.26
O4 MAN S . -14.24 14.94 35.75
O5 MAN S . -16.23 11.84 35.25
O6 MAN S . -12.74 12.67 35.28
C1 MAN S . -16.68 15.45 38.93
C2 MAN S . -15.55 16.22 39.65
C3 MAN S . -15.82 16.20 41.20
C4 MAN S . -17.26 16.66 41.57
C5 MAN S . -18.32 15.94 40.70
C6 MAN S . -19.15 16.88 39.84
O2 MAN S . -15.37 17.58 39.05
O3 MAN S . -14.81 16.81 42.03
O4 MAN S . -17.53 16.38 42.93
O5 MAN S . -17.68 14.98 39.82
O6 MAN S . -19.42 18.05 40.60
C1 MAN S . -15.27 18.77 39.86
C2 MAN S . -16.51 19.67 39.45
C3 MAN S . -16.18 21.16 39.28
C4 MAN S . -14.99 21.52 40.14
C5 MAN S . -13.80 20.80 39.55
C6 MAN S . -12.48 21.22 40.20
O2 MAN S . -17.54 19.64 40.45
O3 MAN S . -17.30 21.98 39.58
O4 MAN S . -14.78 22.93 40.09
O5 MAN S . -13.95 19.36 39.72
O6 MAN S . -11.42 20.72 39.38
C1 MAN S . -11.52 11.93 35.01
C2 MAN S . -11.06 12.24 33.55
C3 MAN S . -9.94 11.28 33.15
C4 MAN S . -10.36 9.79 33.22
C5 MAN S . -11.66 9.62 34.05
C6 MAN S . -11.88 8.18 34.52
O2 MAN S . -10.52 13.56 33.43
O3 MAN S . -8.76 11.51 33.93
O4 MAN S . -10.58 9.30 31.91
O5 MAN S . -11.65 10.50 35.24
O6 MAN S . -10.74 7.75 35.23
C1 MAN S . -11.10 7.55 36.62
C2 MAN S . -10.10 8.39 37.50
C3 MAN S . -10.15 7.95 38.96
C4 MAN S . -11.37 7.05 39.22
C5 MAN S . -11.19 5.79 38.37
C6 MAN S . -12.31 4.78 38.54
O2 MAN S . -10.45 9.78 37.50
O3 MAN S . -10.14 9.05 39.86
O4 MAN S . -11.44 6.70 40.60
O5 MAN S . -11.12 6.15 36.96
O6 MAN S . -13.22 4.93 37.45
C1 NAG T . -9.89 -18.32 -14.04
C2 NAG T . -10.02 -18.96 -15.41
C3 NAG T . -10.92 -18.10 -16.30
C4 NAG T . -12.26 -17.82 -15.61
C5 NAG T . -12.04 -17.31 -14.18
C6 NAG T . -13.34 -17.26 -13.40
C7 NAG T . -8.26 -20.36 -16.41
C8 NAG T . -6.89 -20.40 -17.02
N2 NAG T . -8.72 -19.16 -16.03
O3 NAG T . -11.14 -18.79 -17.52
O4 NAG T . -12.92 -16.78 -16.32
O5 NAG T . -11.17 -18.19 -13.46
O6 NAG T . -13.90 -15.96 -13.37
O7 NAG T . -8.94 -21.38 -16.26
C1 NAG T . -14.21 -17.17 -16.86
C2 NAG T . -14.94 -15.88 -17.30
C3 NAG T . -16.22 -16.21 -18.07
C4 NAG T . -15.96 -17.22 -19.18
C5 NAG T . -15.32 -18.44 -18.55
C6 NAG T . -15.04 -19.55 -19.55
C7 NAG T . -14.48 -14.01 -15.76
C8 NAG T . -14.97 -13.26 -14.55
N2 NAG T . -15.25 -15.05 -16.14
O3 NAG T . -16.73 -15.00 -18.62
O4 NAG T . -17.16 -17.56 -19.84
O5 NAG T . -14.08 -18.06 -17.97
O6 NAG T . -13.93 -19.24 -20.37
O7 NAG T . -13.47 -13.69 -16.36
C1 BMA T . -17.24 -16.93 -21.14
C2 BMA T . -18.37 -17.61 -21.93
C3 BMA T . -18.59 -16.89 -23.25
C4 BMA T . -18.84 -15.39 -23.02
C5 BMA T . -17.70 -14.76 -22.18
C6 BMA T . -18.04 -13.35 -21.69
O2 BMA T . -19.59 -17.51 -21.21
O3 BMA T . -19.68 -17.45 -24.01
O4 BMA T . -18.98 -14.72 -24.26
O5 BMA T . -17.47 -15.54 -20.98
O6 BMA T . -17.81 -12.40 -22.72
C1 MAN T . -19.38 -18.80 -24.43
C2 MAN T . -19.72 -18.94 -25.95
C3 MAN T . -19.76 -20.41 -26.39
C4 MAN T . -19.16 -21.34 -25.32
C5 MAN T . -19.92 -21.16 -23.98
C6 MAN T . -19.23 -21.83 -22.81
O2 MAN T . -18.74 -18.31 -26.78
O3 MAN T . -19.10 -20.62 -27.64
O4 MAN T . -19.25 -22.69 -25.73
O5 MAN T . -20.08 -19.75 -23.64
O6 MAN T . -19.79 -21.31 -21.61
C1 MAN T . -19.04 -11.67 -22.96
C2 MAN T . -18.70 -10.20 -23.35
C3 MAN T . -19.98 -9.36 -23.46
C4 MAN T . -21.25 -10.23 -23.29
C5 MAN T . -21.19 -11.04 -21.98
C6 MAN T . -22.26 -12.12 -21.89
O2 MAN T . -18.06 -10.13 -24.63
O3 MAN T . -20.03 -8.63 -24.68
O4 MAN T . -22.40 -9.42 -23.30
O5 MAN T . -19.90 -11.69 -21.81
O6 MAN T . -22.95 -11.98 -20.65
C1 NAG U . -21.32 -28.62 3.92
C2 NAG U . -21.31 -29.91 4.74
C3 NAG U . -21.26 -31.12 3.83
C4 NAG U . -22.38 -31.06 2.80
C5 NAG U . -22.40 -29.71 2.08
C6 NAG U . -23.61 -29.54 1.20
C7 NAG U . -18.93 -29.90 5.66
C8 NAG U . -18.36 -29.78 4.26
N2 NAG U . -20.27 -29.94 5.79
O3 NAG U . -21.35 -32.31 4.60
O4 NAG U . -22.19 -32.08 1.85
O5 NAG U . -22.44 -28.63 3.04
O6 NAG U . -23.36 -28.63 0.14
O7 NAG U . -18.20 -29.94 6.64
C1 NAG U . -23.25 -33.06 1.96
C2 NAG U . -22.95 -34.18 0.95
C3 NAG U . -23.98 -35.31 1.05
C4 NAG U . -24.10 -35.79 2.50
C5 NAG U . -24.39 -34.60 3.41
C6 NAG U . -24.44 -34.99 4.88
C7 NAG U . -23.68 -33.08 -1.22
C8 NAG U . -25.05 -32.81 -0.66
N2 NAG U . -22.79 -33.71 -0.43
O3 NAG U . -23.56 -36.39 0.22
O4 NAG U . -25.15 -36.74 2.62
O5 NAG U . -23.36 -33.61 3.28
O6 NAG U . -23.72 -36.19 5.13
O7 NAG U . -23.38 -32.73 -2.36
C2 BGC V . -48.40 -11.92 30.99
C3 BGC V . -47.78 -12.89 29.93
C4 BGC V . -47.61 -12.18 28.54
C5 BGC V . -46.82 -10.84 28.81
C6 BGC V . -46.62 -10.07 27.49
C1 BGC V . -47.58 -10.61 30.97
O1 BGC V . -48.34 -9.75 31.76
O2 BGC V . -48.23 -12.52 32.23
O3 BGC V . -48.60 -14.00 29.70
O4 BGC V . -46.80 -13.02 27.76
O5 BGC V . -47.56 -10.05 29.69
O6 BGC V . -45.24 -9.89 27.34
C1 GAL V . -47.24 -13.17 26.38
C2 GAL V . -46.15 -14.01 25.65
C3 GAL V . -46.52 -14.35 24.18
C4 GAL V . -47.95 -14.92 24.13
C5 GAL V . -48.90 -13.96 24.85
C6 GAL V . -50.36 -14.39 24.84
O2 GAL V . -44.91 -13.33 25.61
O3 GAL V . -45.65 -15.35 23.65
O4 GAL V . -47.99 -16.19 24.76
O5 GAL V . -48.52 -13.79 26.23
O6 GAL V . -50.67 -15.24 25.92
C1 NAG V . -45.52 -15.22 22.22
C2 NAG V . -44.04 -15.29 21.84
C3 NAG V . -43.86 -15.27 20.33
C4 NAG V . -44.70 -16.35 19.67
C5 NAG V . -46.15 -16.19 20.11
C6 NAG V . -47.07 -17.26 19.56
C7 NAG V . -42.17 -14.39 23.16
C8 NAG V . -41.53 -13.15 23.72
N2 NAG V . -43.30 -14.20 22.46
O3 NAG V . -42.48 -15.46 20.00
O4 NAG V . -44.59 -16.26 18.26
O5 NAG V . -46.24 -16.26 21.53
O6 NAG V . -46.67 -18.56 19.98
O7 NAG V . -41.68 -15.50 23.33
C1 GAL V . -44.09 -17.50 17.71
C2 GAL V . -44.26 -17.48 16.17
C3 GAL V . -43.12 -18.20 15.40
C4 GAL V . -42.50 -19.40 16.19
C5 GAL V . -42.32 -19.07 17.67
C6 GAL V . -40.88 -19.24 18.19
O2 GAL V . -45.48 -18.07 15.77
O3 GAL V . -42.07 -17.31 15.07
O4 GAL V . -41.25 -19.75 15.62
O5 GAL V . -42.71 -17.72 18.00
O6 GAL V . -40.28 -18.00 18.53
C1 SIA V . -38.12 -18.39 18.28
C2 SIA V . -39.19 -17.92 19.36
C3 SIA V . -38.89 -18.32 20.81
C4 SIA V . -37.80 -17.50 21.49
C5 SIA V . -38.12 -16.01 21.39
C6 SIA V . -38.33 -15.65 19.90
C7 SIA V . -38.80 -14.19 19.66
C8 SIA V . -39.21 -14.02 18.18
C9 SIA V . -39.08 -12.58 17.72
C10 SIA V . -36.89 -14.81 23.21
C11 SIA V . -35.63 -13.98 23.46
N5 SIA V . -37.04 -15.20 21.92
O1A SIA V . -37.84 -17.49 17.44
O1B SIA V . -37.69 -19.56 18.37
O4 SIA V . -37.64 -17.81 22.88
O6 SIA V . -39.34 -16.45 19.30
O7 SIA V . -39.85 -13.86 20.57
O8 SIA V . -38.47 -14.92 17.35
O9 SIA V . -39.60 -12.44 16.39
O10 SIA V . -37.66 -15.08 24.12
C1 NAG W . 29.59 13.94 -14.37
C2 NAG W . 30.50 15.12 -14.66
C3 NAG W . 29.94 16.41 -14.07
C4 NAG W . 28.45 16.58 -14.36
C5 NAG W . 27.68 15.28 -14.12
C6 NAG W . 26.24 15.32 -14.59
C7 NAG W . 32.96 15.08 -14.78
C8 NAG W . 32.82 15.61 -16.16
N2 NAG W . 31.83 14.86 -14.11
O3 NAG W . 30.65 17.51 -14.61
O4 NAG W . 27.97 17.55 -13.44
O5 NAG W . 28.31 14.22 -14.84
O6 NAG W . 26.15 15.11 -15.99
O7 NAG W . 34.06 14.85 -14.28
C1 NAG W . 27.17 18.57 -14.07
C2 NAG W . 26.41 19.19 -12.88
C3 NAG W . 26.22 20.73 -12.95
C4 NAG W . 26.67 21.43 -14.23
C5 NAG W . 27.09 20.45 -15.31
C6 NAG W . 27.89 21.10 -16.42
C7 NAG W . 24.18 18.39 -13.59
C8 NAG W . 22.95 17.65 -13.17
N2 NAG W . 25.14 18.51 -12.67
O3 NAG W . 26.88 21.33 -11.84
O4 NAG W . 25.60 22.24 -14.72
O5 NAG W . 27.95 19.51 -14.68
O6 NAG W . 28.84 22.02 -15.92
O7 NAG W . 24.29 18.88 -14.71
C1 BMA W . 25.88 23.59 -14.33
C2 BMA W . 25.98 24.39 -15.66
C3 BMA W . 25.70 25.89 -15.48
C4 BMA W . 24.59 26.17 -14.46
C5 BMA W . 24.95 25.46 -13.17
C6 BMA W . 24.05 25.79 -11.98
O2 BMA W . 25.03 23.91 -16.60
O3 BMA W . 25.35 26.48 -16.72
O4 BMA W . 24.45 27.56 -14.23
O5 BMA W . 24.87 24.06 -13.43
O6 BMA W . 24.68 25.31 -10.78
C1 MAN W . 26.33 27.46 -17.12
C2 MAN W . 26.41 27.40 -18.66
C3 MAN W . 27.79 27.86 -19.14
C4 MAN W . 28.39 28.89 -18.17
C5 MAN W . 28.61 28.25 -16.78
C6 MAN W . 28.60 29.25 -15.65
O2 MAN W . 25.47 28.27 -19.27
O3 MAN W . 27.73 28.39 -20.46
O4 MAN W . 29.62 29.36 -18.68
O5 MAN W . 27.60 27.24 -16.51
O6 MAN W . 29.24 30.45 -16.09
C1 NAG X . -40.88 26.56 6.37
C2 NAG X . -42.26 27.09 6.64
C3 NAG X . -42.95 27.36 5.30
C4 NAG X . -42.10 28.27 4.42
C5 NAG X . -40.59 27.95 4.44
C6 NAG X . -39.73 29.13 4.04
C7 NAG X . -43.34 26.41 8.73
C8 NAG X . -42.83 27.69 9.31
N2 NAG X . -43.04 26.18 7.44
O3 NAG X . -44.23 27.96 5.52
O4 NAG X . -42.56 28.10 3.08
O5 NAG X . -40.11 27.54 5.74
O6 NAG X . -39.91 29.52 2.69
O7 NAG X . -44.01 25.61 9.40
C1 NAG X . -42.97 29.33 2.44
C2 NAG X . -42.72 29.20 0.94
C3 NAG X . -43.75 30.00 0.16
C4 NAG X . -45.12 29.38 0.34
C5 NAG X . -45.43 29.16 1.82
C6 NAG X . -45.60 27.71 2.21
C7 NAG X . -40.63 29.09 -0.37
C8 NAG X . -39.28 29.67 -0.59
N2 NAG X . -41.38 29.64 0.60
O3 NAG X . -43.40 30.05 -1.21
O4 NAG X . -46.11 30.25 -0.21
O5 NAG X . -44.39 29.70 2.68
O6 NAG X . -46.20 27.58 3.48
O7 NAG X . -41.06 28.15 -1.05
C1 BMA X . -47.07 29.51 -0.97
C2 BMA X . -48.43 29.86 -0.41
C3 BMA X . -49.51 29.07 -1.12
C4 BMA X . -49.35 29.01 -2.67
C5 BMA X . -47.86 29.02 -3.17
C6 BMA X . -47.75 29.53 -4.62
O2 BMA X . -48.72 31.23 -0.66
O3 BMA X . -50.80 29.62 -0.80
O4 BMA X . -49.98 27.84 -3.18
O5 BMA X . -47.03 29.84 -2.34
O6 BMA X . -49.00 30.13 -4.96
C1 MAN X . -51.72 28.58 -0.43
C2 MAN X . -52.72 28.43 -1.59
C3 MAN X . -53.51 29.71 -1.74
C4 MAN X . -54.20 30.11 -0.42
C5 MAN X . -53.18 30.12 0.76
C6 MAN X . -53.88 30.21 2.10
O2 MAN X . -53.69 27.41 -1.31
O3 MAN X . -54.48 29.63 -2.79
O4 MAN X . -54.78 31.39 -0.53
O5 MAN X . -52.39 28.90 0.77
O6 MAN X . -54.84 29.15 2.18
C1 MAN X . -48.88 30.91 -6.15
C2 MAN X . -48.17 32.27 -5.77
C3 MAN X . -49.13 33.51 -5.58
C4 MAN X . -50.51 33.34 -6.25
C5 MAN X . -51.02 31.92 -6.03
C6 MAN X . -52.43 31.69 -6.52
O2 MAN X . -47.21 32.67 -6.75
O3 MAN X . -48.52 34.71 -6.03
O4 MAN X . -51.44 34.27 -5.69
O5 MAN X . -50.14 31.06 -6.75
O6 MAN X . -52.88 30.46 -5.97
C1 NAG Y . -42.17 32.04 6.65
C2 NAG Y . -41.58 32.79 5.44
C3 NAG Y . -42.46 33.99 5.06
C4 NAG Y . -43.91 33.56 4.89
C5 NAG Y . -44.39 32.83 6.15
C6 NAG Y . -45.80 32.33 6.05
C7 NAG Y . -39.40 33.81 4.84
C8 NAG Y . -38.06 34.21 5.35
N2 NAG Y . -40.21 33.25 5.74
O3 NAG Y . -41.99 34.55 3.84
O4 NAG Y . -44.72 34.72 4.66
O5 NAG Y . -43.54 31.70 6.39
O6 NAG Y . -45.94 31.33 5.06
O7 NAG Y . -39.73 33.98 3.67
C1 NAG Y . -45.17 34.78 3.28
C2 NAG Y . -45.40 36.25 2.91
C3 NAG Y . -45.89 36.35 1.46
C4 NAG Y . -44.94 35.61 0.53
C5 NAG Y . -44.70 34.18 1.00
C6 NAG Y . -43.66 33.47 0.18
C7 NAG Y . -46.85 38.11 3.73
C8 NAG Y . -47.81 38.51 4.80
N2 NAG Y . -46.36 36.87 3.83
O3 NAG Y . -45.93 37.72 1.06
O4 NAG Y . -45.49 35.57 -0.79
O5 NAG Y . -44.23 34.18 2.37
O6 NAG Y . -42.48 33.21 0.93
O7 NAG Y . -46.54 38.87 2.81
C1 NAG Z . 9.57 10.31 5.43
C2 NAG Z . 10.71 9.36 5.78
C3 NAG Z . 10.18 7.94 5.87
C4 NAG Z . 9.00 7.85 6.83
C5 NAG Z . 7.95 8.91 6.51
C6 NAG Z . 6.87 9.01 7.56
C7 NAG Z . 12.81 10.30 4.94
C8 NAG Z . 13.83 10.27 3.85
N2 NAG Z . 11.79 9.45 4.81
O3 NAG Z . 11.23 7.07 6.31
O4 NAG Z . 8.40 6.56 6.71
O5 NAG Z . 8.55 10.21 6.42
O6 NAG Z . 5.71 9.66 7.06
O7 NAG Z . 12.90 11.08 5.89
C1 NAG Z . 8.32 5.88 7.99
C2 NAG Z . 7.40 4.66 7.83
C3 NAG Z . 7.31 3.89 9.14
C4 NAG Z . 8.69 3.60 9.72
C5 NAG Z . 9.55 4.86 9.75
C6 NAG Z . 10.98 4.61 10.15
C7 NAG Z . 5.77 5.25 6.09
C8 NAG Z . 4.35 5.66 5.80
N2 NAG Z . 6.08 5.06 7.38
O3 NAG Z . 6.62 2.67 8.92
O4 NAG Z . 8.54 3.12 11.05
O5 NAG Z . 9.59 5.46 8.45
O6 NAG Z . 11.71 3.94 9.13
O7 NAG Z . 6.59 5.09 5.19
C1 NAG AA . -0.05 23.86 21.62
C2 NAG AA . 0.41 25.02 22.49
C3 NAG AA . 1.88 24.82 22.88
C4 NAG AA . 1.98 23.51 23.65
C5 NAG AA . 1.47 22.35 22.79
C6 NAG AA . 1.44 21.04 23.54
C7 NAG AA . 0.60 26.92 20.83
C8 NAG AA . 1.50 26.11 19.93
N2 NAG AA . 0.15 26.35 21.96
O3 NAG AA . 2.32 25.92 23.67
O4 NAG AA . 3.29 23.25 24.13
O5 NAG AA . 0.12 22.61 22.34
O6 NAG AA . 0.99 19.97 22.71
O7 NAG AA . 0.28 28.07 20.51
C1 NAG AA . 3.30 23.61 25.53
C2 NAG AA . 4.71 23.54 26.14
C3 NAG AA . 4.74 24.18 27.53
C4 NAG AA . 4.08 25.55 27.53
C5 NAG AA . 2.68 25.45 26.96
C6 NAG AA . 1.97 26.77 26.86
C7 NAG AA . 5.73 21.50 25.21
C8 NAG AA . 6.11 20.08 25.49
N2 NAG AA . 5.15 22.15 26.22
O3 NAG AA . 6.10 24.31 27.95
O4 NAG AA . 4.00 26.07 28.85
O5 NAG AA . 2.80 24.94 25.62
O6 NAG AA . 1.27 27.08 28.07
O7 NAG AA . 5.94 22.02 24.12
C1 NAG BA . 6.30 11.07 54.28
C2 NAG BA . 5.33 12.20 53.93
C3 NAG BA . 4.20 11.65 53.05
C4 NAG BA . 4.77 10.93 51.84
C5 NAG BA . 5.76 9.86 52.29
C6 NAG BA . 6.44 9.15 51.15
C7 NAG BA . 5.44 13.77 55.81
C8 NAG BA . 4.74 14.30 57.02
N2 NAG BA . 4.78 12.82 55.12
O3 NAG BA . 3.37 12.73 52.65
O4 NAG BA . 3.73 10.34 51.07
O5 NAG BA . 6.79 10.46 53.09
O6 NAG BA . 7.71 9.73 50.87
O7 NAG BA . 6.55 14.16 55.47
C1 NAG BA . 3.62 11.08 49.84
C2 NAG BA . 3.94 10.11 48.67
C3 NAG BA . 3.02 10.28 47.44
C4 NAG BA . 2.30 11.63 47.32
C5 NAG BA . 2.31 12.45 48.59
C6 NAG BA . 1.07 13.31 48.76
C7 NAG BA . 5.98 11.23 47.84
C8 NAG BA . 7.43 11.06 47.51
N2 NAG BA . 5.34 10.15 48.29
O3 NAG BA . 2.06 9.23 47.40
O4 NAG BA . 2.85 12.39 46.24
O5 NAG BA . 2.35 11.57 49.70
O6 NAG BA . -0.04 12.54 49.20
O7 NAG BA . 5.41 12.32 47.70
C1 BMA BA . 1.90 12.43 45.15
C2 BMA BA . 2.55 13.25 44.00
C3 BMA BA . 1.80 13.04 42.66
C4 BMA BA . 1.47 11.57 42.42
C5 BMA BA . 0.66 11.05 43.61
C6 BMA BA . 0.18 9.62 43.41
O2 BMA BA . 3.89 12.83 43.78
O3 BMA BA . 2.54 13.56 41.57
O4 BMA BA . 0.72 11.41 41.23
O5 BMA BA . 1.51 11.11 44.76
O6 BMA BA . -0.36 9.50 42.11
C1 NAG CA . 5.06 -49.77 8.89
C2 NAG CA . 4.57 -51.01 9.64
C3 NAG CA . 4.64 -52.24 8.75
C4 NAG CA . 3.94 -52.00 7.41
C5 NAG CA . 4.41 -50.69 6.77
C6 NAG CA . 3.59 -50.33 5.55
C7 NAG CA . 4.75 -51.60 12.01
C8 NAG CA . 5.68 -51.77 13.18
N2 NAG CA . 5.33 -51.22 10.86
O3 NAG CA . 4.05 -53.34 9.42
O4 NAG CA . 4.31 -53.00 6.47
O5 NAG CA . 4.29 -49.61 7.70
O6 NAG CA . 4.35 -49.61 4.59
O7 NAG CA . 3.55 -51.79 12.11
C1 NAG CA . 3.30 -53.92 6.11
C2 NAG CA . 3.67 -54.43 4.73
C3 NAG CA . 2.88 -55.67 4.40
C4 NAG CA . 3.29 -56.76 5.36
C5 NAG CA . 2.89 -56.33 6.77
C6 NAG CA . 3.56 -57.16 7.83
C7 NAG CA . 4.44 -52.88 2.97
C8 NAG CA . 4.03 -51.84 1.98
N2 NAG CA . 3.45 -53.40 3.71
O3 NAG CA . 3.16 -56.06 3.05
O4 NAG CA . 2.67 -57.99 4.97
O5 NAG CA . 3.32 -54.97 7.05
O6 NAG CA . 4.94 -56.83 7.89
O7 NAG CA . 5.60 -53.23 3.11
C1 BMA CA . 3.51 -59.16 5.25
C2 BMA CA . 2.51 -60.24 5.80
C3 BMA CA . 3.16 -61.64 5.88
C4 BMA CA . 4.07 -61.94 4.66
C5 BMA CA . 5.04 -60.78 4.46
C6 BMA CA . 6.06 -61.02 3.35
O2 BMA CA . 1.36 -60.35 4.97
O3 BMA CA . 2.16 -62.66 5.99
O4 BMA CA . 4.78 -63.13 4.87
O5 BMA CA . 4.25 -59.63 4.12
O6 BMA CA . 5.36 -61.21 2.13
C1 MAN CA . 2.02 -63.09 7.37
C2 MAN CA . 2.81 -64.46 7.50
C3 MAN CA . 2.34 -65.30 8.70
C4 MAN CA . 1.39 -64.53 9.59
C5 MAN CA . 0.21 -64.13 8.72
C6 MAN CA . -0.94 -63.52 9.51
O2 MAN CA . 4.21 -64.23 7.71
O3 MAN CA . 3.45 -65.80 9.47
O4 MAN CA . 0.94 -65.35 10.65
O5 MAN CA . 0.63 -63.15 7.74
O6 MAN CA . -2.14 -63.68 8.75
C1 NAG DA . 6.59 -45.91 4.78
C2 NAG DA . 7.43 -46.83 3.90
C3 NAG DA . 8.79 -46.18 3.60
C4 NAG DA . 8.61 -44.76 3.07
C5 NAG DA . 7.63 -43.95 3.92
C6 NAG DA . 7.22 -42.64 3.29
C7 NAG DA . 7.48 -49.28 3.88
C8 NAG DA . 7.70 -50.52 4.68
N2 NAG DA . 7.62 -48.12 4.53
O3 NAG DA . 9.48 -46.96 2.64
O4 NAG DA . 9.89 -44.11 3.10
O5 NAG DA . 6.42 -44.68 4.13
O6 NAG DA . 5.84 -42.65 2.93
O7 NAG DA . 7.17 -49.33 2.68
C1 NAG DA . 10.27 -43.53 1.83
C2 NAG DA . 10.96 -42.19 2.11
C3 NAG DA . 11.39 -41.53 0.81
C4 NAG DA . 12.16 -42.48 -0.10
C5 NAG DA . 11.45 -43.84 -0.19
C6 NAG DA . 12.28 -44.91 -0.88
C7 NAG DA . 10.47 -40.56 3.91
C8 NAG DA . 11.93 -40.64 4.27
N2 NAG DA . 10.08 -41.32 2.87
O3 NAG DA . 12.19 -40.39 1.11
O4 NAG DA . 12.17 -41.95 -1.42
O5 NAG DA . 11.16 -44.36 1.12
O6 NAG DA . 13.11 -45.61 0.04
O7 NAG DA . 9.68 -39.84 4.52
C1 MAN DA . 13.34 -41.18 -1.88
C2 MAN DA . 14.63 -42.03 -1.73
C3 MAN DA . 15.80 -41.31 -2.48
C4 MAN DA . 15.97 -39.83 -2.00
C5 MAN DA . 14.61 -39.07 -1.64
C6 MAN DA . 14.07 -38.15 -2.75
O2 MAN DA . 14.49 -43.36 -2.25
O3 MAN DA . 15.73 -41.34 -3.93
O4 MAN DA . 16.88 -39.75 -0.92
O5 MAN DA . 13.52 -39.96 -1.17
O6 MAN DA . 15.16 -37.59 -3.50
C1 MAN DA . 16.17 -42.60 -4.50
C2 MAN DA . 16.98 -42.35 -5.82
C3 MAN DA . 16.09 -42.79 -7.05
C4 MAN DA . 15.55 -44.25 -6.94
C5 MAN DA . 15.05 -44.57 -5.51
C6 MAN DA . 15.85 -45.63 -4.78
O2 MAN DA . 18.36 -42.97 -5.74
O3 MAN DA . 16.65 -42.51 -8.35
O4 MAN DA . 14.48 -44.44 -7.86
O5 MAN DA . 14.99 -43.37 -4.68
O6 MAN DA . 15.56 -46.89 -5.38
C1 MAN DA . 18.84 -43.81 -6.83
C2 MAN DA . 19.18 -45.25 -6.23
C3 MAN DA . 20.65 -45.40 -5.80
C4 MAN DA . 21.62 -44.73 -6.78
C5 MAN DA . 21.23 -43.26 -6.91
C6 MAN DA . 22.20 -42.48 -7.78
O2 MAN DA . 18.92 -46.30 -7.17
O3 MAN DA . 21.00 -46.77 -5.64
O4 MAN DA . 22.94 -44.82 -6.30
O5 MAN DA . 19.94 -43.19 -7.54
O6 MAN DA . 22.72 -41.40 -7.02
C1 NAG EA . -1.50 -15.62 48.96
C2 NAG EA . -1.63 -15.19 50.38
C3 NAG EA . -1.02 -16.25 51.27
C4 NAG EA . -1.57 -17.65 50.94
C5 NAG EA . -1.94 -17.89 49.46
C6 NAG EA . -3.07 -18.90 49.30
C7 NAG EA . -1.71 -12.82 51.02
C8 NAG EA . -0.93 -11.56 51.21
N2 NAG EA . -1.00 -13.89 50.62
O3 NAG EA . -1.26 -15.94 52.65
O4 NAG EA . -0.56 -18.58 51.28
O5 NAG EA . -2.34 -16.71 48.73
O6 NAG EA . -2.79 -19.90 48.35
O7 NAG EA . -2.91 -12.89 51.24
C1 NAG EA . -1.04 -19.66 52.11
C2 NAG EA . 0.18 -20.39 52.69
C3 NAG EA . -0.29 -21.56 53.54
C4 NAG EA . -1.36 -21.15 54.55
C5 NAG EA . -2.43 -20.23 53.93
C6 NAG EA . -3.31 -19.57 54.96
C7 NAG EA . 2.36 -20.48 51.58
C8 NAG EA . 3.14 -21.05 50.43
N2 NAG EA . 1.08 -20.84 51.64
O3 NAG EA . 0.83 -22.10 54.23
O4 NAG EA . -2.06 -22.30 54.99
O5 NAG EA . -1.83 -19.17 53.16
O6 NAG EA . -2.56 -19.01 56.01
O7 NAG EA . 2.87 -19.74 52.41
C1 BMA EA . -1.50 -23.00 56.13
C2 BMA EA . -2.52 -24.08 56.47
C3 BMA EA . -1.84 -25.39 56.94
C4 BMA EA . -0.47 -25.18 57.66
C5 BMA EA . 0.42 -24.11 56.98
C6 BMA EA . 1.77 -24.66 56.53
O2 BMA EA . -3.28 -24.41 55.32
O3 BMA EA . -1.70 -26.32 55.85
O4 BMA EA . -0.69 -24.85 59.02
O5 BMA EA . -0.26 -23.58 55.83
O6 BMA EA . 2.14 -25.71 57.40
C1 NAG FA . -17.80 -24.77 36.67
C2 NAG FA . -19.00 -24.22 35.82
C3 NAG FA . -20.26 -23.87 36.67
C4 NAG FA . -20.41 -24.68 37.95
C5 NAG FA . -19.05 -24.94 38.58
C6 NAG FA . -19.08 -25.81 39.82
C7 NAG FA . -18.14 -21.87 35.38
C8 NAG FA . -18.02 -21.60 36.86
N2 NAG FA . -18.59 -23.08 34.98
O3 NAG FA . -21.41 -24.05 35.86
O4 NAG FA . -21.21 -23.93 38.85
O5 NAG FA . -18.26 -25.63 37.62
O6 NAG FA . -17.93 -25.59 40.62
O7 NAG FA . -17.83 -21.02 34.54
C1 NAG FA . -22.26 -24.71 39.46
C2 NAG FA . -22.53 -24.02 40.80
C3 NAG FA . -23.94 -24.35 41.29
C4 NAG FA . -24.47 -25.67 40.72
C5 NAG FA . -24.38 -25.72 39.19
C6 NAG FA . -25.70 -25.44 38.52
C7 NAG FA . -20.64 -23.55 42.30
C8 NAG FA . -19.69 -24.12 43.31
N2 NAG FA . -21.54 -24.41 41.79
O3 NAG FA . -24.82 -23.29 40.92
O4 NAG FA . -23.75 -26.77 41.28
O5 NAG FA . -23.45 -24.75 38.70
O6 NAG FA . -25.55 -25.33 37.11
O7 NAG FA . -20.60 -22.37 41.95
C2 BGC GA . -18.71 -60.47 15.02
C3 BGC GA . -18.41 -60.67 16.56
C4 BGC GA . -17.46 -59.54 17.13
C5 BGC GA . -16.39 -59.12 16.07
C6 BGC GA . -15.07 -58.95 16.83
C1 BGC GA . -17.38 -60.10 14.28
O1 BGC GA . -17.22 -61.14 13.36
O2 BGC GA . -19.63 -59.42 14.89
O3 BGC GA . -17.77 -61.89 16.83
O4 BGC GA . -18.19 -58.40 17.42
O5 BGC GA . -16.29 -60.15 15.13
O6 BGC GA . -15.04 -57.64 17.30
C1 GAL GA . -18.38 -58.30 18.84
C2 GAL GA . -18.06 -56.86 19.27
C3 GAL GA . -18.43 -56.59 20.74
C4 GAL GA . -19.85 -57.05 21.03
C5 GAL GA . -20.03 -58.50 20.57
C6 GAL GA . -21.45 -59.03 20.72
O2 GAL GA . -16.68 -56.56 19.13
O3 GAL GA . -18.38 -55.19 21.00
O4 GAL GA . -20.78 -56.23 20.35
O5 GAL GA . -19.71 -58.65 19.19
O6 GAL GA . -21.50 -60.42 20.49
C1 NAG GA . -17.99 -54.90 22.36
C2 NAG GA . -17.45 -53.47 22.38
C3 NAG GA . -17.07 -53.07 23.80
C4 NAG GA . -18.24 -53.31 24.75
C5 NAG GA . -18.73 -54.74 24.63
C6 NAG GA . -19.96 -55.05 25.45
C7 NAG GA . -16.37 -52.71 20.31
C8 NAG GA . -15.09 -52.67 19.52
N2 NAG GA . -16.30 -53.33 21.49
O3 NAG GA . -16.70 -51.70 23.82
O4 NAG GA . -17.83 -53.03 26.09
O5 NAG GA . -19.08 -55.02 23.26
O6 NAG GA . -20.74 -56.08 24.86
O7 NAG GA . -17.41 -52.21 19.89
C1 GAL GA . -18.78 -52.17 26.78
C2 GAL GA . -18.43 -52.15 28.27
C3 GAL GA . -19.45 -51.32 29.06
C4 GAL GA . -19.54 -49.91 28.47
C5 GAL GA . -19.81 -50.01 26.96
C6 GAL GA . -19.83 -48.66 26.23
O2 GAL GA . -18.42 -53.45 28.83
O3 GAL GA . -19.08 -51.20 30.42
O4 GAL GA . -18.34 -49.20 28.70
O5 GAL GA . -18.81 -50.82 26.30
O6 GAL GA . -18.76 -48.55 25.31
C1 SIA GA . -18.13 -46.49 25.07
C2 SIA GA . -18.39 -47.81 24.22
C3 SIA GA . -19.11 -47.63 22.87
C4 SIA GA . -18.22 -47.11 21.73
C5 SIA GA . -16.93 -47.95 21.61
C6 SIA GA . -16.24 -48.02 23.00
C7 SIA GA . -15.05 -49.00 23.05
C8 SIA GA . -14.62 -49.20 24.53
C9 SIA GA . -13.38 -50.10 24.64
C10 SIA GA . -15.62 -47.94 19.48
C11 SIA GA . -14.69 -47.06 18.64
N5 SIA GA . -16.04 -47.36 20.63
O1A SIA GA . -17.00 -46.49 25.63
O1B SIA GA . -19.05 -45.64 25.11
O4 SIA GA . -18.87 -47.17 20.44
O6 SIA GA . -17.13 -48.51 23.99
O7 SIA GA . -15.39 -50.22 22.43
O8 SIA GA . -14.42 -47.95 25.16
O9 SIA GA . -12.60 -49.68 25.76
O10 SIA GA . -15.93 -49.06 19.12
C1 NAG HA . -55.27 -9.36 -1.18
C2 NAG HA . -55.68 -10.85 -1.20
C3 NAG HA . -56.66 -11.14 -0.07
C4 NAG HA . -56.13 -10.65 1.27
C5 NAG HA . -55.74 -9.18 1.16
C6 NAG HA . -55.11 -8.65 2.43
C7 NAG HA . -56.15 -12.42 -3.03
C8 NAG HA . -56.81 -12.61 -4.36
N2 NAG HA . -56.26 -11.20 -2.48
O3 NAG HA . -56.91 -12.54 -0.01
O4 NAG HA . -57.10 -10.82 2.29
O5 NAG HA . -54.78 -9.02 0.12
O6 NAG HA . -55.07 -7.22 2.42
O7 NAG HA . -55.53 -13.33 -2.47
C1 NAG IA . 21.89 -7.85 -63.65
C2 NAG IA . 20.44 -7.62 -64.03
C3 NAG IA . 20.15 -8.03 -65.47
C4 NAG IA . 21.11 -7.37 -66.43
C5 NAG IA . 22.52 -7.81 -66.05
C6 NAG IA . 23.57 -7.16 -66.91
C7 NAG IA . 18.37 -7.87 -62.78
C8 NAG IA . 17.58 -8.74 -61.85
N2 NAG IA . 19.56 -8.33 -63.13
O3 NAG IA . 18.82 -7.61 -65.75
O4 NAG IA . 20.82 -7.74 -67.77
O5 NAG IA . 22.77 -7.37 -64.71
O6 NAG IA . 24.16 -6.06 -66.23
O7 NAG IA . 17.95 -6.80 -63.20
C1 NAG JA . -24.23 -2.34 37.13
C2 NAG JA . -23.36 -1.33 37.86
C3 NAG JA . -24.12 -0.76 39.04
C4 NAG JA . -25.38 -0.09 38.54
C5 NAG JA . -26.23 -1.03 37.68
C6 NAG JA . -27.31 -0.30 36.92
C7 NAG JA . -20.92 -1.29 38.07
C8 NAG JA . -19.69 -2.00 38.56
N2 NAG JA . -22.08 -1.90 38.29
O3 NAG JA . -23.30 0.17 39.74
O4 NAG JA . -26.16 0.38 39.64
O5 NAG JA . -25.43 -1.69 36.68
O6 NAG JA . -28.61 -0.57 37.42
O7 NAG JA . -20.85 -0.21 37.48
AS CAC KA . 43.31 -3.44 -49.09
O1 CAC KA . 43.49 -2.21 -47.91
O2 CAC KA . 44.57 -3.29 -50.27
C1 CAC KA . 43.50 -5.17 -48.20
C2 CAC KA . 41.59 -3.31 -49.98
C1 NAG LA . 46.50 -22.66 -30.38
C2 NAG LA . 47.58 -22.76 -29.35
C3 NAG LA . 48.93 -22.76 -30.06
C4 NAG LA . 48.97 -23.87 -31.11
C5 NAG LA . 47.66 -23.98 -31.94
C6 NAG LA . 47.54 -25.31 -32.67
C7 NAG LA . 47.96 -21.83 -27.13
C8 NAG LA . 47.80 -20.63 -26.25
N2 NAG LA . 47.51 -21.69 -28.38
O3 NAG LA . 49.97 -22.90 -29.11
O4 NAG LA . 50.04 -23.63 -32.01
O5 NAG LA . 46.47 -23.81 -31.13
O6 NAG LA . 46.30 -25.49 -33.33
O7 NAG LA . 48.50 -22.86 -26.74
C1 NAG MA . -38.72 39.08 10.73
C2 NAG MA . -38.94 40.47 10.10
C3 NAG MA . -40.26 41.08 10.56
C4 NAG MA . -41.41 40.11 10.35
C5 NAG MA . -41.10 38.79 11.04
C6 NAG MA . -42.15 37.73 10.83
C7 NAG MA . -36.96 41.82 9.51
C8 NAG MA . -35.88 42.73 10.02
N2 NAG MA . -37.82 41.36 10.42
O3 NAG MA . -40.50 42.29 9.85
O4 NAG MA . -42.61 40.65 10.88
O5 NAG MA . -39.87 38.27 10.50
O6 NAG MA . -41.78 36.50 11.43
O7 NAG MA . -37.05 41.53 8.31
C1 NAG NA . 46.02 21.46 -39.49
C2 NAG NA . 45.96 22.98 -39.46
C3 NAG NA . 46.66 23.58 -40.67
C4 NAG NA . 48.09 23.06 -40.74
C5 NAG NA . 48.09 21.54 -40.77
C6 NAG NA . 49.48 20.95 -40.75
C7 NAG NA . 43.94 23.64 -38.21
C8 NAG NA . 42.53 24.13 -38.31
N2 NAG NA . 44.58 23.46 -39.36
O3 NAG NA . 46.67 25.00 -40.56
O4 NAG NA . 48.74 23.58 -41.90
O5 NAG NA . 47.40 21.03 -39.62
O6 NAG NA . 49.92 20.74 -39.41
O7 NAG NA . 44.47 23.39 -37.12
C1 NAG OA . -2.77 -43.89 0.62
C2 NAG OA . -2.07 -43.45 -0.68
C3 NAG OA . -1.71 -44.66 -1.52
C4 NAG OA . -0.75 -45.54 -0.74
C5 NAG OA . -1.43 -46.06 0.52
C6 NAG OA . -0.58 -45.92 1.76
C7 NAG OA . -2.83 -41.20 -1.32
C8 NAG OA . -3.77 -40.40 -2.17
N2 NAG OA . -2.91 -42.52 -1.44
O3 NAG OA . -1.10 -44.24 -2.74
O4 NAG OA . -0.33 -46.64 -1.54
O5 NAG OA . -2.68 -45.38 0.77
O6 NAG OA . -0.22 -47.19 2.30
O7 NAG OA . -2.03 -40.66 -0.56
#